data_8DK9
#
_entry.id   8DK9
#
_cell.length_a   71.072
_cell.length_b   73.944
_cell.length_c   81.343
_cell.angle_alpha   82.769
_cell.angle_beta   77.570
_cell.angle_gamma   87.746
#
_symmetry.space_group_name_H-M   'P 1'
#
loop_
_entity.id
_entity.type
_entity.pdbx_description
1 polymer 'Beta sliding clamp'
2 polymer 'DNA polymerase IV 1 peptide'
3 non-polymer 'SULFATE ION'
4 non-polymer 'CHLORIDE ION'
5 non-polymer 'ACETYL GROUP'
6 non-polymer 'AMINO GROUP'
7 water water
#
loop_
_entity_poly.entity_id
_entity_poly.type
_entity_poly.pdbx_seq_one_letter_code
_entity_poly.pdbx_strand_id
1 'polypeptide(L)'
;MATTTVGLTDLKVRLVRDDFADAVAWVARSLPSRPTVPVLAGVLLTGSDDGLTISSFDYEVSAEVQIPAEIAAPGTVLVS
GRLLSEITRALPNKPVDLSVEGTRVSLTCGSARFSLPTMAVEDYPALPELPAETGSVPADLFAEAIGQVAVAAGRDDTLP
MLTGIRVEISGDRMVLAATDRFRLAVRELTWTTKTPDVEAAVLVPAKTLAEAAKTGLDGSEVQLALGAGPSVGQDGLLGI
RSEGKRSTTRLLDAEFPKFRQLLPTEHTAMATIGVGELTEAIKRVALVADRGAQVRMEFADDVLHLSAGADDVGRAEEDL
PVSFSGEPLTIAFNPGYLTDGLGALHSERVTFGFTTPSKPAVLRPATEADAALNGNGPFPAAETDYVYLLMPVRLPG
;
A,B,C,D
2 'polypeptide(L)' QESLFA E,F,G,H
#
loop_
_chem_comp.id
_chem_comp.type
_chem_comp.name
_chem_comp.formula
ACE non-polymer 'ACETYL GROUP' 'C2 H4 O'
CL non-polymer 'CHLORIDE ION' 'Cl -1'
NH2 non-polymer 'AMINO GROUP' 'H2 N'
SO4 non-polymer 'SULFATE ION' 'O4 S -2'
#
# COMPACT_ATOMS: atom_id res chain seq x y z
N THR A 9 23.48 11.31 -57.27
CA THR A 9 22.46 10.28 -57.05
C THR A 9 22.24 10.06 -55.56
N ASP A 10 21.00 9.74 -55.19
CA ASP A 10 20.62 9.51 -53.80
C ASP A 10 20.57 8.01 -53.51
N LEU A 11 20.99 7.65 -52.30
CA LEU A 11 21.05 6.24 -51.93
C LEU A 11 19.66 5.61 -51.92
N LYS A 12 19.52 4.51 -52.65
CA LYS A 12 18.34 3.65 -52.58
C LYS A 12 18.85 2.22 -52.50
N VAL A 13 18.47 1.50 -51.45
CA VAL A 13 19.04 0.19 -51.18
C VAL A 13 18.03 -0.65 -50.41
N ARG A 14 18.05 -1.96 -50.66
CA ARG A 14 17.30 -2.93 -49.88
C ARG A 14 18.30 -3.79 -49.09
N LEU A 15 17.89 -4.19 -47.89
CA LEU A 15 18.79 -4.87 -46.97
C LEU A 15 18.05 -5.95 -46.20
N VAL A 16 18.82 -6.90 -45.68
CA VAL A 16 18.29 -7.92 -44.76
C VAL A 16 18.26 -7.33 -43.37
N ARG A 17 17.12 -7.48 -42.68
CA ARG A 17 16.95 -6.86 -41.37
C ARG A 17 18.10 -7.23 -40.44
N ASP A 18 18.34 -8.52 -40.24
CA ASP A 18 19.35 -8.95 -39.27
C ASP A 18 20.72 -8.39 -39.60
N ASP A 19 21.13 -8.47 -40.86
CA ASP A 19 22.41 -7.90 -41.27
C ASP A 19 22.48 -6.42 -40.91
N PHE A 20 21.47 -5.65 -41.32
CA PHE A 20 21.50 -4.21 -41.12
C PHE A 20 21.40 -3.85 -39.64
N ALA A 21 20.47 -4.48 -38.93
CA ALA A 21 20.30 -4.18 -37.50
C ALA A 21 21.58 -4.50 -36.72
N ASP A 22 22.21 -5.65 -37.02
CA ASP A 22 23.43 -6.01 -36.32
C ASP A 22 24.55 -5.03 -36.64
N ALA A 23 24.75 -4.73 -37.93
CA ALA A 23 25.79 -3.78 -38.31
C ALA A 23 25.58 -2.45 -37.60
N VAL A 24 24.34 -1.96 -37.57
CA VAL A 24 24.06 -0.68 -36.91
C VAL A 24 24.32 -0.78 -35.42
N ALA A 25 23.84 -1.86 -34.78
CA ALA A 25 24.03 -2.01 -33.34
C ALA A 25 25.51 -2.01 -32.98
N TRP A 26 26.34 -2.70 -33.77
CA TRP A 26 27.77 -2.75 -33.47
C TRP A 26 28.42 -1.40 -33.71
N VAL A 27 28.03 -0.70 -34.78
CA VAL A 27 28.66 0.58 -35.08
C VAL A 27 28.20 1.67 -34.12
N ALA A 28 27.01 1.51 -33.54
CA ALA A 28 26.43 2.55 -32.69
C ALA A 28 26.88 2.47 -31.23
N ARG A 29 27.65 1.44 -30.86
CA ARG A 29 28.16 1.36 -29.50
C ARG A 29 29.05 2.55 -29.18
N SER A 30 29.87 2.97 -30.15
CA SER A 30 30.91 3.96 -29.88
C SER A 30 30.34 5.36 -29.72
N LEU A 31 29.20 5.64 -30.35
CA LEU A 31 28.69 7.00 -30.40
C LEU A 31 28.37 7.50 -28.99
N PRO A 32 28.68 8.75 -28.68
CA PRO A 32 28.33 9.29 -27.35
C PRO A 32 26.84 9.52 -27.22
N SER A 33 26.35 9.35 -25.98
CA SER A 33 24.95 9.63 -25.70
C SER A 33 24.67 11.13 -25.72
N ARG A 34 25.68 11.94 -25.40
CA ARG A 34 25.59 13.40 -25.50
C ARG A 34 26.75 13.88 -26.35
N PRO A 35 26.53 14.13 -27.63
CA PRO A 35 27.65 14.49 -28.52
C PRO A 35 28.10 15.93 -28.34
N THR A 36 29.42 16.12 -28.27
CA THR A 36 29.99 17.46 -28.28
C THR A 36 29.94 18.05 -29.69
N VAL A 37 30.63 17.41 -30.63
CA VAL A 37 30.65 17.83 -32.03
C VAL A 37 29.44 17.21 -32.72
N PRO A 38 28.53 18.00 -33.31
CA PRO A 38 27.25 17.44 -33.77
C PRO A 38 27.39 16.21 -34.65
N VAL A 39 28.06 16.34 -35.79
CA VAL A 39 28.11 15.26 -36.77
C VAL A 39 28.61 13.97 -36.13
N LEU A 40 29.39 14.07 -35.07
CA LEU A 40 29.95 12.87 -34.46
C LEU A 40 28.91 12.00 -33.75
N ALA A 41 27.63 12.37 -33.83
CA ALA A 41 26.56 11.52 -33.33
C ALA A 41 25.89 10.72 -34.45
N GLY A 42 26.34 10.87 -35.69
CA GLY A 42 25.68 10.27 -36.82
C GLY A 42 26.38 9.01 -37.32
N VAL A 43 25.59 8.12 -37.91
CA VAL A 43 26.08 6.93 -38.60
C VAL A 43 26.11 7.23 -40.08
N LEU A 44 27.18 6.80 -40.76
CA LEU A 44 27.37 7.05 -42.18
C LEU A 44 26.99 5.81 -42.96
N LEU A 45 26.02 5.94 -43.86
CA LEU A 45 25.57 4.86 -44.74
C LEU A 45 26.04 5.17 -46.15
N THR A 46 27.01 4.41 -46.64
CA THR A 46 27.55 4.59 -48.00
C THR A 46 27.31 3.31 -48.78
N GLY A 47 26.48 3.41 -49.82
CA GLY A 47 26.07 2.25 -50.60
C GLY A 47 26.63 2.28 -52.01
N SER A 48 27.07 1.13 -52.49
CA SER A 48 27.55 0.98 -53.86
C SER A 48 27.95 -0.46 -54.16
N ASP A 49 27.87 -0.85 -55.42
CA ASP A 49 28.39 -2.15 -55.88
C ASP A 49 27.89 -3.29 -55.01
N ASP A 50 26.57 -3.35 -54.82
CA ASP A 50 25.93 -4.43 -54.08
C ASP A 50 26.46 -4.52 -52.65
N GLY A 51 26.86 -3.40 -52.08
CA GLY A 51 27.35 -3.38 -50.71
C GLY A 51 26.95 -2.10 -50.00
N LEU A 52 26.83 -2.20 -48.68
CA LEU A 52 26.50 -1.05 -47.84
C LEU A 52 27.51 -0.96 -46.72
N THR A 53 28.17 0.19 -46.60
CA THR A 53 29.13 0.45 -45.54
C THR A 53 28.48 1.31 -44.47
N ILE A 54 28.72 0.96 -43.21
CA ILE A 54 28.14 1.63 -42.05
C ILE A 54 29.30 2.04 -41.15
N SER A 55 29.40 3.34 -40.87
CA SER A 55 30.57 3.89 -40.20
C SER A 55 30.17 4.78 -39.02
N SER A 56 31.05 4.80 -38.02
CA SER A 56 30.98 5.76 -36.92
C SER A 56 32.39 6.22 -36.60
N PHE A 57 32.49 7.34 -35.88
CA PHE A 57 33.80 7.92 -35.60
C PHE A 57 33.65 9.01 -34.56
N ASP A 58 34.60 9.06 -33.62
CA ASP A 58 34.60 10.09 -32.57
C ASP A 58 36.00 10.65 -32.35
N TYR A 59 36.82 10.66 -33.40
CA TYR A 59 38.20 11.13 -33.38
C TYR A 59 39.11 10.26 -32.52
N GLU A 60 38.59 9.24 -31.85
CA GLU A 60 39.38 8.30 -31.07
C GLU A 60 39.25 6.87 -31.57
N VAL A 61 38.03 6.39 -31.73
CA VAL A 61 37.77 5.03 -32.20
C VAL A 61 36.89 5.13 -33.44
N SER A 62 37.28 4.43 -34.50
CA SER A 62 36.49 4.37 -35.73
C SER A 62 36.00 2.94 -35.94
N ALA A 63 34.73 2.80 -36.29
CA ALA A 63 34.10 1.49 -36.50
C ALA A 63 33.44 1.48 -37.86
N GLU A 64 33.79 0.49 -38.68
CA GLU A 64 33.28 0.39 -40.05
C GLU A 64 32.91 -1.05 -40.33
N VAL A 65 31.74 -1.26 -40.94
CA VAL A 65 31.26 -2.59 -41.25
C VAL A 65 30.54 -2.55 -42.59
N GLN A 66 30.83 -3.52 -43.46
CA GLN A 66 30.19 -3.62 -44.76
C GLN A 66 29.28 -4.84 -44.77
N ILE A 67 28.07 -4.66 -45.27
CA ILE A 67 27.08 -5.73 -45.33
C ILE A 67 26.62 -5.86 -46.78
N PRO A 68 26.04 -7.01 -47.15
CA PRO A 68 25.47 -7.14 -48.49
C PRO A 68 24.32 -6.15 -48.68
N ALA A 69 24.12 -5.73 -49.92
CA ALA A 69 23.14 -4.70 -50.21
C ALA A 69 22.60 -4.89 -51.62
N GLU A 70 21.29 -4.70 -51.78
CA GLU A 70 20.65 -4.66 -53.09
C GLU A 70 20.52 -3.19 -53.46
N ILE A 71 21.52 -2.68 -54.17
CA ILE A 71 21.64 -1.26 -54.44
C ILE A 71 20.79 -0.93 -55.67
N ALA A 72 19.74 -0.13 -55.47
CA ALA A 72 18.99 0.43 -56.59
C ALA A 72 19.58 1.75 -57.05
N ALA A 73 20.26 2.48 -56.16
CA ALA A 73 20.93 3.72 -56.53
C ALA A 73 22.06 3.99 -55.54
N PRO A 74 23.28 4.22 -56.02
CA PRO A 74 24.38 4.47 -55.08
C PRO A 74 24.29 5.85 -54.46
N GLY A 75 24.79 5.95 -53.24
CA GLY A 75 24.81 7.24 -52.56
C GLY A 75 25.31 7.09 -51.14
N THR A 76 25.41 8.24 -50.48
CA THR A 76 25.84 8.32 -49.09
C THR A 76 24.88 9.21 -48.33
N VAL A 77 24.70 8.92 -47.04
CA VAL A 77 23.84 9.72 -46.18
C VAL A 77 24.32 9.58 -44.75
N LEU A 78 24.14 10.65 -43.97
CA LEU A 78 24.45 10.68 -42.55
C LEU A 78 23.15 10.81 -41.77
N VAL A 79 22.93 9.90 -40.83
CA VAL A 79 21.70 9.88 -40.03
C VAL A 79 22.08 9.75 -38.56
N SER A 80 21.08 9.94 -37.70
CA SER A 80 21.31 9.86 -36.26
C SER A 80 21.54 8.41 -35.85
N GLY A 81 22.67 8.14 -35.19
CA GLY A 81 23.04 6.77 -34.89
C GLY A 81 22.18 6.14 -33.81
N ARG A 82 21.95 6.87 -32.73
CA ARG A 82 21.14 6.34 -31.63
C ARG A 82 19.72 6.04 -32.12
N LEU A 83 19.12 6.97 -32.86
CA LEU A 83 17.78 6.76 -33.37
C LEU A 83 17.74 5.63 -34.40
N LEU A 84 18.73 5.59 -35.29
CA LEU A 84 18.79 4.51 -36.26
C LEU A 84 18.94 3.16 -35.58
N SER A 85 19.73 3.11 -34.51
CA SER A 85 19.90 1.85 -33.79
C SER A 85 18.59 1.41 -33.15
N GLU A 86 17.97 2.29 -32.36
CA GLU A 86 16.72 1.93 -31.70
C GLU A 86 15.63 1.60 -32.71
N ILE A 87 15.65 2.23 -33.89
CA ILE A 87 14.68 1.90 -34.92
C ILE A 87 14.96 0.51 -35.49
N THR A 88 16.22 0.28 -35.90
CA THR A 88 16.54 -0.99 -36.54
C THR A 88 16.31 -2.18 -35.60
N ARG A 89 16.58 -2.00 -34.30
CA ARG A 89 16.32 -3.09 -33.37
C ARG A 89 14.82 -3.35 -33.19
N ALA A 90 13.97 -2.37 -33.51
CA ALA A 90 12.54 -2.49 -33.34
C ALA A 90 11.83 -2.89 -34.63
N LEU A 91 12.55 -2.98 -35.75
CA LEU A 91 11.90 -3.27 -37.02
C LEU A 91 11.37 -4.70 -37.04
N PRO A 92 10.30 -4.95 -37.80
CA PRO A 92 9.89 -6.34 -38.04
C PRO A 92 10.96 -7.07 -38.84
N ASN A 93 10.89 -8.41 -38.79
CA ASN A 93 11.84 -9.24 -39.53
C ASN A 93 11.37 -9.32 -40.99
N LYS A 94 11.67 -8.26 -41.73
CA LYS A 94 11.32 -8.18 -43.14
C LYS A 94 12.39 -7.34 -43.83
N PRO A 95 12.43 -7.38 -45.17
CA PRO A 95 13.43 -6.57 -45.88
C PRO A 95 13.30 -5.09 -45.52
N VAL A 96 14.43 -4.43 -45.36
CA VAL A 96 14.49 -3.02 -45.01
C VAL A 96 14.81 -2.23 -46.28
N ASP A 97 13.84 -1.45 -46.75
CA ASP A 97 14.04 -0.56 -47.88
C ASP A 97 14.44 0.82 -47.37
N LEU A 98 15.54 1.35 -47.90
CA LEU A 98 16.10 2.62 -47.47
C LEU A 98 16.24 3.51 -48.70
N SER A 99 15.51 4.63 -48.71
CA SER A 99 15.51 5.56 -49.84
C SER A 99 15.73 6.96 -49.32
N VAL A 100 16.87 7.56 -49.69
CA VAL A 100 17.15 8.94 -49.34
C VAL A 100 16.51 9.85 -50.39
N GLU A 101 15.78 10.87 -49.92
CA GLU A 101 15.04 11.77 -50.81
C GLU A 101 15.18 13.18 -50.26
N GLY A 102 16.08 13.97 -50.84
CA GLY A 102 16.30 15.33 -50.40
C GLY A 102 16.91 15.40 -49.02
N THR A 103 16.19 16.00 -48.07
CA THR A 103 16.69 16.18 -46.72
C THR A 103 16.25 15.08 -45.76
N ARG A 104 15.57 14.06 -46.26
CA ARG A 104 15.04 13.00 -45.41
C ARG A 104 15.44 11.63 -45.94
N VAL A 105 15.37 10.65 -45.05
CA VAL A 105 15.66 9.25 -45.37
C VAL A 105 14.42 8.45 -45.02
N SER A 106 13.89 7.71 -46.00
CA SER A 106 12.76 6.84 -45.77
C SER A 106 13.27 5.43 -45.44
N LEU A 107 12.87 4.91 -44.30
CA LEU A 107 13.21 3.56 -43.86
C LEU A 107 11.92 2.78 -43.71
N THR A 108 11.64 1.89 -44.66
CA THR A 108 10.42 1.10 -44.67
C THR A 108 10.77 -0.36 -44.39
N CYS A 109 9.93 -1.00 -43.59
CA CYS A 109 10.11 -2.41 -43.26
C CYS A 109 8.77 -2.96 -42.79
N GLY A 110 8.21 -3.89 -43.55
CA GLY A 110 6.89 -4.38 -43.23
C GLY A 110 5.87 -3.26 -43.35
N SER A 111 5.07 -3.08 -42.30
CA SER A 111 4.13 -1.98 -42.23
C SER A 111 4.72 -0.73 -41.62
N ALA A 112 5.89 -0.82 -40.98
CA ALA A 112 6.52 0.33 -40.37
C ALA A 112 7.10 1.24 -41.44
N ARG A 113 6.86 2.55 -41.31
CA ARG A 113 7.38 3.54 -42.25
C ARG A 113 8.01 4.67 -41.45
N PHE A 114 9.32 4.76 -41.49
CA PHE A 114 10.08 5.79 -40.79
C PHE A 114 10.61 6.80 -41.79
N SER A 115 10.78 8.04 -41.31
CA SER A 115 11.26 9.13 -42.15
C SER A 115 12.10 10.04 -41.26
N LEU A 116 13.42 9.87 -41.34
CA LEU A 116 14.33 10.61 -40.48
C LEU A 116 14.97 11.77 -41.24
N PRO A 117 15.45 12.79 -40.53
CA PRO A 117 16.18 13.86 -41.20
C PRO A 117 17.66 13.52 -41.39
N THR A 118 18.21 13.99 -42.48
CA THR A 118 19.62 13.78 -42.77
C THR A 118 20.48 14.75 -41.96
N MET A 119 21.78 14.51 -41.97
CA MET A 119 22.76 15.36 -41.31
C MET A 119 23.78 15.84 -42.32
N ALA A 120 24.66 16.74 -41.88
CA ALA A 120 25.68 17.32 -42.73
C ALA A 120 26.70 16.24 -43.11
N VAL A 121 26.51 15.62 -44.28
CA VAL A 121 27.44 14.60 -44.73
C VAL A 121 28.76 15.24 -45.15
N GLU A 122 28.71 16.44 -45.72
CA GLU A 122 29.93 17.13 -46.13
C GLU A 122 30.81 17.48 -44.93
N ASP A 123 30.20 17.69 -43.77
CA ASP A 123 30.92 18.06 -42.56
C ASP A 123 31.31 16.86 -41.71
N TYR A 124 31.15 15.64 -42.23
CA TYR A 124 31.47 14.46 -41.43
C TYR A 124 32.94 14.10 -41.62
N PRO A 125 33.71 13.94 -40.54
CA PRO A 125 35.15 13.64 -40.72
C PRO A 125 35.36 12.29 -41.38
N ALA A 126 36.42 12.21 -42.18
CA ALA A 126 36.79 10.96 -42.81
C ALA A 126 37.38 10.00 -41.79
N LEU A 127 37.15 8.71 -42.01
CA LEU A 127 37.64 7.70 -41.08
C LEU A 127 39.14 7.54 -41.23
N PRO A 128 39.85 7.22 -40.15
CA PRO A 128 41.29 6.91 -40.28
C PRO A 128 41.50 5.60 -41.00
N GLU A 129 42.53 5.57 -41.85
CA GLU A 129 42.88 4.36 -42.59
C GLU A 129 43.61 3.38 -41.69
N LEU A 130 43.13 2.14 -41.64
CA LEU A 130 43.78 1.13 -40.82
C LEU A 130 45.23 0.94 -41.27
N PRO A 131 46.19 0.89 -40.33
CA PRO A 131 47.58 0.65 -40.74
C PRO A 131 47.77 -0.66 -41.48
N ALA A 132 49.01 -0.98 -41.83
CA ALA A 132 49.32 -2.26 -42.45
C ALA A 132 49.19 -3.38 -41.41
N GLU A 133 48.67 -4.52 -41.85
CA GLU A 133 48.47 -5.64 -40.95
C GLU A 133 49.80 -6.14 -40.40
N THR A 134 49.85 -6.35 -39.09
CA THR A 134 51.04 -6.86 -38.43
C THR A 134 50.96 -8.35 -38.11
N GLY A 135 49.76 -8.92 -38.08
CA GLY A 135 49.62 -10.33 -37.79
C GLY A 135 48.17 -10.68 -37.47
N SER A 136 48.00 -11.90 -36.97
CA SER A 136 46.68 -12.44 -36.69
C SER A 136 46.69 -13.17 -35.36
N VAL A 137 45.54 -13.15 -34.68
CA VAL A 137 45.36 -13.81 -33.39
C VAL A 137 44.01 -14.51 -33.39
N PRO A 138 43.87 -15.68 -32.76
CA PRO A 138 42.52 -16.24 -32.56
C PRO A 138 41.65 -15.27 -31.79
N ALA A 139 40.45 -15.00 -32.33
CA ALA A 139 39.60 -13.95 -31.77
C ALA A 139 39.29 -14.21 -30.31
N ASP A 140 38.81 -15.42 -30.00
CA ASP A 140 38.42 -15.71 -28.62
C ASP A 140 39.61 -15.62 -27.67
N LEU A 141 40.76 -16.16 -28.07
CA LEU A 141 41.97 -16.05 -27.26
C LEU A 141 42.30 -14.58 -26.99
N PHE A 142 42.32 -13.76 -28.04
CA PHE A 142 42.63 -12.35 -27.89
C PHE A 142 41.66 -11.67 -26.94
N ALA A 143 40.37 -11.94 -27.09
CA ALA A 143 39.36 -11.32 -26.24
C ALA A 143 39.53 -11.75 -24.79
N GLU A 144 39.67 -13.06 -24.56
CA GLU A 144 39.89 -13.56 -23.21
C GLU A 144 41.10 -12.91 -22.57
N ALA A 145 42.21 -12.83 -23.31
CA ALA A 145 43.41 -12.23 -22.77
C ALA A 145 43.18 -10.77 -22.41
N ILE A 146 42.52 -10.02 -23.30
CA ILE A 146 42.23 -8.62 -23.02
C ILE A 146 41.43 -8.49 -21.73
N GLY A 147 40.43 -9.35 -21.54
CA GLY A 147 39.66 -9.30 -20.31
C GLY A 147 40.48 -9.70 -19.10
N GLN A 148 41.32 -10.73 -19.24
CA GLN A 148 42.13 -11.18 -18.12
C GLN A 148 43.06 -10.08 -17.62
N VAL A 149 43.60 -9.28 -18.52
CA VAL A 149 44.52 -8.22 -18.14
C VAL A 149 43.79 -6.96 -17.72
N ALA A 150 42.66 -6.66 -18.37
CA ALA A 150 41.98 -5.39 -18.12
C ALA A 150 41.61 -5.23 -16.66
N VAL A 151 41.38 -6.33 -15.94
CA VAL A 151 40.95 -6.22 -14.54
C VAL A 151 41.94 -5.40 -13.73
N ALA A 152 43.21 -5.36 -14.14
CA ALA A 152 44.24 -4.70 -13.37
C ALA A 152 44.56 -3.29 -13.84
N ALA A 153 43.93 -2.83 -14.92
CA ALA A 153 44.22 -1.49 -15.43
C ALA A 153 43.60 -0.43 -14.53
N GLY A 154 44.35 0.64 -14.29
CA GLY A 154 43.84 1.76 -13.53
C GLY A 154 42.80 2.55 -14.32
N ARG A 155 42.08 3.41 -13.60
CA ARG A 155 41.01 4.19 -14.20
CA ARG A 155 40.99 4.19 -14.19
C ARG A 155 41.09 5.67 -13.85
N ASP A 156 42.18 6.11 -13.24
CA ASP A 156 42.38 7.52 -12.89
C ASP A 156 43.16 8.19 -14.01
N ASP A 157 42.48 9.03 -14.79
CA ASP A 157 43.12 9.71 -15.91
C ASP A 157 44.19 10.70 -15.47
N THR A 158 44.23 11.06 -14.19
CA THR A 158 45.35 11.84 -13.68
C THR A 158 46.64 11.03 -13.69
N LEU A 159 46.54 9.71 -13.79
CA LEU A 159 47.69 8.81 -13.89
C LEU A 159 47.58 8.06 -15.22
N PRO A 160 47.76 8.75 -16.35
CA PRO A 160 47.44 8.14 -17.64
C PRO A 160 48.25 6.89 -17.95
N MET A 161 49.49 6.80 -17.48
CA MET A 161 50.31 5.64 -17.79
C MET A 161 49.68 4.34 -17.31
N LEU A 162 48.73 4.40 -16.38
CA LEU A 162 48.10 3.22 -15.83
C LEU A 162 46.74 2.92 -16.46
N THR A 163 46.26 3.78 -17.34
CA THR A 163 44.91 3.64 -17.90
C THR A 163 44.90 2.86 -19.22
N GLY A 164 45.95 2.10 -19.51
CA GLY A 164 46.04 1.42 -20.79
C GLY A 164 46.51 -0.01 -20.64
N ILE A 165 46.25 -0.77 -21.69
CA ILE A 165 46.73 -2.15 -21.81
C ILE A 165 47.93 -2.14 -22.75
N ARG A 166 49.07 -2.58 -22.25
CA ARG A 166 50.27 -2.70 -23.07
C ARG A 166 50.18 -3.95 -23.94
N VAL A 167 50.45 -3.79 -25.23
CA VAL A 167 50.41 -4.88 -26.20
C VAL A 167 51.81 -4.99 -26.81
N GLU A 168 52.54 -6.03 -26.43
CA GLU A 168 53.86 -6.31 -26.98
C GLU A 168 53.75 -7.45 -28.00
N ILE A 169 54.40 -7.28 -29.14
CA ILE A 169 54.53 -8.33 -30.14
C ILE A 169 56.01 -8.63 -30.34
N SER A 170 56.37 -9.91 -30.27
CA SER A 170 57.76 -10.37 -30.40
C SER A 170 57.72 -11.67 -31.21
N GLY A 171 57.67 -11.53 -32.53
CA GLY A 171 57.57 -12.69 -33.40
C GLY A 171 56.20 -13.32 -33.38
N ASP A 172 56.12 -14.58 -32.94
CA ASP A 172 54.86 -15.30 -32.85
C ASP A 172 54.29 -15.30 -31.43
N ARG A 173 54.82 -14.45 -30.54
CA ARG A 173 54.38 -14.40 -29.16
C ARG A 173 53.96 -12.98 -28.82
N MET A 174 52.70 -12.81 -28.41
CA MET A 174 52.17 -11.54 -27.97
C MET A 174 52.01 -11.54 -26.46
N VAL A 175 52.29 -10.41 -25.84
CA VAL A 175 52.15 -10.24 -24.40
C VAL A 175 51.27 -9.03 -24.14
N LEU A 176 50.23 -9.21 -23.34
CA LEU A 176 49.39 -8.13 -22.87
C LEU A 176 49.68 -7.88 -21.40
N ALA A 177 49.56 -6.63 -20.98
CA ALA A 177 49.89 -6.28 -19.60
C ALA A 177 49.12 -5.03 -19.18
N ALA A 178 48.84 -4.95 -17.89
CA ALA A 178 48.19 -3.79 -17.32
C ALA A 178 48.48 -3.75 -15.84
N THR A 179 48.34 -2.56 -15.24
CA THR A 179 48.63 -2.39 -13.84
C THR A 179 48.09 -1.04 -13.37
N ASP A 180 47.67 -1.01 -12.11
CA ASP A 180 47.26 0.21 -11.43
C ASP A 180 48.16 0.48 -10.22
N ARG A 181 49.43 0.07 -10.33
CA ARG A 181 50.43 0.20 -9.27
C ARG A 181 50.23 -0.82 -8.15
N PHE A 182 48.98 -1.09 -7.77
CA PHE A 182 48.71 -2.07 -6.72
C PHE A 182 48.62 -3.50 -7.24
N ARG A 183 48.37 -3.69 -8.53
CA ARG A 183 48.24 -5.01 -9.11
C ARG A 183 48.79 -4.96 -10.53
N LEU A 184 49.29 -6.10 -10.99
CA LEU A 184 49.93 -6.20 -12.30
C LEU A 184 49.50 -7.50 -12.95
N ALA A 185 48.71 -7.39 -14.02
CA ALA A 185 48.27 -8.55 -14.78
C ALA A 185 49.07 -8.62 -16.08
N VAL A 186 49.59 -9.81 -16.39
CA VAL A 186 50.37 -10.04 -17.60
C VAL A 186 49.90 -11.35 -18.22
N ARG A 187 49.61 -11.33 -19.52
CA ARG A 187 49.08 -12.49 -20.23
C ARG A 187 49.85 -12.67 -21.53
N GLU A 188 50.51 -13.81 -21.65
CA GLU A 188 51.21 -14.17 -22.88
C GLU A 188 50.32 -15.11 -23.71
N LEU A 189 50.49 -15.05 -25.03
CA LEU A 189 49.67 -15.84 -25.93
C LEU A 189 50.36 -15.94 -27.27
N THR A 190 50.09 -17.03 -27.98
CA THR A 190 50.71 -17.29 -29.27
C THR A 190 49.85 -16.69 -30.39
N TRP A 191 50.49 -15.93 -31.27
CA TRP A 191 49.83 -15.35 -32.43
C TRP A 191 50.70 -15.60 -33.67
N THR A 192 50.24 -15.07 -34.80
CA THR A 192 50.87 -15.35 -36.10
C THR A 192 51.20 -14.04 -36.79
N THR A 193 52.46 -13.62 -36.70
CA THR A 193 52.90 -12.40 -37.36
C THR A 193 53.11 -12.65 -38.85
N LYS A 194 53.01 -11.58 -39.63
CA LYS A 194 53.27 -11.66 -41.07
C LYS A 194 54.75 -11.49 -41.38
N THR A 195 55.48 -10.76 -40.54
CA THR A 195 56.92 -10.55 -40.72
C THR A 195 57.65 -10.99 -39.46
N PRO A 196 58.18 -12.22 -39.42
CA PRO A 196 58.91 -12.67 -38.22
C PRO A 196 59.98 -11.69 -37.76
N ASP A 197 60.43 -11.86 -36.51
CA ASP A 197 61.47 -11.03 -35.90
C ASP A 197 61.00 -9.61 -35.62
N VAL A 198 59.70 -9.37 -35.64
CA VAL A 198 59.15 -8.06 -35.27
C VAL A 198 59.17 -7.94 -33.76
N GLU A 199 59.73 -6.83 -33.27
CA GLU A 199 59.84 -6.56 -31.83
C GLU A 199 59.25 -5.17 -31.59
N ALA A 200 57.94 -5.11 -31.33
CA ALA A 200 57.24 -3.84 -31.16
C ALA A 200 56.37 -3.91 -29.91
N ALA A 201 55.85 -2.73 -29.52
CA ALA A 201 55.00 -2.62 -28.35
C ALA A 201 54.23 -1.32 -28.41
N VAL A 202 52.97 -1.35 -28.00
CA VAL A 202 52.11 -0.18 -27.99
C VAL A 202 51.28 -0.19 -26.71
N LEU A 203 50.64 0.95 -26.44
CA LEU A 203 49.77 1.11 -25.28
C LEU A 203 48.38 1.53 -25.77
N VAL A 204 47.39 0.70 -25.48
CA VAL A 204 46.04 0.93 -25.97
C VAL A 204 45.12 1.32 -24.81
N PRO A 205 44.20 2.27 -25.00
CA PRO A 205 43.22 2.57 -23.93
C PRO A 205 42.50 1.32 -23.44
N ALA A 206 42.61 1.06 -22.14
CA ALA A 206 42.11 -0.20 -21.59
C ALA A 206 40.60 -0.32 -21.75
N LYS A 207 39.86 0.72 -21.41
CA LYS A 207 38.41 0.65 -21.48
C LYS A 207 37.93 0.40 -22.89
N THR A 208 38.50 1.13 -23.85
CA THR A 208 38.14 0.91 -25.25
C THR A 208 38.41 -0.52 -25.66
N LEU A 209 39.66 -0.97 -25.51
CA LEU A 209 40.02 -2.32 -25.94
C LEU A 209 39.19 -3.37 -25.22
N ALA A 210 39.00 -3.21 -23.91
CA ALA A 210 38.27 -4.20 -23.14
C ALA A 210 36.82 -4.28 -23.57
N GLU A 211 36.18 -3.13 -23.79
CA GLU A 211 34.80 -3.13 -24.25
C GLU A 211 34.68 -3.78 -25.63
N ALA A 212 35.63 -3.48 -26.53
CA ALA A 212 35.61 -4.12 -27.84
C ALA A 212 35.75 -5.63 -27.72
N ALA A 213 36.58 -6.09 -26.78
CA ALA A 213 36.71 -7.53 -26.57
C ALA A 213 35.43 -8.12 -25.99
N LYS A 214 34.83 -7.45 -25.01
CA LYS A 214 33.60 -7.95 -24.41
C LYS A 214 32.50 -8.05 -25.45
N THR A 215 32.35 -7.03 -26.28
CA THR A 215 31.38 -7.09 -27.37
C THR A 215 31.72 -8.22 -28.33
N GLY A 216 32.98 -8.34 -28.71
CA GLY A 216 33.44 -9.40 -29.58
C GLY A 216 33.52 -8.98 -31.03
N LEU A 217 33.98 -9.93 -31.85
CA LEU A 217 34.12 -9.72 -33.28
C LEU A 217 33.93 -11.05 -33.98
N ASP A 218 32.94 -11.11 -34.87
CA ASP A 218 32.67 -12.35 -35.60
C ASP A 218 33.91 -12.77 -36.39
N GLY A 219 34.24 -14.06 -36.31
CA GLY A 219 35.38 -14.62 -37.00
C GLY A 219 36.26 -15.42 -36.05
N SER A 220 36.88 -16.47 -36.60
CA SER A 220 37.78 -17.29 -35.78
C SER A 220 39.09 -16.57 -35.51
N GLU A 221 39.54 -15.73 -36.44
CA GLU A 221 40.78 -14.99 -36.29
C GLU A 221 40.54 -13.51 -36.49
N VAL A 222 41.32 -12.71 -35.77
CA VAL A 222 41.29 -11.25 -35.85
C VAL A 222 42.67 -10.79 -36.28
N GLN A 223 42.71 -9.91 -37.27
CA GLN A 223 43.98 -9.40 -37.78
C GLN A 223 44.28 -8.06 -37.13
N LEU A 224 45.42 -7.96 -36.46
CA LEU A 224 45.88 -6.70 -35.88
C LEU A 224 46.67 -5.92 -36.92
N ALA A 225 46.52 -4.60 -36.90
CA ALA A 225 47.15 -3.71 -37.86
C ALA A 225 47.78 -2.54 -37.11
N LEU A 226 49.00 -2.75 -36.61
CA LEU A 226 49.76 -1.71 -35.93
C LEU A 226 50.83 -1.09 -36.82
N GLY A 227 51.13 -1.70 -37.95
CA GLY A 227 52.14 -1.20 -38.85
C GLY A 227 52.83 -2.35 -39.56
N ALA A 228 54.11 -2.14 -39.87
CA ALA A 228 54.90 -3.14 -40.59
C ALA A 228 56.35 -3.02 -40.16
N GLY A 229 56.86 -4.04 -39.49
CA GLY A 229 58.25 -4.08 -39.10
C GLY A 229 58.65 -2.93 -38.20
N PRO A 230 59.65 -2.15 -38.63
CA PRO A 230 60.06 -1.00 -37.81
C PRO A 230 58.98 0.07 -37.68
N SER A 231 58.02 0.10 -38.59
CA SER A 231 56.96 1.11 -38.57
C SER A 231 55.84 0.77 -37.61
N VAL A 232 55.92 -0.35 -36.90
CA VAL A 232 54.83 -0.76 -36.02
C VAL A 232 54.71 0.23 -34.87
N GLY A 233 53.49 0.67 -34.60
CA GLY A 233 53.22 1.62 -33.54
C GLY A 233 53.48 3.06 -33.90
N GLN A 234 54.10 3.33 -35.04
CA GLN A 234 54.37 4.71 -35.44
C GLN A 234 53.18 5.38 -36.11
N ASP A 235 52.21 4.59 -36.59
CA ASP A 235 51.05 5.18 -37.23
C ASP A 235 50.17 5.91 -36.23
N GLY A 236 50.22 5.52 -34.95
CA GLY A 236 49.48 6.21 -33.91
C GLY A 236 48.13 5.61 -33.58
N LEU A 237 47.79 4.45 -34.12
CA LEU A 237 46.49 3.86 -33.89
C LEU A 237 46.57 2.36 -34.10
N LEU A 238 45.70 1.63 -33.41
CA LEU A 238 45.59 0.18 -33.51
C LEU A 238 44.44 -0.16 -34.44
N GLY A 239 44.75 -0.86 -35.53
CA GLY A 239 43.74 -1.35 -36.44
C GLY A 239 43.39 -2.80 -36.14
N ILE A 240 42.12 -3.14 -36.34
CA ILE A 240 41.63 -4.49 -36.07
C ILE A 240 40.63 -4.86 -37.15
N ARG A 241 40.88 -5.96 -37.85
CA ARG A 241 40.07 -6.40 -38.97
C ARG A 241 39.52 -7.79 -38.68
N SER A 242 38.20 -7.90 -38.56
CA SER A 242 37.51 -9.17 -38.43
C SER A 242 36.71 -9.44 -39.70
N GLU A 243 35.96 -10.55 -39.71
CA GLU A 243 35.09 -10.86 -40.84
C GLU A 243 34.03 -9.78 -41.00
N GLY A 244 34.20 -8.91 -41.99
CA GLY A 244 33.22 -7.90 -42.31
C GLY A 244 33.38 -6.57 -41.59
N LYS A 245 34.27 -6.49 -40.60
CA LYS A 245 34.43 -5.31 -39.78
C LYS A 245 35.89 -4.86 -39.77
N ARG A 246 36.09 -3.54 -39.68
CA ARG A 246 37.42 -2.98 -39.54
C ARG A 246 37.33 -1.75 -38.64
N SER A 247 38.25 -1.65 -37.68
CA SER A 247 38.19 -0.62 -36.65
C SER A 247 39.57 -0.03 -36.40
N THR A 248 39.58 1.19 -35.87
CA THR A 248 40.80 1.88 -35.46
C THR A 248 40.61 2.41 -34.04
N THR A 249 41.69 2.37 -33.26
CA THR A 249 41.68 2.83 -31.87
C THR A 249 42.92 3.67 -31.63
N ARG A 250 42.72 4.92 -31.22
CA ARG A 250 43.84 5.81 -30.95
C ARG A 250 44.66 5.27 -29.78
N LEU A 251 45.98 5.22 -29.96
CA LEU A 251 46.86 4.73 -28.91
C LEU A 251 47.11 5.82 -27.86
N LEU A 252 47.76 5.41 -26.77
CA LEU A 252 48.12 6.34 -25.69
C LEU A 252 49.57 6.76 -25.83
N ASP A 253 49.81 8.07 -25.76
CA ASP A 253 51.17 8.58 -25.84
C ASP A 253 51.98 8.27 -24.58
N ALA A 254 51.31 7.95 -23.48
CA ALA A 254 52.02 7.67 -22.23
C ALA A 254 52.92 6.45 -22.38
N GLU A 255 53.86 6.32 -21.45
CA GLU A 255 54.84 5.24 -21.44
C GLU A 255 54.47 4.25 -20.35
N PHE A 256 54.30 2.98 -20.72
CA PHE A 256 53.92 1.97 -19.75
C PHE A 256 55.06 1.72 -18.77
N PRO A 257 54.77 1.53 -17.48
CA PRO A 257 55.85 1.32 -16.51
C PRO A 257 56.67 0.08 -16.84
N LYS A 258 57.85 0.01 -16.24
CA LYS A 258 58.72 -1.17 -16.36
C LYS A 258 58.24 -2.20 -15.34
N PHE A 259 57.68 -3.30 -15.83
CA PHE A 259 56.99 -4.26 -14.98
C PHE A 259 57.70 -5.59 -14.83
N ARG A 260 58.55 -5.97 -15.79
CA ARG A 260 59.17 -7.30 -15.72
C ARG A 260 60.06 -7.46 -14.49
N GLN A 261 60.55 -6.36 -13.91
CA GLN A 261 61.38 -6.46 -12.71
C GLN A 261 60.57 -6.77 -11.46
N LEU A 262 59.25 -6.63 -11.52
CA LEU A 262 58.40 -6.85 -10.35
C LEU A 262 58.02 -8.31 -10.16
N LEU A 263 58.02 -9.10 -11.22
CA LEU A 263 57.63 -10.50 -11.12
C LEU A 263 58.64 -11.26 -10.27
N PRO A 264 58.25 -11.83 -9.14
CA PRO A 264 59.21 -12.59 -8.32
C PRO A 264 59.86 -13.71 -9.10
N THR A 265 61.11 -14.03 -8.75
CA THR A 265 61.82 -15.13 -9.36
C THR A 265 61.71 -16.43 -8.55
N GLU A 266 61.46 -16.34 -7.25
CA GLU A 266 61.25 -17.52 -6.42
C GLU A 266 60.27 -17.15 -5.30
N HIS A 267 59.70 -18.19 -4.69
CA HIS A 267 58.74 -18.03 -3.62
C HIS A 267 59.21 -18.81 -2.39
N THR A 268 59.06 -18.20 -1.22
CA THR A 268 59.34 -18.89 0.04
C THR A 268 58.17 -19.74 0.51
N ALA A 269 56.95 -19.49 0.01
CA ALA A 269 55.76 -20.24 0.38
C ALA A 269 54.88 -20.40 -0.85
N MET A 270 54.06 -21.45 -0.83
CA MET A 270 53.17 -21.76 -1.93
C MET A 270 51.83 -22.24 -1.36
N ALA A 271 50.75 -21.93 -2.07
CA ALA A 271 49.42 -22.33 -1.64
C ALA A 271 48.56 -22.60 -2.86
N THR A 272 48.11 -23.84 -3.02
CA THR A 272 47.20 -24.21 -4.10
C THR A 272 45.83 -24.51 -3.52
N ILE A 273 44.78 -23.94 -4.14
CA ILE A 273 43.43 -24.05 -3.61
C ILE A 273 42.45 -23.85 -4.75
N GLY A 274 41.20 -24.27 -4.55
CA GLY A 274 40.18 -24.13 -5.57
C GLY A 274 39.69 -22.70 -5.68
N VAL A 275 39.58 -22.21 -6.93
CA VAL A 275 39.19 -20.83 -7.15
C VAL A 275 37.77 -20.56 -6.63
N GLY A 276 36.84 -21.45 -6.96
CA GLY A 276 35.47 -21.25 -6.51
C GLY A 276 35.36 -21.19 -5.00
N GLU A 277 35.90 -22.21 -4.32
CA GLU A 277 35.87 -22.23 -2.86
C GLU A 277 36.44 -20.94 -2.29
N LEU A 278 37.64 -20.56 -2.71
CA LEU A 278 38.27 -19.36 -2.16
C LEU A 278 37.44 -18.12 -2.45
N THR A 279 36.95 -17.98 -3.67
CA THR A 279 36.14 -16.82 -4.03
C THR A 279 34.94 -16.69 -3.11
N GLU A 280 34.18 -17.78 -2.93
CA GLU A 280 33.03 -17.74 -2.04
C GLU A 280 33.44 -17.31 -0.64
N ALA A 281 34.47 -17.96 -0.08
CA ALA A 281 34.88 -17.64 1.28
C ALA A 281 35.22 -16.17 1.42
N ILE A 282 36.04 -15.64 0.51
CA ILE A 282 36.44 -14.25 0.59
C ILE A 282 35.22 -13.34 0.51
N LYS A 283 34.33 -13.60 -0.46
CA LYS A 283 33.12 -12.78 -0.57
C LYS A 283 32.33 -12.79 0.72
N ARG A 284 32.23 -13.94 1.38
CA ARG A 284 31.51 -14.03 2.64
C ARG A 284 32.19 -13.19 3.72
N VAL A 285 33.45 -13.52 4.02
CA VAL A 285 34.14 -12.87 5.13
C VAL A 285 34.25 -11.35 4.90
N ALA A 286 34.34 -10.92 3.65
CA ALA A 286 34.52 -9.50 3.36
C ALA A 286 33.25 -8.68 3.60
N LEU A 287 32.11 -9.33 3.87
CA LEU A 287 30.89 -8.58 4.12
C LEU A 287 31.00 -7.75 5.39
N VAL A 288 31.59 -8.31 6.44
CA VAL A 288 31.71 -7.59 7.71
C VAL A 288 32.83 -6.56 7.69
N ALA A 289 33.69 -6.58 6.67
CA ALA A 289 34.70 -5.54 6.48
C ALA A 289 34.06 -4.42 5.65
N ASP A 290 33.29 -3.58 6.34
CA ASP A 290 32.66 -2.45 5.64
C ASP A 290 33.70 -1.46 5.12
N ARG A 291 34.88 -1.41 5.76
CA ARG A 291 36.01 -0.71 5.16
C ARG A 291 36.29 -1.25 3.76
N GLY A 292 36.14 -2.56 3.58
CA GLY A 292 36.39 -3.18 2.30
C GLY A 292 37.82 -3.09 1.84
N ALA A 293 38.75 -2.84 2.76
CA ALA A 293 40.14 -2.60 2.40
C ALA A 293 41.07 -3.75 2.76
N GLN A 294 40.58 -4.78 3.46
CA GLN A 294 41.48 -5.80 3.97
C GLN A 294 40.73 -7.07 4.33
N VAL A 295 41.31 -8.20 3.92
CA VAL A 295 40.94 -9.52 4.42
C VAL A 295 42.24 -10.23 4.78
N ARG A 296 42.23 -10.91 5.93
CA ARG A 296 43.43 -11.50 6.51
C ARG A 296 43.50 -12.98 6.19
N MET A 297 44.62 -13.42 5.61
CA MET A 297 44.84 -14.80 5.20
C MET A 297 45.93 -15.41 6.06
N GLU A 298 45.59 -16.45 6.81
CA GLU A 298 46.53 -17.15 7.68
C GLU A 298 46.74 -18.56 7.14
N PHE A 299 47.94 -18.83 6.62
CA PHE A 299 48.32 -20.12 6.07
C PHE A 299 49.14 -20.90 7.09
N ALA A 300 48.71 -22.13 7.36
CA ALA A 300 49.45 -23.01 8.27
C ALA A 300 48.87 -24.41 8.29
N ASP A 301 49.73 -25.42 8.08
CA ASP A 301 49.34 -26.82 8.21
C ASP A 301 48.18 -27.17 7.28
N ASP A 302 48.30 -26.71 6.03
CA ASP A 302 47.30 -27.00 4.99
C ASP A 302 45.91 -26.51 5.41
N VAL A 303 45.87 -25.36 6.08
CA VAL A 303 44.61 -24.74 6.48
C VAL A 303 44.71 -23.24 6.22
N LEU A 304 43.78 -22.71 5.44
CA LEU A 304 43.69 -21.27 5.19
C LEU A 304 42.61 -20.70 6.10
N HIS A 305 43.00 -19.86 7.06
CA HIS A 305 42.09 -19.21 7.97
C HIS A 305 41.89 -17.77 7.50
N LEU A 306 40.71 -17.48 6.95
CA LEU A 306 40.35 -16.13 6.55
C LEU A 306 39.66 -15.42 7.71
N SER A 307 39.89 -14.12 7.81
CA SER A 307 39.24 -13.34 8.85
C SER A 307 39.17 -11.87 8.41
N ALA A 308 38.17 -11.17 8.94
CA ALA A 308 37.99 -9.76 8.66
C ALA A 308 36.89 -9.24 9.58
N GLY A 309 36.78 -7.92 9.66
CA GLY A 309 35.68 -7.27 10.34
C GLY A 309 36.13 -6.20 11.30
N ALA A 310 35.16 -5.61 11.98
CA ALA A 310 35.39 -4.57 12.99
C ALA A 310 34.31 -4.70 14.05
N ASP A 311 34.70 -4.47 15.31
CA ASP A 311 33.77 -4.69 16.42
C ASP A 311 32.52 -3.84 16.32
N ASP A 312 32.55 -2.75 15.56
CA ASP A 312 31.36 -1.93 15.38
C ASP A 312 30.39 -2.55 14.36
N VAL A 313 30.91 -3.30 13.40
CA VAL A 313 30.10 -3.90 12.35
C VAL A 313 29.93 -5.39 12.63
N GLY A 314 31.01 -6.14 12.52
CA GLY A 314 30.98 -7.57 12.81
C GLY A 314 32.34 -8.16 12.49
N ARG A 315 32.56 -9.34 13.07
CA ARG A 315 33.80 -10.09 12.87
C ARG A 315 33.48 -11.44 12.26
N ALA A 316 34.12 -11.75 11.14
CA ALA A 316 33.85 -12.98 10.40
C ALA A 316 35.15 -13.73 10.17
N GLU A 317 35.08 -15.06 10.21
CA GLU A 317 36.23 -15.91 9.93
C GLU A 317 35.74 -17.21 9.33
N GLU A 318 36.64 -17.88 8.60
CA GLU A 318 36.28 -19.11 7.91
C GLU A 318 37.55 -19.87 7.56
N ASP A 319 37.51 -21.19 7.72
CA ASP A 319 38.63 -22.07 7.40
C ASP A 319 38.37 -22.83 6.12
N LEU A 320 39.40 -22.97 5.30
CA LEU A 320 39.36 -23.77 4.09
C LEU A 320 40.57 -24.70 4.05
N PRO A 321 40.45 -25.87 3.44
CA PRO A 321 41.64 -26.69 3.18
C PRO A 321 42.45 -26.14 2.02
N VAL A 322 43.77 -26.32 2.12
CA VAL A 322 44.69 -25.76 1.14
C VAL A 322 45.94 -26.62 1.10
N SER A 323 46.55 -26.71 -0.08
CA SER A 323 47.85 -27.34 -0.24
C SER A 323 48.90 -26.26 -0.04
N PHE A 324 49.42 -26.16 1.18
CA PHE A 324 50.34 -25.09 1.56
C PHE A 324 51.73 -25.69 1.81
N SER A 325 52.72 -25.20 1.07
CA SER A 325 54.11 -25.60 1.22
C SER A 325 54.91 -24.40 1.71
N GLY A 326 55.76 -24.65 2.69
CA GLY A 326 56.55 -23.60 3.31
C GLY A 326 56.11 -23.37 4.75
N GLU A 327 56.74 -22.37 5.37
CA GLU A 327 56.46 -22.05 6.75
C GLU A 327 55.18 -21.23 6.87
N PRO A 328 54.54 -21.24 8.04
CA PRO A 328 53.29 -20.49 8.20
C PRO A 328 53.45 -19.04 7.76
N LEU A 329 52.37 -18.49 7.21
CA LEU A 329 52.38 -17.14 6.69
C LEU A 329 51.06 -16.45 7.05
N THR A 330 51.15 -15.15 7.31
CA THR A 330 49.98 -14.34 7.59
C THR A 330 50.08 -13.09 6.73
N ILE A 331 49.19 -12.99 5.72
CA ILE A 331 49.25 -11.92 4.74
C ILE A 331 47.82 -11.46 4.43
N ALA A 332 47.64 -10.15 4.31
CA ALA A 332 46.34 -9.56 4.08
C ALA A 332 46.29 -8.96 2.68
N PHE A 333 45.09 -8.95 2.09
CA PHE A 333 44.90 -8.40 0.76
C PHE A 333 43.60 -7.61 0.71
N ASN A 334 43.48 -6.77 -0.30
CA ASN A 334 42.22 -6.10 -0.59
C ASN A 334 41.26 -7.12 -1.18
N PRO A 335 40.06 -7.32 -0.62
CA PRO A 335 39.18 -8.36 -1.15
C PRO A 335 38.82 -8.13 -2.61
N GLY A 336 38.60 -6.88 -3.00
CA GLY A 336 38.25 -6.59 -4.38
C GLY A 336 39.36 -7.01 -5.34
N TYR A 337 40.59 -6.59 -5.05
CA TYR A 337 41.71 -6.98 -5.90
C TYR A 337 41.87 -8.50 -5.93
N LEU A 338 41.68 -9.14 -4.76
CA LEU A 338 41.87 -10.59 -4.68
C LEU A 338 40.85 -11.32 -5.55
N THR A 339 39.57 -10.98 -5.41
CA THR A 339 38.54 -11.63 -6.22
C THR A 339 38.66 -11.24 -7.69
N ASP A 340 39.10 -10.02 -7.97
CA ASP A 340 39.33 -9.63 -9.36
C ASP A 340 40.38 -10.53 -10.01
N GLY A 341 41.47 -10.80 -9.30
CA GLY A 341 42.47 -11.72 -9.83
C GLY A 341 41.94 -13.13 -9.95
N LEU A 342 41.34 -13.65 -8.87
CA LEU A 342 40.77 -14.99 -8.93
C LEU A 342 39.76 -15.12 -10.06
N GLY A 343 39.09 -14.02 -10.41
CA GLY A 343 38.12 -14.05 -11.49
C GLY A 343 38.70 -14.01 -12.88
N ALA A 344 40.00 -13.75 -13.01
CA ALA A 344 40.66 -13.71 -14.31
C ALA A 344 41.43 -14.98 -14.63
N LEU A 345 41.63 -15.86 -13.66
CA LEU A 345 42.45 -17.05 -13.90
C LEU A 345 41.78 -17.98 -14.92
N HIS A 346 40.46 -18.12 -14.85
CA HIS A 346 39.73 -19.01 -15.75
C HIS A 346 40.25 -20.44 -15.61
N SER A 347 40.58 -20.83 -14.38
CA SER A 347 41.04 -22.18 -14.08
C SER A 347 40.34 -22.66 -12.82
N GLU A 348 40.35 -23.97 -12.62
CA GLU A 348 39.64 -24.55 -11.48
C GLU A 348 40.40 -24.37 -10.17
N ARG A 349 41.74 -24.40 -10.23
CA ARG A 349 42.56 -24.24 -9.04
C ARG A 349 43.58 -23.12 -9.26
N VAL A 350 43.75 -22.30 -8.23
CA VAL A 350 44.72 -21.21 -8.25
C VAL A 350 45.92 -21.62 -7.41
N THR A 351 47.08 -21.07 -7.75
CA THR A 351 48.30 -21.27 -6.99
C THR A 351 48.89 -19.91 -6.65
N PHE A 352 49.21 -19.71 -5.37
CA PHE A 352 49.83 -18.51 -4.85
C PHE A 352 51.33 -18.75 -4.65
N GLY A 353 52.10 -17.68 -4.82
CA GLY A 353 53.51 -17.69 -4.55
C GLY A 353 53.89 -16.49 -3.70
N PHE A 354 53.97 -16.69 -2.39
CA PHE A 354 54.24 -15.61 -1.46
C PHE A 354 55.73 -15.52 -1.16
N THR A 355 56.14 -14.32 -0.70
CA THR A 355 57.46 -14.13 -0.14
C THR A 355 57.24 -13.64 1.30
N THR A 356 57.37 -12.36 1.55
CA THR A 356 57.04 -11.80 2.85
C THR A 356 55.61 -11.25 2.84
N PRO A 357 55.02 -11.04 4.02
CA PRO A 357 53.67 -10.47 4.06
C PRO A 357 53.60 -9.02 3.57
N SER A 358 54.73 -8.40 3.23
CA SER A 358 54.75 -7.05 2.69
C SER A 358 55.17 -7.00 1.23
N LYS A 359 55.45 -8.15 0.63
CA LYS A 359 55.91 -8.22 -0.76
C LYS A 359 54.85 -8.87 -1.64
N PRO A 360 54.93 -8.67 -2.96
CA PRO A 360 53.83 -9.10 -3.84
C PRO A 360 53.58 -10.59 -3.76
N ALA A 361 52.38 -10.98 -4.18
CA ALA A 361 51.98 -12.37 -4.28
C ALA A 361 51.59 -12.68 -5.72
N VAL A 362 52.03 -13.84 -6.21
CA VAL A 362 51.73 -14.29 -7.56
C VAL A 362 50.50 -15.19 -7.52
N LEU A 363 49.44 -14.77 -8.22
CA LEU A 363 48.27 -15.61 -8.43
C LEU A 363 48.31 -16.12 -9.86
N ARG A 364 48.28 -17.43 -10.03
CA ARG A 364 48.31 -17.98 -11.38
C ARG A 364 47.53 -19.28 -11.41
N PRO A 365 47.14 -19.75 -12.59
CA PRO A 365 46.48 -21.06 -12.68
C PRO A 365 47.40 -22.15 -12.16
N ALA A 366 46.80 -23.12 -11.47
CA ALA A 366 47.58 -24.24 -10.92
C ALA A 366 48.04 -25.16 -12.05
N THR A 367 49.26 -25.67 -11.91
CA THR A 367 49.85 -26.58 -12.88
C THR A 367 50.06 -27.95 -12.24
N GLU A 368 50.28 -28.95 -13.09
CA GLU A 368 50.55 -30.29 -12.59
C GLU A 368 51.79 -30.31 -11.70
N ALA A 369 52.79 -29.49 -12.05
CA ALA A 369 54.01 -29.45 -11.25
C ALA A 369 53.73 -29.02 -9.81
N ASP A 370 52.66 -28.24 -9.60
CA ASP A 370 52.38 -27.76 -8.25
C ASP A 370 51.89 -28.87 -7.34
N ALA A 371 51.28 -29.92 -7.91
CA ALA A 371 50.88 -31.07 -7.10
C ALA A 371 52.09 -31.82 -6.54
N ALA A 372 53.27 -31.61 -7.13
CA ALA A 372 54.50 -32.24 -6.65
C ALA A 372 55.27 -31.36 -5.69
N LEU A 373 54.76 -30.18 -5.36
CA LEU A 373 55.46 -29.28 -4.43
C LEU A 373 55.70 -29.97 -3.10
N ASN A 374 56.97 -30.16 -2.75
CA ASN A 374 57.34 -30.77 -1.49
C ASN A 374 58.67 -30.19 -1.04
N GLY A 375 58.80 -29.98 0.26
CA GLY A 375 59.98 -29.36 0.83
C GLY A 375 59.65 -27.99 1.41
N ASN A 376 60.70 -27.34 1.91
CA ASN A 376 60.58 -26.02 2.52
C ASN A 376 61.06 -24.91 1.60
N GLY A 377 61.30 -25.20 0.33
CA GLY A 377 61.71 -24.20 -0.62
C GLY A 377 63.18 -23.85 -0.52
N PRO A 378 63.60 -22.77 -1.19
CA PRO A 378 62.75 -21.89 -2.01
C PRO A 378 62.15 -22.60 -3.22
N PHE A 379 61.14 -21.97 -3.84
CA PHE A 379 60.42 -22.55 -4.96
C PHE A 379 60.59 -21.67 -6.19
N PRO A 380 61.19 -22.16 -7.28
CA PRO A 380 61.33 -21.30 -8.46
C PRO A 380 59.99 -20.87 -9.02
N ALA A 381 59.89 -19.60 -9.38
CA ALA A 381 58.67 -19.06 -9.97
C ALA A 381 58.44 -19.69 -11.33
N ALA A 382 57.34 -20.42 -11.48
CA ALA A 382 57.06 -21.12 -12.72
C ALA A 382 56.72 -20.15 -13.83
N GLU A 383 56.94 -20.58 -15.07
CA GLU A 383 56.52 -19.83 -16.24
C GLU A 383 55.05 -20.13 -16.51
N THR A 384 54.26 -19.08 -16.71
CA THR A 384 52.81 -19.22 -16.82
C THR A 384 52.27 -18.27 -17.89
N ASP A 385 51.16 -18.67 -18.51
CA ASP A 385 50.55 -17.85 -19.54
C ASP A 385 49.85 -16.64 -18.96
N TYR A 386 49.29 -16.75 -17.76
CA TYR A 386 48.65 -15.63 -17.10
C TYR A 386 49.20 -15.48 -15.69
N VAL A 387 49.55 -14.26 -15.32
CA VAL A 387 50.01 -13.94 -13.96
C VAL A 387 49.30 -12.67 -13.50
N TYR A 388 48.89 -12.67 -12.23
CA TYR A 388 48.20 -11.54 -11.60
C TYR A 388 48.94 -11.26 -10.30
N LEU A 389 49.86 -10.30 -10.33
CA LEU A 389 50.71 -9.98 -9.19
C LEU A 389 49.99 -8.96 -8.32
N LEU A 390 49.60 -9.37 -7.12
CA LEU A 390 48.85 -8.52 -6.21
C LEU A 390 49.75 -8.04 -5.07
N MET A 391 49.70 -6.74 -4.79
CA MET A 391 50.43 -6.21 -3.66
C MET A 391 49.59 -6.38 -2.38
N PRO A 392 50.21 -6.75 -1.26
CA PRO A 392 49.42 -7.01 -0.06
C PRO A 392 49.12 -5.72 0.70
N VAL A 393 48.28 -5.87 1.73
CA VAL A 393 47.93 -4.77 2.62
C VAL A 393 48.82 -4.85 3.86
N ARG A 394 49.42 -3.73 4.23
CA ARG A 394 50.24 -3.68 5.42
C ARG A 394 49.39 -3.91 6.67
N LEU A 395 49.89 -4.75 7.57
CA LEU A 395 49.21 -5.05 8.81
C LEU A 395 49.94 -4.43 10.01
N PRO A 396 49.22 -4.07 11.08
CA PRO A 396 49.87 -3.52 12.27
C PRO A 396 50.58 -4.58 13.10
N THR B 9 17.30 -15.41 29.47
CA THR B 9 17.71 -16.44 28.53
C THR B 9 18.08 -15.83 27.19
N ASP B 10 19.29 -16.13 26.71
CA ASP B 10 19.73 -15.67 25.41
C ASP B 10 19.21 -16.60 24.31
N LEU B 11 18.98 -16.03 23.13
CA LEU B 11 18.42 -16.80 22.03
C LEU B 11 19.46 -17.78 21.48
N LYS B 12 19.16 -19.07 21.54
CA LYS B 12 19.95 -20.10 20.91
C LYS B 12 19.01 -20.99 20.10
N VAL B 13 19.32 -21.16 18.81
CA VAL B 13 18.39 -21.82 17.90
C VAL B 13 19.16 -22.27 16.67
N ARG B 14 18.64 -23.32 16.02
CA ARG B 14 19.14 -23.81 14.74
C ARG B 14 18.03 -23.70 13.72
N LEU B 15 18.39 -23.28 12.50
CA LEU B 15 17.41 -23.06 11.45
C LEU B 15 17.91 -23.59 10.12
N VAL B 16 17.00 -23.72 9.17
CA VAL B 16 17.34 -24.12 7.81
C VAL B 16 17.80 -22.90 7.03
N ARG B 17 18.87 -23.07 6.26
CA ARG B 17 19.45 -21.95 5.52
C ARG B 17 18.41 -21.24 4.67
N ASP B 18 17.76 -21.98 3.76
CA ASP B 18 16.83 -21.34 2.83
C ASP B 18 15.68 -20.66 3.57
N ASP B 19 15.17 -21.29 4.63
CA ASP B 19 14.09 -20.67 5.39
C ASP B 19 14.54 -19.32 5.97
N PHE B 20 15.64 -19.33 6.72
CA PHE B 20 16.12 -18.11 7.35
C PHE B 20 16.50 -17.05 6.31
N ALA B 21 17.15 -17.48 5.22
CA ALA B 21 17.58 -16.53 4.20
C ALA B 21 16.41 -15.90 3.48
N ASP B 22 15.40 -16.70 3.14
CA ASP B 22 14.20 -16.15 2.51
C ASP B 22 13.50 -15.17 3.44
N ALA B 23 13.23 -15.60 4.67
CA ALA B 23 12.55 -14.73 5.62
C ALA B 23 13.29 -13.42 5.81
N VAL B 24 14.60 -13.49 6.08
CA VAL B 24 15.40 -12.28 6.23
C VAL B 24 15.35 -11.44 4.95
N ALA B 25 15.38 -12.10 3.79
CA ALA B 25 15.36 -11.37 2.53
C ALA B 25 14.07 -10.57 2.39
N TRP B 26 12.94 -11.20 2.69
CA TRP B 26 11.66 -10.50 2.59
C TRP B 26 11.56 -9.38 3.62
N VAL B 27 11.77 -9.71 4.89
CA VAL B 27 11.67 -8.71 5.95
C VAL B 27 12.63 -7.57 5.70
N ALA B 28 13.74 -7.83 5.01
CA ALA B 28 14.74 -6.79 4.76
C ALA B 28 14.30 -5.79 3.69
N ARG B 29 13.36 -6.16 2.82
CA ARG B 29 12.91 -5.22 1.80
C ARG B 29 12.20 -4.03 2.41
N SER B 30 11.42 -4.25 3.48
CA SER B 30 10.71 -3.17 4.14
C SER B 30 11.62 -2.32 5.04
N LEU B 31 12.88 -2.70 5.21
CA LEU B 31 13.77 -1.97 6.08
C LEU B 31 13.96 -0.54 5.57
N PRO B 32 14.12 0.43 6.47
CA PRO B 32 14.45 1.79 6.03
C PRO B 32 15.95 1.94 5.78
N SER B 33 16.29 2.66 4.73
CA SER B 33 17.68 2.93 4.40
C SER B 33 18.13 4.19 5.14
N ARG B 34 19.09 4.03 6.05
CA ARG B 34 19.58 5.13 6.87
C ARG B 34 18.43 5.81 7.61
N PRO B 35 17.74 5.10 8.49
CA PRO B 35 16.58 5.68 9.18
C PRO B 35 17.00 6.73 10.19
N THR B 36 16.01 7.55 10.58
CA THR B 36 16.26 8.58 11.59
C THR B 36 16.69 7.94 12.90
N VAL B 37 15.84 7.08 13.46
CA VAL B 37 16.15 6.39 14.71
C VAL B 37 17.00 5.17 14.39
N PRO B 38 18.22 5.06 14.94
CA PRO B 38 19.11 3.96 14.52
C PRO B 38 18.49 2.58 14.65
N VAL B 39 17.71 2.32 15.71
CA VAL B 39 17.20 0.97 15.92
C VAL B 39 16.34 0.52 14.75
N LEU B 40 15.72 1.47 14.03
CA LEU B 40 14.88 1.09 12.90
C LEU B 40 15.68 0.35 11.83
N ALA B 41 17.00 0.49 11.81
CA ALA B 41 17.84 -0.20 10.85
C ALA B 41 18.04 -1.67 11.20
N GLY B 42 17.51 -2.13 12.32
CA GLY B 42 17.72 -3.50 12.76
C GLY B 42 16.54 -4.40 12.50
N VAL B 43 16.84 -5.69 12.40
CA VAL B 43 15.83 -6.75 12.29
C VAL B 43 15.73 -7.44 13.64
N LEU B 44 14.49 -7.73 14.05
CA LEU B 44 14.22 -8.33 15.35
C LEU B 44 13.99 -9.82 15.19
N LEU B 45 14.75 -10.62 15.94
CA LEU B 45 14.63 -12.07 15.96
C LEU B 45 14.14 -12.49 17.33
N THR B 46 13.03 -13.23 17.36
CA THR B 46 12.43 -13.69 18.62
C THR B 46 12.04 -15.15 18.44
N GLY B 47 12.74 -16.05 19.12
CA GLY B 47 12.52 -17.49 18.98
C GLY B 47 11.84 -18.08 20.20
N SER B 48 10.86 -18.94 19.96
CA SER B 48 10.12 -19.59 21.02
C SER B 48 9.31 -20.74 20.44
N ASP B 49 9.06 -21.74 21.29
CA ASP B 49 8.15 -22.85 20.99
C ASP B 49 8.30 -23.34 19.56
N ASP B 50 9.52 -23.79 19.24
CA ASP B 50 9.82 -24.40 17.95
C ASP B 50 9.46 -23.45 16.80
N GLY B 51 9.89 -22.20 16.92
CA GLY B 51 9.65 -21.23 15.87
C GLY B 51 10.49 -20.00 16.08
N LEU B 52 10.72 -19.27 14.98
CA LEU B 52 11.45 -18.01 15.01
C LEU B 52 10.62 -16.93 14.33
N THR B 53 10.57 -15.76 14.96
CA THR B 53 9.84 -14.61 14.45
C THR B 53 10.84 -13.56 14.01
N ILE B 54 10.75 -13.13 12.75
CA ILE B 54 11.66 -12.16 12.16
C ILE B 54 10.84 -10.94 11.77
N SER B 55 11.23 -9.77 12.27
CA SER B 55 10.40 -8.58 12.17
C SER B 55 11.24 -7.37 11.76
N SER B 56 10.58 -6.45 11.04
CA SER B 56 11.14 -5.15 10.70
C SER B 56 10.02 -4.12 10.73
N PHE B 57 10.39 -2.86 10.93
CA PHE B 57 9.41 -1.81 11.14
C PHE B 57 10.07 -0.45 10.88
N ASP B 58 9.31 0.45 10.25
CA ASP B 58 9.80 1.80 10.01
C ASP B 58 8.72 2.86 10.25
N TYR B 59 7.72 2.55 11.08
CA TYR B 59 6.64 3.46 11.46
C TYR B 59 5.64 3.71 10.33
N GLU B 60 6.01 3.37 9.09
CA GLU B 60 5.10 3.44 7.96
C GLU B 60 4.65 2.07 7.48
N VAL B 61 5.58 1.12 7.39
CA VAL B 61 5.30 -0.24 6.95
C VAL B 61 5.99 -1.20 7.90
N SER B 62 5.32 -2.31 8.22
CA SER B 62 5.88 -3.33 9.08
C SER B 62 5.84 -4.68 8.36
N ALA B 63 6.86 -5.49 8.62
CA ALA B 63 6.97 -6.83 8.05
C ALA B 63 7.31 -7.81 9.17
N GLU B 64 6.53 -8.87 9.28
CA GLU B 64 6.74 -9.89 10.30
C GLU B 64 6.46 -11.25 9.70
N VAL B 65 7.43 -12.16 9.80
CA VAL B 65 7.29 -13.52 9.29
C VAL B 65 7.77 -14.50 10.35
N GLN B 66 7.18 -15.68 10.35
CA GLN B 66 7.53 -16.74 11.29
C GLN B 66 7.95 -17.98 10.52
N ILE B 67 9.03 -18.61 10.96
CA ILE B 67 9.56 -19.80 10.29
C ILE B 67 9.77 -20.90 11.32
N PRO B 68 9.88 -22.14 10.87
CA PRO B 68 10.26 -23.22 11.80
C PRO B 68 11.62 -22.95 12.42
N ALA B 69 11.87 -23.60 13.55
CA ALA B 69 13.10 -23.36 14.28
C ALA B 69 13.29 -24.43 15.33
N GLU B 70 14.52 -24.91 15.47
CA GLU B 70 14.90 -25.82 16.56
C GLU B 70 15.43 -24.96 17.70
N ILE B 71 14.57 -24.66 18.66
CA ILE B 71 14.94 -23.76 19.75
C ILE B 71 15.71 -24.54 20.81
N ALA B 72 16.90 -24.05 21.15
CA ALA B 72 17.64 -24.55 22.30
C ALA B 72 17.55 -23.62 23.50
N ALA B 73 17.18 -22.36 23.29
CA ALA B 73 17.01 -21.40 24.37
C ALA B 73 16.20 -20.21 23.87
N PRO B 74 14.92 -20.10 24.23
CA PRO B 74 14.12 -18.98 23.72
C PRO B 74 14.71 -17.63 24.12
N GLY B 75 14.62 -16.67 23.20
CA GLY B 75 15.16 -15.35 23.46
C GLY B 75 14.84 -14.40 22.33
N THR B 76 15.31 -13.17 22.48
CA THR B 76 15.09 -12.11 21.52
C THR B 76 16.38 -11.32 21.33
N VAL B 77 16.57 -10.80 20.12
CA VAL B 77 17.78 -10.06 19.79
C VAL B 77 17.47 -9.17 18.59
N LEU B 78 18.22 -8.08 18.46
CA LEU B 78 18.07 -7.12 17.37
C LEU B 78 19.43 -6.96 16.70
N VAL B 79 19.48 -7.25 15.40
CA VAL B 79 20.74 -7.21 14.66
C VAL B 79 20.57 -6.36 13.40
N SER B 80 21.67 -5.75 12.96
CA SER B 80 21.64 -4.90 11.78
C SER B 80 20.99 -5.63 10.61
N GLY B 81 19.92 -5.03 10.10
CA GLY B 81 19.11 -5.71 9.09
C GLY B 81 19.87 -5.92 7.78
N ARG B 82 20.41 -4.85 7.22
CA ARG B 82 21.11 -4.98 5.93
C ARG B 82 22.29 -5.94 6.05
N LEU B 83 23.05 -5.86 7.14
CA LEU B 83 24.18 -6.76 7.31
C LEU B 83 23.71 -8.21 7.44
N LEU B 84 22.64 -8.44 8.20
CA LEU B 84 22.09 -9.79 8.29
C LEU B 84 21.63 -10.28 6.92
N SER B 85 21.02 -9.40 6.12
CA SER B 85 20.57 -9.79 4.79
C SER B 85 21.74 -10.19 3.92
N GLU B 86 22.80 -9.37 3.90
CA GLU B 86 23.97 -9.70 3.11
C GLU B 86 24.60 -11.01 3.56
N ILE B 87 24.71 -11.22 4.87
CA ILE B 87 25.30 -12.45 5.39
C ILE B 87 24.44 -13.65 4.99
N THR B 88 23.16 -13.64 5.41
CA THR B 88 22.30 -14.77 5.11
C THR B 88 22.23 -15.08 3.62
N ARG B 89 22.38 -14.06 2.78
CA ARG B 89 22.30 -14.26 1.33
C ARG B 89 23.51 -15.01 0.78
N ALA B 90 24.61 -15.06 1.53
CA ALA B 90 25.84 -15.67 1.05
C ALA B 90 26.26 -16.90 1.83
N LEU B 91 25.39 -17.44 2.67
CA LEU B 91 25.77 -18.61 3.45
C LEU B 91 25.69 -19.88 2.61
N PRO B 92 26.48 -20.89 2.94
CA PRO B 92 26.35 -22.19 2.25
C PRO B 92 25.10 -22.92 2.72
N ASN B 93 24.64 -23.84 1.87
CA ASN B 93 23.40 -24.56 2.15
C ASN B 93 23.66 -25.62 3.22
N LYS B 94 23.82 -25.12 4.45
CA LYS B 94 24.00 -25.95 5.63
C LYS B 94 23.19 -25.33 6.76
N PRO B 95 22.95 -26.08 7.84
CA PRO B 95 22.19 -25.51 8.97
C PRO B 95 22.80 -24.21 9.45
N VAL B 96 21.95 -23.35 10.00
CA VAL B 96 22.35 -22.04 10.50
C VAL B 96 22.14 -22.04 12.01
N ASP B 97 23.24 -21.97 12.75
CA ASP B 97 23.21 -21.94 14.21
C ASP B 97 23.29 -20.49 14.67
N LEU B 98 22.26 -20.02 15.36
CA LEU B 98 22.18 -18.67 15.87
C LEU B 98 22.23 -18.73 17.39
N SER B 99 23.17 -18.00 17.98
CA SER B 99 23.39 -18.06 19.42
C SER B 99 23.81 -16.69 19.92
N VAL B 100 22.96 -16.07 20.73
CA VAL B 100 23.28 -14.78 21.34
C VAL B 100 24.14 -15.03 22.57
N GLU B 101 25.26 -14.33 22.68
CA GLU B 101 26.21 -14.53 23.77
C GLU B 101 26.68 -13.16 24.24
N GLY B 102 25.99 -12.62 25.25
CA GLY B 102 26.32 -11.32 25.78
C GLY B 102 25.89 -10.19 24.89
N THR B 103 26.85 -9.44 24.36
CA THR B 103 26.58 -8.29 23.50
C THR B 103 26.77 -8.60 22.02
N ARG B 104 26.90 -9.87 21.66
CA ARG B 104 27.12 -10.25 20.27
C ARG B 104 26.29 -11.47 19.92
N VAL B 105 25.98 -11.59 18.63
CA VAL B 105 25.27 -12.74 18.09
C VAL B 105 26.26 -13.58 17.30
N SER B 106 26.28 -14.88 17.57
CA SER B 106 27.11 -15.83 16.85
C SER B 106 26.26 -16.53 15.81
N LEU B 107 26.60 -16.37 14.54
CA LEU B 107 25.94 -17.03 13.43
C LEU B 107 26.94 -17.99 12.79
N THR B 108 26.61 -19.27 12.79
CA THR B 108 27.52 -20.31 12.30
C THR B 108 26.83 -21.12 11.21
N CYS B 109 27.51 -21.28 10.09
CA CYS B 109 26.97 -22.03 8.95
C CYS B 109 28.13 -22.65 8.19
N GLY B 110 28.18 -23.98 8.17
CA GLY B 110 29.29 -24.64 7.51
C GLY B 110 30.60 -24.33 8.22
N SER B 111 31.60 -23.94 7.45
CA SER B 111 32.87 -23.51 8.01
C SER B 111 32.95 -22.00 8.18
N ALA B 112 31.89 -21.27 7.83
CA ALA B 112 31.85 -19.82 7.98
C ALA B 112 31.29 -19.46 9.35
N ARG B 113 31.84 -18.40 9.95
CA ARG B 113 31.46 -17.98 11.29
C ARG B 113 31.40 -16.47 11.36
N PHE B 114 30.28 -15.95 11.85
CA PHE B 114 30.06 -14.51 11.98
C PHE B 114 29.72 -14.17 13.42
N SER B 115 30.23 -13.03 13.88
CA SER B 115 29.98 -12.52 15.24
C SER B 115 29.63 -11.04 15.13
N LEU B 116 28.35 -10.72 15.34
CA LEU B 116 27.88 -9.36 15.16
C LEU B 116 27.51 -8.73 16.50
N PRO B 117 27.58 -7.41 16.63
CA PRO B 117 27.15 -6.77 17.88
C PRO B 117 25.64 -6.59 17.90
N THR B 118 25.02 -6.98 19.01
CA THR B 118 23.58 -6.79 19.15
C THR B 118 23.26 -5.30 19.15
N MET B 119 21.96 -5.00 19.11
CA MET B 119 21.45 -3.64 19.16
C MET B 119 20.56 -3.49 20.38
N ALA B 120 20.22 -2.23 20.69
CA ALA B 120 19.39 -1.92 21.85
C ALA B 120 17.96 -2.39 21.63
N VAL B 121 17.68 -3.66 21.94
CA VAL B 121 16.34 -4.19 21.74
C VAL B 121 15.32 -3.41 22.57
N GLU B 122 15.76 -2.83 23.69
CA GLU B 122 14.84 -2.06 24.52
C GLU B 122 14.33 -0.82 23.79
N ASP B 123 15.22 -0.15 23.04
CA ASP B 123 14.84 1.04 22.30
C ASP B 123 13.99 0.72 21.07
N TYR B 124 13.86 -0.55 20.72
CA TYR B 124 13.12 -0.90 19.50
C TYR B 124 11.63 -0.70 19.74
N PRO B 125 10.92 -0.07 18.81
CA PRO B 125 9.48 0.15 19.02
C PRO B 125 8.68 -1.13 18.88
N ALA B 126 7.56 -1.17 19.60
CA ALA B 126 6.66 -2.31 19.49
C ALA B 126 5.97 -2.30 18.14
N LEU B 127 5.76 -3.48 17.56
CA LEU B 127 5.11 -3.55 16.26
C LEU B 127 3.63 -3.22 16.39
N PRO B 128 3.03 -2.63 15.36
CA PRO B 128 1.59 -2.34 15.42
C PRO B 128 0.79 -3.63 15.41
N GLU B 129 -0.26 -3.66 16.24
CA GLU B 129 -1.19 -4.77 16.23
C GLU B 129 -2.18 -4.59 15.07
N LEU B 130 -2.31 -5.63 14.25
CA LEU B 130 -3.18 -5.55 13.10
C LEU B 130 -4.64 -5.41 13.54
N PRO B 131 -5.46 -4.65 12.79
CA PRO B 131 -6.90 -4.64 13.07
C PRO B 131 -7.51 -6.01 12.87
N ALA B 132 -8.80 -6.15 13.18
CA ALA B 132 -9.49 -7.41 12.94
C ALA B 132 -9.50 -7.71 11.44
N GLU B 133 -9.37 -8.99 11.12
CA GLU B 133 -9.35 -9.41 9.72
C GLU B 133 -10.74 -9.24 9.12
N THR B 134 -10.83 -8.43 8.05
CA THR B 134 -12.11 -8.14 7.43
C THR B 134 -12.52 -9.22 6.43
N GLY B 135 -11.58 -9.67 5.60
CA GLY B 135 -11.93 -10.66 4.58
C GLY B 135 -10.70 -11.37 4.04
N SER B 136 -10.96 -12.24 3.06
CA SER B 136 -9.93 -13.05 2.44
C SER B 136 -10.13 -13.08 0.94
N VAL B 137 -9.04 -12.94 0.20
CA VAL B 137 -9.06 -12.90 -1.25
C VAL B 137 -8.13 -13.99 -1.78
N PRO B 138 -8.46 -14.63 -2.90
CA PRO B 138 -7.46 -15.50 -3.54
C PRO B 138 -6.19 -14.72 -3.88
N ALA B 139 -5.04 -15.32 -3.61
CA ALA B 139 -3.79 -14.60 -3.75
C ALA B 139 -3.54 -14.18 -5.19
N ASP B 140 -3.79 -15.06 -6.15
CA ASP B 140 -3.53 -14.72 -7.55
C ASP B 140 -4.49 -13.63 -8.03
N LEU B 141 -5.77 -13.74 -7.67
CA LEU B 141 -6.73 -12.70 -8.03
C LEU B 141 -6.34 -11.36 -7.42
N PHE B 142 -5.96 -11.36 -6.15
CA PHE B 142 -5.53 -10.13 -5.49
C PHE B 142 -4.32 -9.53 -6.19
N ALA B 143 -3.33 -10.36 -6.48
CA ALA B 143 -2.12 -9.87 -7.15
C ALA B 143 -2.46 -9.28 -8.51
N GLU B 144 -3.31 -9.95 -9.29
CA GLU B 144 -3.66 -9.44 -10.61
C GLU B 144 -4.40 -8.11 -10.50
N ALA B 145 -5.45 -8.08 -9.68
CA ALA B 145 -6.23 -6.84 -9.53
C ALA B 145 -5.33 -5.67 -9.15
N ILE B 146 -4.51 -5.85 -8.11
CA ILE B 146 -3.64 -4.77 -7.67
C ILE B 146 -2.68 -4.37 -8.78
N GLY B 147 -2.07 -5.35 -9.45
CA GLY B 147 -1.18 -5.03 -10.53
C GLY B 147 -1.87 -4.27 -11.65
N GLN B 148 -3.14 -4.58 -11.90
CA GLN B 148 -3.88 -3.91 -12.96
C GLN B 148 -4.17 -2.46 -12.60
N VAL B 149 -4.49 -2.19 -11.34
CA VAL B 149 -4.89 -0.84 -10.95
C VAL B 149 -3.69 0.04 -10.63
N ALA B 150 -2.66 -0.52 -9.99
CA ALA B 150 -1.56 0.29 -9.50
C ALA B 150 -0.88 1.08 -10.61
N VAL B 151 -0.88 0.55 -11.84
CA VAL B 151 -0.19 1.23 -12.93
CA VAL B 151 -0.19 1.23 -12.93
C VAL B 151 -0.76 2.64 -13.13
N ALA B 152 -2.01 2.85 -12.75
CA ALA B 152 -2.66 4.14 -12.92
C ALA B 152 -2.41 5.10 -11.75
N ALA B 153 -1.87 4.62 -10.65
CA ALA B 153 -1.63 5.48 -9.49
C ALA B 153 -0.52 6.48 -9.79
N GLY B 154 -0.58 7.61 -9.10
CA GLY B 154 0.51 8.57 -9.20
C GLY B 154 1.80 8.03 -8.61
N ARG B 155 2.92 8.51 -9.13
CA ARG B 155 4.24 8.04 -8.72
C ARG B 155 5.09 9.19 -8.17
N ASP B 156 4.44 10.23 -7.65
CA ASP B 156 5.10 11.46 -7.24
C ASP B 156 4.72 11.76 -5.81
N ASP B 157 5.69 11.64 -4.89
CA ASP B 157 5.40 11.88 -3.48
C ASP B 157 5.10 13.34 -3.19
N THR B 158 5.47 14.27 -4.08
CA THR B 158 5.08 15.65 -3.91
C THR B 158 3.59 15.85 -4.18
N LEU B 159 2.92 14.84 -4.74
CA LEU B 159 1.47 14.84 -4.94
C LEU B 159 0.92 13.57 -4.27
N PRO B 160 1.04 13.47 -2.95
CA PRO B 160 0.71 12.19 -2.29
C PRO B 160 -0.73 11.76 -2.46
N MET B 161 -1.67 12.70 -2.60
CA MET B 161 -3.08 12.31 -2.72
C MET B 161 -3.35 11.47 -3.96
N LEU B 162 -2.42 11.43 -4.91
CA LEU B 162 -2.56 10.62 -6.11
C LEU B 162 -1.85 9.27 -6.00
N THR B 163 -0.99 9.08 -5.00
CA THR B 163 -0.15 7.90 -4.91
C THR B 163 -0.85 6.72 -4.24
N GLY B 164 -2.17 6.73 -4.16
CA GLY B 164 -2.88 5.67 -3.47
C GLY B 164 -3.72 4.81 -4.37
N ILE B 165 -4.14 3.66 -3.84
CA ILE B 165 -5.15 2.80 -4.45
C ILE B 165 -6.36 2.85 -3.54
N ARG B 166 -7.49 3.31 -4.08
CA ARG B 166 -8.74 3.29 -3.32
C ARG B 166 -9.24 1.86 -3.21
N VAL B 167 -9.55 1.44 -1.99
CA VAL B 167 -10.09 0.12 -1.71
C VAL B 167 -11.50 0.32 -1.18
N GLU B 168 -12.49 -0.10 -1.97
CA GLU B 168 -13.89 -0.07 -1.55
C GLU B 168 -14.33 -1.49 -1.21
N ILE B 169 -14.96 -1.64 -0.05
CA ILE B 169 -15.50 -2.92 0.40
C ILE B 169 -17.01 -2.74 0.57
N SER B 170 -17.77 -3.62 -0.09
CA SER B 170 -19.24 -3.63 0.01
C SER B 170 -19.65 -5.10 0.02
N GLY B 171 -19.78 -5.65 1.22
CA GLY B 171 -20.11 -7.06 1.34
C GLY B 171 -19.04 -7.91 0.70
N ASP B 172 -19.46 -8.82 -0.18
CA ASP B 172 -18.53 -9.69 -0.90
C ASP B 172 -17.86 -8.99 -2.07
N ARG B 173 -18.22 -7.76 -2.36
CA ARG B 173 -17.65 -7.03 -3.50
C ARG B 173 -16.53 -6.11 -3.02
N MET B 174 -15.46 -6.06 -3.80
CA MET B 174 -14.34 -5.16 -3.57
C MET B 174 -14.04 -4.43 -4.86
N VAL B 175 -13.88 -3.11 -4.79
CA VAL B 175 -13.55 -2.28 -5.94
C VAL B 175 -12.24 -1.56 -5.65
N LEU B 176 -11.26 -1.77 -6.52
CA LEU B 176 -9.97 -1.11 -6.43
C LEU B 176 -9.88 -0.04 -7.50
N ALA B 177 -9.34 1.13 -7.14
CA ALA B 177 -9.23 2.23 -8.08
C ALA B 177 -7.91 2.94 -7.88
N ALA B 178 -7.48 3.67 -8.90
CA ALA B 178 -6.26 4.46 -8.83
C ALA B 178 -6.24 5.42 -10.00
N THR B 179 -5.58 6.55 -9.81
CA THR B 179 -5.52 7.57 -10.84
C THR B 179 -4.36 8.51 -10.58
N ASP B 180 -3.93 9.19 -11.64
CA ASP B 180 -2.93 10.25 -11.55
C ASP B 180 -3.42 11.52 -12.24
N ARG B 181 -4.74 11.66 -12.41
CA ARG B 181 -5.39 12.81 -13.04
C ARG B 181 -5.42 12.69 -14.56
N PHE B 182 -4.56 11.83 -15.13
CA PHE B 182 -4.54 11.62 -16.57
C PHE B 182 -5.04 10.25 -16.98
N ARG B 183 -5.16 9.31 -16.04
CA ARG B 183 -5.62 7.96 -16.32
C ARG B 183 -6.22 7.40 -15.05
N LEU B 184 -7.25 6.56 -15.22
CA LEU B 184 -7.97 5.95 -14.11
C LEU B 184 -8.06 4.45 -14.36
N ALA B 185 -7.70 3.65 -13.36
CA ALA B 185 -7.83 2.21 -13.43
C ALA B 185 -8.79 1.76 -12.34
N VAL B 186 -9.72 0.89 -12.69
CA VAL B 186 -10.71 0.38 -11.76
C VAL B 186 -10.88 -1.12 -12.00
N ARG B 187 -10.87 -1.89 -10.91
CA ARG B 187 -11.03 -3.34 -10.99
C ARG B 187 -12.04 -3.77 -9.92
N GLU B 188 -13.08 -4.46 -10.34
CA GLU B 188 -14.07 -5.04 -9.44
C GLU B 188 -13.77 -6.52 -9.27
N LEU B 189 -13.81 -6.99 -8.03
CA LEU B 189 -13.57 -8.39 -7.74
C LEU B 189 -14.43 -8.82 -6.56
N THR B 190 -14.49 -10.12 -6.34
CA THR B 190 -15.24 -10.71 -5.24
C THR B 190 -14.28 -11.35 -4.24
N TRP B 191 -14.60 -11.24 -2.96
CA TRP B 191 -13.79 -11.85 -1.91
C TRP B 191 -14.73 -12.48 -0.89
N THR B 192 -14.13 -13.27 0.01
CA THR B 192 -14.87 -13.94 1.07
C THR B 192 -14.70 -13.15 2.35
N THR B 193 -15.78 -12.52 2.81
CA THR B 193 -15.73 -11.71 4.02
C THR B 193 -15.62 -12.60 5.25
N LYS B 194 -14.79 -12.17 6.21
CA LYS B 194 -14.58 -12.90 7.45
C LYS B 194 -15.23 -12.22 8.64
N THR B 195 -16.14 -11.29 8.40
CA THR B 195 -16.80 -10.53 9.45
C THR B 195 -18.18 -10.14 8.97
N PRO B 196 -19.01 -9.57 9.85
CA PRO B 196 -20.30 -9.03 9.38
C PRO B 196 -20.08 -8.08 8.20
N ASP B 197 -21.08 -8.03 7.31
CA ASP B 197 -20.95 -7.25 6.09
C ASP B 197 -20.44 -5.86 6.40
N VAL B 198 -19.65 -5.31 5.46
CA VAL B 198 -19.01 -4.02 5.62
C VAL B 198 -19.33 -3.16 4.40
N GLU B 199 -19.34 -1.85 4.61
CA GLU B 199 -19.47 -0.86 3.53
C GLU B 199 -18.52 0.29 3.87
N ALA B 200 -17.26 0.15 3.46
CA ALA B 200 -16.23 1.11 3.82
C ALA B 200 -15.28 1.31 2.65
N ALA B 201 -14.55 2.43 2.68
CA ALA B 201 -13.57 2.76 1.68
C ALA B 201 -12.35 3.38 2.35
N VAL B 202 -11.16 2.95 1.91
CA VAL B 202 -9.90 3.50 2.38
C VAL B 202 -9.01 3.78 1.18
N LEU B 203 -7.86 4.39 1.46
CA LEU B 203 -6.87 4.74 0.44
C LEU B 203 -5.52 4.22 0.90
N VAL B 204 -4.98 3.24 0.20
CA VAL B 204 -3.74 2.58 0.61
C VAL B 204 -2.62 3.02 -0.32
N PRO B 205 -1.41 3.29 0.18
CA PRO B 205 -0.30 3.62 -0.74
C PRO B 205 -0.09 2.51 -1.76
N ALA B 206 -0.08 2.91 -3.04
CA ALA B 206 -0.02 1.93 -4.12
C ALA B 206 1.28 1.14 -4.09
N LYS B 207 2.41 1.82 -3.90
CA LYS B 207 3.69 1.13 -3.91
C LYS B 207 3.73 0.02 -2.86
N THR B 208 3.25 0.32 -1.65
CA THR B 208 3.25 -0.71 -0.61
C THR B 208 2.29 -1.83 -0.93
N LEU B 209 1.11 -1.51 -1.46
CA LEU B 209 0.13 -2.55 -1.77
C LEU B 209 0.63 -3.45 -2.90
N ALA B 210 1.18 -2.87 -3.96
CA ALA B 210 1.75 -3.68 -5.04
C ALA B 210 2.92 -4.51 -4.53
N GLU B 211 3.77 -3.93 -3.68
CA GLU B 211 4.86 -4.69 -3.07
C GLU B 211 4.31 -5.91 -2.35
N ALA B 212 3.24 -5.74 -1.57
CA ALA B 212 2.63 -6.87 -0.89
C ALA B 212 2.08 -7.88 -1.88
N ALA B 213 1.57 -7.41 -3.02
CA ALA B 213 1.01 -8.32 -4.01
C ALA B 213 2.09 -9.16 -4.67
N LYS B 214 3.26 -8.56 -4.92
CA LYS B 214 4.34 -9.29 -5.58
C LYS B 214 5.09 -10.19 -4.60
N THR B 215 5.59 -9.61 -3.51
CA THR B 215 6.49 -10.32 -2.60
C THR B 215 5.80 -10.87 -1.35
N GLY B 216 4.57 -10.46 -1.07
CA GLY B 216 3.94 -10.83 0.18
C GLY B 216 2.98 -11.98 0.11
N LEU B 217 2.63 -12.43 -1.11
CA LEU B 217 1.64 -13.48 -1.29
C LEU B 217 2.33 -14.83 -1.33
N ASP B 218 2.77 -15.28 -0.14
CA ASP B 218 3.48 -16.55 -0.04
C ASP B 218 2.53 -17.73 -0.21
N GLY B 219 1.28 -17.58 0.18
CA GLY B 219 0.30 -18.65 0.11
C GLY B 219 -0.67 -18.48 -1.04
N SER B 220 -1.81 -19.19 -0.94
CA SER B 220 -2.85 -19.13 -1.95
C SER B 220 -4.01 -18.22 -1.57
N GLU B 221 -4.13 -17.85 -0.31
CA GLU B 221 -5.15 -16.92 0.16
C GLU B 221 -4.49 -15.76 0.88
N VAL B 222 -5.18 -14.62 0.87
CA VAL B 222 -4.65 -13.37 1.43
C VAL B 222 -5.74 -12.72 2.26
N GLN B 223 -5.52 -12.62 3.56
CA GLN B 223 -6.46 -11.97 4.46
C GLN B 223 -6.09 -10.50 4.62
N LEU B 224 -7.08 -9.63 4.52
CA LEU B 224 -6.90 -8.20 4.70
C LEU B 224 -7.57 -7.77 6.00
N ALA B 225 -6.93 -6.87 6.74
CA ALA B 225 -7.39 -6.45 8.05
C ALA B 225 -7.56 -4.94 8.05
N LEU B 226 -8.81 -4.48 8.17
CA LEU B 226 -9.11 -3.07 8.29
C LEU B 226 -9.97 -2.73 9.50
N GLY B 227 -10.46 -3.71 10.23
CA GLY B 227 -11.35 -3.52 11.36
C GLY B 227 -12.58 -4.38 11.21
N ALA B 228 -13.62 -4.03 11.96
CA ALA B 228 -14.87 -4.76 11.93
C ALA B 228 -16.02 -3.82 12.26
N GLY B 229 -17.13 -3.99 11.56
CA GLY B 229 -18.31 -3.18 11.79
C GLY B 229 -18.11 -1.73 11.41
N PRO B 230 -18.36 -0.80 12.35
CA PRO B 230 -18.17 0.62 12.04
C PRO B 230 -16.73 1.07 12.15
N SER B 231 -15.86 0.31 12.82
CA SER B 231 -14.46 0.68 13.01
C SER B 231 -13.57 0.18 11.88
N VAL B 232 -14.10 0.09 10.65
CA VAL B 232 -13.30 -0.32 9.51
C VAL B 232 -12.59 0.91 8.95
N GLY B 233 -11.26 0.87 8.95
CA GLY B 233 -10.46 2.01 8.57
C GLY B 233 -10.24 3.02 9.67
N GLN B 234 -10.77 2.77 10.87
CA GLN B 234 -10.61 3.72 11.96
C GLN B 234 -9.18 3.74 12.48
N ASP B 235 -8.52 2.58 12.50
CA ASP B 235 -7.15 2.50 13.02
C ASP B 235 -6.13 3.20 12.13
N GLY B 236 -6.52 3.63 10.93
CA GLY B 236 -5.57 4.22 10.01
C GLY B 236 -4.50 3.26 9.55
N LEU B 237 -4.76 1.97 9.61
CA LEU B 237 -3.76 0.95 9.33
C LEU B 237 -4.40 -0.21 8.57
N LEU B 238 -3.65 -0.76 7.63
CA LEU B 238 -4.08 -1.94 6.88
C LEU B 238 -3.15 -3.10 7.18
N GLY B 239 -3.71 -4.22 7.62
CA GLY B 239 -2.97 -5.45 7.80
C GLY B 239 -3.15 -6.35 6.60
N ILE B 240 -2.10 -7.08 6.25
CA ILE B 240 -2.11 -8.00 5.12
C ILE B 240 -1.40 -9.27 5.56
N ARG B 241 -2.14 -10.38 5.63
CA ARG B 241 -1.63 -11.64 6.16
C ARG B 241 -1.71 -12.71 5.08
N SER B 242 -0.78 -13.65 5.15
CA SER B 242 -0.77 -14.80 4.27
C SER B 242 -0.24 -15.99 5.07
N GLU B 243 0.24 -17.03 4.38
CA GLU B 243 0.75 -18.21 5.06
C GLU B 243 2.13 -17.89 5.63
N GLY B 244 2.14 -17.30 6.82
CA GLY B 244 3.38 -17.03 7.52
C GLY B 244 3.74 -15.56 7.60
N LYS B 245 3.50 -14.82 6.52
CA LYS B 245 3.89 -13.42 6.43
C LYS B 245 2.71 -12.52 6.75
N ARG B 246 2.92 -11.56 7.64
CA ARG B 246 1.94 -10.53 7.92
C ARG B 246 2.63 -9.18 7.92
N SER B 247 2.03 -8.20 7.25
CA SER B 247 2.59 -6.86 7.13
C SER B 247 1.53 -5.84 7.47
N THR B 248 1.98 -4.60 7.70
CA THR B 248 1.09 -3.50 7.98
C THR B 248 1.54 -2.28 7.19
N THR B 249 0.57 -1.43 6.84
CA THR B 249 0.88 -0.20 6.11
C THR B 249 -0.07 0.90 6.57
N ARG B 250 0.48 2.08 6.84
CA ARG B 250 -0.35 3.22 7.20
C ARG B 250 -1.22 3.64 6.02
N LEU B 251 -2.46 4.01 6.32
CA LEU B 251 -3.37 4.47 5.28
C LEU B 251 -3.09 5.93 4.95
N LEU B 252 -3.58 6.35 3.79
CA LEU B 252 -3.46 7.73 3.33
C LEU B 252 -4.71 8.50 3.70
N ASP B 253 -4.54 9.64 4.37
CA ASP B 253 -5.65 10.50 4.75
C ASP B 253 -5.84 11.53 3.63
N ALA B 254 -6.47 11.09 2.55
CA ALA B 254 -6.75 11.95 1.42
C ALA B 254 -8.01 11.44 0.72
N GLU B 255 -8.71 12.35 0.07
CA GLU B 255 -9.95 12.02 -0.62
C GLU B 255 -9.66 11.55 -2.03
N PHE B 256 -10.34 10.48 -2.44
CA PHE B 256 -10.19 10.00 -3.81
C PHE B 256 -11.28 10.61 -4.68
N PRO B 257 -10.97 10.98 -5.93
CA PRO B 257 -11.98 11.61 -6.78
C PRO B 257 -13.21 10.73 -6.94
N LYS B 258 -14.27 11.32 -7.47
CA LYS B 258 -15.49 10.60 -7.83
C LYS B 258 -15.32 10.12 -9.28
N PHE B 259 -15.12 8.81 -9.46
CA PHE B 259 -14.76 8.25 -10.75
C PHE B 259 -15.91 7.59 -11.48
N ARG B 260 -16.88 7.04 -10.75
CA ARG B 260 -18.04 6.43 -11.41
C ARG B 260 -18.69 7.39 -12.40
N GLN B 261 -18.62 8.69 -12.13
CA GLN B 261 -19.26 9.68 -12.98
CA GLN B 261 -19.25 9.68 -12.99
C GLN B 261 -18.48 9.95 -14.27
N LEU B 262 -17.17 9.67 -14.28
CA LEU B 262 -16.36 9.86 -15.47
C LEU B 262 -16.39 8.67 -16.41
N LEU B 263 -16.84 7.51 -15.94
CA LEU B 263 -16.89 6.32 -16.79
C LEU B 263 -18.05 6.44 -17.78
N PRO B 264 -17.79 6.54 -19.08
CA PRO B 264 -18.89 6.73 -20.03
C PRO B 264 -19.85 5.55 -20.01
N THR B 265 -21.12 5.86 -20.29
CA THR B 265 -22.15 4.83 -20.44
C THR B 265 -22.42 4.48 -21.89
N GLU B 266 -22.07 5.35 -22.82
CA GLU B 266 -22.20 5.06 -24.25
C GLU B 266 -20.97 5.59 -24.97
N HIS B 267 -20.73 5.02 -26.16
CA HIS B 267 -19.58 5.38 -26.98
C HIS B 267 -20.06 5.67 -28.40
N THR B 268 -19.54 6.75 -28.98
CA THR B 268 -19.85 7.07 -30.37
C THR B 268 -19.07 6.19 -31.34
N ALA B 269 -17.85 5.81 -30.98
CA ALA B 269 -17.01 4.95 -31.80
C ALA B 269 -16.45 3.83 -30.95
N MET B 270 -15.98 2.78 -31.62
CA MET B 270 -15.40 1.63 -30.93
C MET B 270 -14.40 0.95 -31.86
N ALA B 271 -13.31 0.48 -31.28
CA ALA B 271 -12.22 -0.13 -32.04
C ALA B 271 -11.68 -1.32 -31.26
N THR B 272 -11.77 -2.51 -31.85
CA THR B 272 -11.22 -3.72 -31.26
C THR B 272 -9.98 -4.12 -32.05
N ILE B 273 -8.91 -4.47 -31.34
CA ILE B 273 -7.64 -4.81 -31.97
C ILE B 273 -6.82 -5.64 -30.98
N GLY B 274 -5.82 -6.33 -31.50
CA GLY B 274 -5.01 -7.21 -30.66
C GLY B 274 -4.01 -6.44 -29.81
N VAL B 275 -3.88 -6.87 -28.56
CA VAL B 275 -3.01 -6.17 -27.61
C VAL B 275 -1.55 -6.22 -28.08
N GLY B 276 -1.04 -7.42 -28.32
CA GLY B 276 0.35 -7.54 -28.72
C GLY B 276 0.68 -6.71 -29.94
N GLU B 277 -0.12 -6.85 -31.00
CA GLU B 277 0.10 -6.07 -32.21
C GLU B 277 0.14 -4.58 -31.90
N LEU B 278 -0.93 -4.07 -31.28
CA LEU B 278 -1.01 -2.65 -31.00
C LEU B 278 0.16 -2.18 -30.15
N THR B 279 0.48 -2.95 -29.09
CA THR B 279 1.59 -2.57 -28.22
C THR B 279 2.89 -2.44 -29.02
N GLU B 280 3.25 -3.48 -29.77
CA GLU B 280 4.48 -3.43 -30.55
C GLU B 280 4.49 -2.22 -31.48
N ALA B 281 3.38 -1.97 -32.16
CA ALA B 281 3.33 -0.84 -33.09
C ALA B 281 3.52 0.48 -32.36
N ILE B 282 2.81 0.66 -31.24
CA ILE B 282 2.95 1.90 -30.47
C ILE B 282 4.41 2.10 -30.07
N LYS B 283 5.03 1.07 -29.50
CA LYS B 283 6.41 1.18 -29.08
C LYS B 283 7.35 1.43 -30.26
N ARG B 284 6.96 1.02 -31.47
CA ARG B 284 7.81 1.25 -32.64
C ARG B 284 7.69 2.70 -33.11
N VAL B 285 6.47 3.18 -33.29
CA VAL B 285 6.27 4.55 -33.77
C VAL B 285 6.70 5.56 -32.72
N ALA B 286 6.56 5.23 -31.43
CA ALA B 286 6.92 6.16 -30.37
C ALA B 286 8.41 6.45 -30.31
N LEU B 287 9.23 5.70 -31.05
CA LEU B 287 10.67 5.94 -31.01
C LEU B 287 11.03 7.35 -31.44
N VAL B 288 10.21 7.97 -32.29
CA VAL B 288 10.48 9.31 -32.78
C VAL B 288 9.67 10.39 -32.05
N ALA B 289 8.80 9.99 -31.13
CA ALA B 289 8.06 10.97 -30.35
C ALA B 289 9.02 11.70 -29.40
N ASP B 290 8.62 12.92 -29.03
CA ASP B 290 9.44 13.78 -28.16
C ASP B 290 9.21 13.38 -26.71
N ARG B 291 9.93 12.35 -26.28
CA ARG B 291 9.85 11.83 -24.92
C ARG B 291 8.40 11.55 -24.53
N GLY B 292 7.86 10.52 -25.17
CA GLY B 292 6.48 10.16 -24.93
C GLY B 292 5.52 11.31 -25.14
N ALA B 293 5.81 12.16 -26.12
CA ALA B 293 4.96 13.31 -26.40
C ALA B 293 3.54 12.83 -26.68
N GLN B 294 3.34 12.10 -27.77
CA GLN B 294 2.01 11.64 -28.14
C GLN B 294 2.12 10.70 -29.33
N VAL B 295 1.13 9.81 -29.44
CA VAL B 295 0.92 8.97 -30.61
C VAL B 295 -0.45 9.33 -31.18
N ARG B 296 -0.51 9.47 -32.50
CA ARG B 296 -1.73 9.82 -33.20
CA ARG B 296 -1.74 9.82 -33.20
C ARG B 296 -2.38 8.55 -33.76
N MET B 297 -3.63 8.32 -33.37
CA MET B 297 -4.42 7.18 -33.83
C MET B 297 -5.52 7.70 -34.73
N GLU B 298 -5.51 7.26 -36.00
CA GLU B 298 -6.51 7.67 -36.99
C GLU B 298 -7.30 6.44 -37.38
N PHE B 299 -8.53 6.35 -36.88
CA PHE B 299 -9.41 5.21 -37.13
C PHE B 299 -10.33 5.52 -38.30
N ALA B 300 -10.37 4.62 -39.28
CA ALA B 300 -11.24 4.77 -40.44
C ALA B 300 -11.26 3.49 -41.26
N ASP B 301 -12.46 2.99 -41.56
CA ASP B 301 -12.64 1.83 -42.44
C ASP B 301 -11.82 0.64 -41.98
N ASP B 302 -11.97 0.29 -40.71
CA ASP B 302 -11.33 -0.89 -40.14
C ASP B 302 -9.82 -0.88 -40.37
N VAL B 303 -9.22 0.31 -40.27
CA VAL B 303 -7.78 0.46 -40.35
C VAL B 303 -7.34 1.51 -39.35
N LEU B 304 -6.35 1.18 -38.54
CA LEU B 304 -5.79 2.09 -37.55
C LEU B 304 -4.46 2.61 -38.08
N HIS B 305 -4.40 3.91 -38.40
CA HIS B 305 -3.19 4.56 -38.85
CA HIS B 305 -3.19 4.56 -38.85
C HIS B 305 -2.51 5.21 -37.65
N LEU B 306 -1.40 4.63 -37.21
CA LEU B 306 -0.61 5.19 -36.12
C LEU B 306 0.47 6.09 -36.70
N SER B 307 0.77 7.18 -36.01
CA SER B 307 1.83 8.07 -36.46
C SER B 307 2.36 8.86 -35.27
N ALA B 308 3.54 9.45 -35.46
CA ALA B 308 4.17 10.26 -34.43
C ALA B 308 5.43 10.88 -35.00
N GLY B 309 5.98 11.83 -34.27
CA GLY B 309 7.30 12.36 -34.54
C GLY B 309 7.24 13.76 -35.14
N ALA B 310 8.35 14.47 -34.97
CA ALA B 310 8.56 15.79 -35.58
C ALA B 310 9.48 15.67 -36.78
N ASP B 311 9.60 16.77 -37.53
CA ASP B 311 10.47 16.79 -38.69
C ASP B 311 11.93 17.07 -38.34
N ASP B 312 12.23 17.35 -37.07
CA ASP B 312 13.60 17.58 -36.64
C ASP B 312 14.26 16.31 -36.11
N VAL B 313 13.47 15.40 -35.52
CA VAL B 313 13.98 14.13 -35.04
C VAL B 313 13.63 13.03 -36.03
N GLY B 314 12.46 13.15 -36.67
CA GLY B 314 11.96 12.12 -37.55
C GLY B 314 10.50 11.82 -37.28
N ARG B 315 9.80 11.23 -38.24
CA ARG B 315 8.41 10.87 -38.08
C ARG B 315 8.20 9.43 -38.54
N ALA B 316 7.28 8.74 -37.87
CA ALA B 316 7.02 7.34 -38.13
C ALA B 316 5.53 7.11 -38.22
N GLU B 317 5.13 6.09 -38.99
CA GLU B 317 3.73 5.72 -39.09
C GLU B 317 3.63 4.24 -39.43
N GLU B 318 2.47 3.67 -39.12
CA GLU B 318 2.25 2.24 -39.31
C GLU B 318 0.75 1.98 -39.30
N ASP B 319 0.30 1.08 -40.17
CA ASP B 319 -1.10 0.74 -40.31
C ASP B 319 -1.37 -0.64 -39.72
N LEU B 320 -2.50 -0.76 -39.01
CA LEU B 320 -2.89 -2.02 -38.39
C LEU B 320 -4.33 -2.33 -38.72
N PRO B 321 -4.64 -3.56 -39.14
CA PRO B 321 -6.05 -3.95 -39.27
C PRO B 321 -6.76 -3.88 -37.93
N VAL B 322 -7.98 -3.31 -37.95
CA VAL B 322 -8.74 -3.08 -36.73
C VAL B 322 -10.22 -3.27 -37.04
N SER B 323 -10.95 -3.78 -36.05
CA SER B 323 -12.41 -3.88 -36.15
C SER B 323 -12.97 -2.59 -35.57
N PHE B 324 -13.20 -1.61 -36.45
CA PHE B 324 -13.66 -0.29 -36.06
C PHE B 324 -15.11 -0.10 -36.49
N SER B 325 -15.99 0.18 -35.54
CA SER B 325 -17.38 0.51 -35.79
C SER B 325 -17.68 1.89 -35.24
N GLY B 326 -18.39 2.69 -36.01
CA GLY B 326 -18.76 4.03 -35.61
C GLY B 326 -18.21 5.07 -36.57
N GLU B 327 -18.24 6.32 -36.14
CA GLU B 327 -17.80 7.42 -36.98
C GLU B 327 -16.27 7.52 -36.98
N PRO B 328 -15.67 7.82 -38.12
CA PRO B 328 -14.20 7.95 -38.16
C PRO B 328 -13.70 8.91 -37.09
N LEU B 329 -12.48 8.66 -36.61
CA LEU B 329 -11.95 9.40 -35.48
C LEU B 329 -10.45 9.59 -35.62
N THR B 330 -9.96 10.68 -35.04
CA THR B 330 -8.52 10.95 -34.97
C THR B 330 -8.23 11.42 -33.55
N ILE B 331 -7.61 10.57 -32.75
CA ILE B 331 -7.39 10.84 -31.33
C ILE B 331 -5.95 10.46 -30.97
N ALA B 332 -5.37 11.22 -30.05
CA ALA B 332 -3.97 11.05 -29.68
C ALA B 332 -3.86 10.72 -28.19
N PHE B 333 -2.79 10.02 -27.85
CA PHE B 333 -2.57 9.59 -26.47
C PHE B 333 -1.08 9.61 -26.14
N ASN B 334 -0.78 9.59 -24.86
CA ASN B 334 0.59 9.42 -24.41
C ASN B 334 1.01 7.97 -24.64
N PRO B 335 2.14 7.71 -25.31
CA PRO B 335 2.50 6.31 -25.58
C PRO B 335 2.62 5.48 -24.32
N GLY B 336 3.30 6.00 -23.30
CA GLY B 336 3.49 5.25 -22.07
C GLY B 336 2.17 4.93 -21.39
N TYR B 337 1.32 5.94 -21.22
CA TYR B 337 0.01 5.71 -20.60
C TYR B 337 -0.78 4.69 -21.41
N LEU B 338 -0.69 4.75 -22.74
CA LEU B 338 -1.42 3.81 -23.59
C LEU B 338 -0.92 2.39 -23.37
N THR B 339 0.40 2.18 -23.48
CA THR B 339 0.94 0.83 -23.29
C THR B 339 0.73 0.36 -21.85
N ASP B 340 0.71 1.28 -20.89
CA ASP B 340 0.42 0.90 -19.51
C ASP B 340 -0.99 0.33 -19.40
N GLY B 341 -1.97 0.99 -20.02
CA GLY B 341 -3.32 0.44 -20.04
C GLY B 341 -3.38 -0.90 -20.75
N LEU B 342 -2.82 -0.97 -21.96
CA LEU B 342 -2.86 -2.22 -22.71
C LEU B 342 -2.22 -3.36 -21.93
N GLY B 343 -1.16 -3.07 -21.18
CA GLY B 343 -0.48 -4.11 -20.42
C GLY B 343 -1.21 -4.57 -19.18
N ALA B 344 -2.27 -3.88 -18.80
CA ALA B 344 -3.05 -4.26 -17.62
C ALA B 344 -4.31 -5.04 -17.98
N LEU B 345 -4.64 -5.15 -19.27
CA LEU B 345 -5.87 -5.83 -19.66
C LEU B 345 -5.77 -7.33 -19.44
N HIS B 346 -4.60 -7.91 -19.71
CA HIS B 346 -4.39 -9.35 -19.55
C HIS B 346 -5.34 -10.16 -20.42
N SER B 347 -5.70 -9.61 -21.59
CA SER B 347 -6.54 -10.28 -22.56
C SER B 347 -5.86 -10.24 -23.91
N GLU B 348 -6.32 -11.10 -24.82
CA GLU B 348 -5.72 -11.14 -26.15
C GLU B 348 -6.03 -9.86 -26.92
N ARG B 349 -7.27 -9.39 -26.86
CA ARG B 349 -7.73 -8.25 -27.63
C ARG B 349 -8.23 -7.14 -26.71
N VAL B 350 -8.02 -5.91 -27.15
CA VAL B 350 -8.48 -4.72 -26.43
C VAL B 350 -9.61 -4.09 -27.24
N THR B 351 -10.56 -3.51 -26.51
CA THR B 351 -11.67 -2.76 -27.11
C THR B 351 -11.62 -1.33 -26.57
N PHE B 352 -11.50 -0.37 -27.48
CA PHE B 352 -11.57 1.05 -27.16
C PHE B 352 -13.00 1.54 -27.27
N GLY B 353 -13.36 2.48 -26.40
CA GLY B 353 -14.65 3.13 -26.45
C GLY B 353 -14.47 4.63 -26.46
N PHE B 354 -14.43 5.21 -27.65
CA PHE B 354 -14.16 6.63 -27.81
C PHE B 354 -15.45 7.44 -27.78
N THR B 355 -15.32 8.71 -27.43
CA THR B 355 -16.39 9.69 -27.60
C THR B 355 -15.90 10.75 -28.59
N THR B 356 -15.29 11.82 -28.08
CA THR B 356 -14.67 12.85 -28.89
C THR B 356 -13.15 12.84 -28.69
N PRO B 357 -12.38 13.36 -29.64
CA PRO B 357 -10.92 13.39 -29.46
C PRO B 357 -10.45 14.10 -28.20
N SER B 358 -11.33 14.84 -27.51
CA SER B 358 -10.96 15.60 -26.32
C SER B 358 -11.61 15.06 -25.05
N LYS B 359 -12.11 13.82 -25.08
CA LYS B 359 -12.72 13.21 -23.92
C LYS B 359 -12.16 11.82 -23.70
N PRO B 360 -12.30 11.26 -22.50
CA PRO B 360 -11.62 10.01 -22.18
C PRO B 360 -12.04 8.88 -23.09
N ALA B 361 -11.14 7.91 -23.25
CA ALA B 361 -11.39 6.66 -23.97
C ALA B 361 -11.35 5.51 -22.97
N VAL B 362 -12.11 4.46 -23.26
CA VAL B 362 -12.25 3.32 -22.36
C VAL B 362 -11.52 2.15 -22.99
N LEU B 363 -10.31 1.88 -22.52
CA LEU B 363 -9.64 0.62 -22.86
C LEU B 363 -10.17 -0.48 -21.94
N ARG B 364 -10.62 -1.58 -22.52
CA ARG B 364 -11.07 -2.69 -21.70
C ARG B 364 -10.85 -3.99 -22.46
N PRO B 365 -10.84 -5.12 -21.78
CA PRO B 365 -10.68 -6.41 -22.49
C PRO B 365 -11.82 -6.62 -23.47
N ALA B 366 -11.51 -7.25 -24.59
CA ALA B 366 -12.51 -7.52 -25.60
C ALA B 366 -13.49 -8.57 -25.10
N THR B 367 -14.77 -8.38 -25.44
CA THR B 367 -15.83 -9.32 -25.09
C THR B 367 -16.47 -9.85 -26.36
N GLU B 368 -17.12 -11.01 -26.24
CA GLU B 368 -17.77 -11.62 -27.39
C GLU B 368 -18.85 -10.72 -27.97
N ALA B 369 -19.52 -9.94 -27.12
CA ALA B 369 -20.58 -9.06 -27.59
C ALA B 369 -20.06 -7.96 -28.51
N ASP B 370 -18.76 -7.69 -28.49
CA ASP B 370 -18.20 -6.63 -29.33
C ASP B 370 -18.07 -7.08 -30.78
N ALA B 371 -17.67 -8.33 -31.01
CA ALA B 371 -17.63 -8.87 -32.36
C ALA B 371 -18.98 -8.69 -33.05
N ALA B 372 -20.07 -8.71 -32.29
CA ALA B 372 -21.40 -8.58 -32.87
C ALA B 372 -21.72 -7.14 -33.25
N LEU B 373 -21.59 -6.22 -32.30
CA LEU B 373 -21.99 -4.84 -32.55
C LEU B 373 -21.27 -4.29 -33.77
N ASN B 374 -22.06 -3.72 -34.69
CA ASN B 374 -21.50 -3.09 -35.89
C ASN B 374 -22.60 -2.20 -36.48
N GLY B 375 -22.30 -0.92 -36.62
CA GLY B 375 -23.29 0.01 -37.13
C GLY B 375 -22.74 1.41 -37.14
N ASN B 376 -23.64 2.39 -37.12
CA ASN B 376 -23.27 3.78 -37.08
C ASN B 376 -23.19 4.33 -35.65
N GLY B 377 -23.72 3.61 -34.67
CA GLY B 377 -23.73 4.08 -33.31
C GLY B 377 -24.97 4.89 -33.01
N PRO B 378 -25.11 5.33 -31.74
CA PRO B 378 -24.15 5.11 -30.65
C PRO B 378 -24.21 3.68 -30.10
N PHE B 379 -23.17 3.28 -29.36
CA PHE B 379 -23.08 1.95 -28.81
C PHE B 379 -23.08 2.00 -27.28
N PRO B 380 -23.74 1.05 -26.62
CA PRO B 380 -23.76 1.06 -25.14
C PRO B 380 -22.49 0.47 -24.56
N ALA B 381 -22.07 1.04 -23.43
CA ALA B 381 -20.87 0.57 -22.76
C ALA B 381 -21.11 -0.82 -22.18
N ALA B 382 -20.14 -1.71 -22.36
CA ALA B 382 -20.23 -3.08 -21.88
C ALA B 382 -19.78 -3.16 -20.42
N GLU B 383 -20.37 -4.11 -19.69
CA GLU B 383 -19.96 -4.37 -18.31
C GLU B 383 -18.67 -5.18 -18.31
N THR B 384 -17.69 -4.73 -17.53
CA THR B 384 -16.40 -5.39 -17.48
C THR B 384 -15.81 -5.22 -16.08
N ASP B 385 -15.10 -6.25 -15.62
CA ASP B 385 -14.53 -6.22 -14.28
C ASP B 385 -13.42 -5.17 -14.17
N TYR B 386 -12.60 -5.04 -15.21
CA TYR B 386 -11.52 -4.07 -15.23
C TYR B 386 -11.77 -3.03 -16.31
N VAL B 387 -11.42 -1.78 -16.02
CA VAL B 387 -11.53 -0.69 -16.98
C VAL B 387 -10.36 0.25 -16.75
N TYR B 388 -9.86 0.83 -17.85
CA TYR B 388 -8.70 1.72 -17.85
C TYR B 388 -9.05 2.95 -18.67
N LEU B 389 -9.57 3.97 -18.02
CA LEU B 389 -9.91 5.23 -18.68
C LEU B 389 -8.64 6.06 -18.85
N LEU B 390 -8.44 6.58 -20.06
CA LEU B 390 -7.25 7.34 -20.40
C LEU B 390 -7.64 8.66 -21.04
N MET B 391 -7.15 9.77 -20.48
CA MET B 391 -7.43 11.06 -21.08
C MET B 391 -6.58 11.26 -22.33
N PRO B 392 -7.16 11.77 -23.41
CA PRO B 392 -6.40 11.95 -24.65
C PRO B 392 -5.52 13.20 -24.58
N VAL B 393 -4.77 13.41 -25.66
CA VAL B 393 -3.88 14.55 -25.79
C VAL B 393 -4.44 15.49 -26.85
N ARG B 394 -4.37 16.78 -26.57
CA ARG B 394 -4.87 17.79 -27.51
C ARG B 394 -4.02 17.82 -28.76
N LEU B 395 -4.67 17.79 -29.94
CA LEU B 395 -3.95 17.88 -31.20
C LEU B 395 -3.85 19.32 -31.66
N PRO B 396 -2.81 19.66 -32.46
CA PRO B 396 -2.63 21.04 -32.94
C PRO B 396 -3.88 21.66 -33.56
N GLN C 1 47.45 -0.16 2.18
CA GLN C 1 47.74 -0.71 0.86
C GLN C 1 49.10 -0.23 0.35
N GLU C 2 49.97 -1.18 0.05
CA GLU C 2 51.28 -0.88 -0.53
C GLU C 2 51.19 -0.91 -2.05
N SER C 3 52.24 -0.42 -2.70
CA SER C 3 52.29 -0.32 -4.15
C SER C 3 53.46 -1.14 -4.68
N LEU C 4 53.18 -1.94 -5.72
CA LEU C 4 54.26 -2.63 -6.43
C LEU C 4 55.32 -1.62 -6.89
N PHE C 5 54.88 -0.43 -7.27
CA PHE C 5 55.74 0.63 -7.75
C PHE C 5 54.93 1.93 -7.70
N ALA C 6 55.59 3.04 -8.01
CA ALA C 6 54.90 4.33 -8.09
C ALA C 6 55.82 5.41 -8.64
N GLN D 1 -1.61 17.45 -22.89
CA GLN D 1 -2.27 16.46 -22.05
C GLN D 1 -3.37 17.11 -21.19
N GLU D 2 -4.60 16.67 -21.39
CA GLU D 2 -5.72 17.06 -20.56
C GLU D 2 -5.80 16.13 -19.35
N SER D 3 -6.68 16.46 -18.41
CA SER D 3 -6.80 15.71 -17.17
C SER D 3 -8.25 15.27 -16.95
N LEU D 4 -8.39 14.20 -16.16
CA LEU D 4 -9.73 13.72 -15.80
C LEU D 4 -10.33 14.56 -14.69
N PHE D 5 -9.53 14.95 -13.69
CA PHE D 5 -9.97 15.80 -12.60
C PHE D 5 -8.85 16.77 -12.25
N ALA D 6 -9.13 17.66 -11.31
CA ALA D 6 -8.18 18.69 -10.91
C ALA D 6 -7.29 18.27 -9.76
N THR E 9 13.98 10.33 43.86
CA THR E 9 12.83 10.18 44.75
C THR E 9 11.69 9.46 44.05
N ASP E 10 11.18 8.41 44.68
CA ASP E 10 10.07 7.64 44.13
C ASP E 10 8.76 8.39 44.41
N LEU E 11 8.10 8.84 43.35
CA LEU E 11 6.85 9.57 43.51
C LEU E 11 5.78 8.69 44.12
N LYS E 12 5.08 9.24 45.12
CA LYS E 12 3.90 8.59 45.70
C LYS E 12 2.82 9.63 45.84
N VAL E 13 1.74 9.47 45.10
CA VAL E 13 0.68 10.47 45.01
C VAL E 13 -0.68 9.78 45.03
N ARG E 14 -1.67 10.50 45.57
CA ARG E 14 -3.05 10.05 45.56
C ARG E 14 -3.89 11.07 44.81
N LEU E 15 -4.71 10.60 43.87
CA LEU E 15 -5.47 11.47 43.00
C LEU E 15 -6.95 11.07 43.02
N VAL E 16 -7.77 11.86 42.33
CA VAL E 16 -9.20 11.61 42.20
C VAL E 16 -9.45 11.03 40.81
N ARG E 17 -10.44 10.12 40.74
CA ARG E 17 -10.75 9.46 39.48
C ARG E 17 -11.07 10.48 38.39
N ASP E 18 -12.13 11.27 38.60
CA ASP E 18 -12.59 12.16 37.55
C ASP E 18 -11.49 13.13 37.10
N ASP E 19 -10.72 13.66 38.05
CA ASP E 19 -9.67 14.61 37.70
C ASP E 19 -8.56 13.93 36.89
N PHE E 20 -7.98 12.86 37.44
CA PHE E 20 -6.86 12.21 36.77
C PHE E 20 -7.31 11.62 35.43
N ALA E 21 -8.53 11.10 35.37
CA ALA E 21 -9.03 10.51 34.13
C ALA E 21 -9.26 11.59 33.07
N ASP E 22 -9.93 12.69 33.45
CA ASP E 22 -10.18 13.75 32.49
C ASP E 22 -8.88 14.39 32.01
N ALA E 23 -7.93 14.58 32.92
CA ALA E 23 -6.65 15.18 32.54
C ALA E 23 -5.87 14.26 31.62
N VAL E 24 -5.73 12.99 32.01
CA VAL E 24 -5.06 12.02 31.15
C VAL E 24 -5.74 11.94 29.79
N ALA E 25 -7.07 12.07 29.78
CA ALA E 25 -7.81 11.98 28.52
C ALA E 25 -7.55 13.19 27.65
N TRP E 26 -7.42 14.37 28.25
CA TRP E 26 -7.12 15.57 27.46
C TRP E 26 -5.70 15.53 26.94
N VAL E 27 -4.76 15.04 27.75
CA VAL E 27 -3.37 14.90 27.30
C VAL E 27 -3.28 13.86 26.19
N ALA E 28 -4.05 12.78 26.32
CA ALA E 28 -3.98 11.70 25.34
C ALA E 28 -4.39 12.15 23.94
N ARG E 29 -5.20 13.22 23.85
CA ARG E 29 -5.66 13.70 22.55
C ARG E 29 -4.59 14.47 21.79
N SER E 30 -3.43 14.71 22.40
CA SER E 30 -2.28 15.29 21.72
C SER E 30 -1.17 14.27 21.50
N LEU E 31 -1.32 13.05 22.00
CA LEU E 31 -0.29 12.03 21.81
C LEU E 31 -0.07 11.78 20.32
N PRO E 32 1.16 11.51 19.91
CA PRO E 32 1.43 11.36 18.48
C PRO E 32 1.03 9.99 17.95
N SER E 33 0.66 9.98 16.67
CA SER E 33 0.47 8.74 15.93
C SER E 33 1.78 8.36 15.25
N ARG E 34 2.00 7.04 15.10
CA ARG E 34 3.26 6.49 14.60
C ARG E 34 4.41 7.32 15.14
N PRO E 35 4.66 7.27 16.46
CA PRO E 35 5.64 8.19 17.07
C PRO E 35 6.99 8.18 16.40
N THR E 36 7.77 9.24 16.61
CA THR E 36 9.14 9.29 16.10
C THR E 36 10.08 8.46 16.96
N VAL E 37 9.90 8.50 18.28
CA VAL E 37 10.72 7.74 19.23
C VAL E 37 9.79 7.17 20.29
N PRO E 38 10.01 5.95 20.78
CA PRO E 38 9.11 5.41 21.80
C PRO E 38 8.94 6.31 23.01
N VAL E 39 10.01 7.00 23.42
CA VAL E 39 9.92 7.88 24.58
C VAL E 39 8.85 8.95 24.36
N LEU E 40 8.75 9.45 23.13
CA LEU E 40 7.76 10.48 22.84
C LEU E 40 6.34 9.97 23.11
N ALA E 41 6.12 8.66 23.00
CA ALA E 41 4.80 8.10 23.25
C ALA E 41 4.45 8.05 24.73
N GLY E 42 5.33 8.53 25.61
CA GLY E 42 5.09 8.47 27.04
C GLY E 42 4.47 9.74 27.58
N VAL E 43 3.63 9.57 28.60
CA VAL E 43 2.99 10.68 29.31
C VAL E 43 3.75 10.94 30.59
N LEU E 44 4.00 12.21 30.90
CA LEU E 44 4.81 12.61 32.03
C LEU E 44 3.91 12.96 33.21
N LEU E 45 4.27 12.45 34.39
CA LEU E 45 3.54 12.72 35.63
C LEU E 45 4.52 13.28 36.64
N THR E 46 4.31 14.53 37.03
CA THR E 46 5.19 15.24 37.97
C THR E 46 4.36 15.72 39.15
N GLY E 47 4.54 15.07 40.29
CA GLY E 47 3.77 15.38 41.49
C GLY E 47 4.61 16.16 42.49
N SER E 48 4.07 17.30 42.92
CA SER E 48 4.77 18.14 43.88
C SER E 48 3.86 19.28 44.32
N ASP E 49 4.24 19.92 45.42
CA ASP E 49 3.59 21.12 45.93
C ASP E 49 2.07 21.00 45.86
N ASP E 50 1.57 19.86 46.32
CA ASP E 50 0.13 19.59 46.35
C ASP E 50 -0.49 19.80 44.97
N GLY E 51 0.01 19.03 44.02
CA GLY E 51 -0.50 19.09 42.65
C GLY E 51 0.24 18.15 41.72
N LEU E 52 -0.48 17.52 40.80
CA LEU E 52 0.11 16.61 39.85
C LEU E 52 -0.01 17.18 38.44
N THR E 53 1.11 17.22 37.73
CA THR E 53 1.17 17.76 36.37
C THR E 53 1.31 16.61 35.38
N ILE E 54 0.34 16.50 34.48
CA ILE E 54 0.37 15.53 33.39
C ILE E 54 0.76 16.27 32.12
N SER E 55 1.70 15.71 31.37
CA SER E 55 2.26 16.40 30.21
C SER E 55 2.54 15.43 29.09
N SER E 56 2.62 15.98 27.88
CA SER E 56 3.00 15.22 26.68
C SER E 56 3.69 16.16 25.71
N PHE E 57 4.48 15.59 24.81
CA PHE E 57 5.22 16.39 23.84
C PHE E 57 5.78 15.51 22.73
N ASP E 58 5.57 15.91 21.49
CA ASP E 58 6.02 15.14 20.32
C ASP E 58 6.66 16.07 19.30
N TYR E 59 7.53 16.96 19.77
CA TYR E 59 8.23 17.92 18.92
C TYR E 59 7.30 18.97 18.34
N GLU E 60 6.17 18.53 17.75
CA GLU E 60 5.26 19.48 17.11
C GLU E 60 4.29 20.10 18.10
N VAL E 61 3.52 19.28 18.81
CA VAL E 61 2.48 19.75 19.71
C VAL E 61 2.82 19.32 21.13
N SER E 62 2.59 20.23 22.07
CA SER E 62 2.77 19.96 23.50
C SER E 62 1.48 20.27 24.25
N ALA E 63 1.23 19.50 25.31
CA ALA E 63 0.05 19.67 26.14
C ALA E 63 0.41 19.39 27.59
N GLU E 64 0.06 20.32 28.47
CA GLU E 64 0.39 20.21 29.89
C GLU E 64 -0.82 20.65 30.70
N VAL E 65 -1.12 19.90 31.76
CA VAL E 65 -2.27 20.16 32.62
C VAL E 65 -1.91 19.79 34.05
N GLN E 66 -2.19 20.70 34.98
CA GLN E 66 -1.96 20.47 36.40
C GLN E 66 -3.30 20.29 37.09
N ILE E 67 -3.41 19.25 37.92
CA ILE E 67 -4.65 18.95 38.62
C ILE E 67 -4.40 18.91 40.12
N PRO E 68 -5.41 19.18 40.94
CA PRO E 68 -5.21 19.06 42.40
C PRO E 68 -4.86 17.63 42.78
N ALA E 69 -3.76 17.47 43.49
CA ALA E 69 -3.24 16.16 43.86
C ALA E 69 -2.98 16.10 45.34
N GLU E 70 -3.42 15.01 45.98
CA GLU E 70 -3.09 14.71 47.36
C GLU E 70 -1.71 14.05 47.37
N ILE E 71 -0.67 14.88 47.40
CA ILE E 71 0.69 14.38 47.27
C ILE E 71 1.13 13.68 48.56
N ALA E 72 1.98 12.67 48.41
CA ALA E 72 2.58 11.99 49.55
C ALA E 72 4.09 11.89 49.47
N ALA E 73 4.70 12.12 48.30
CA ALA E 73 6.16 12.08 48.14
C ALA E 73 6.49 12.57 46.74
N PRO E 74 7.36 13.57 46.59
CA PRO E 74 7.57 14.19 45.28
C PRO E 74 8.25 13.24 44.31
N GLY E 75 8.21 13.62 43.04
CA GLY E 75 8.88 12.85 42.01
C GLY E 75 8.29 13.11 40.65
N THR E 76 8.99 12.59 39.64
CA THR E 76 8.62 12.72 38.25
C THR E 76 8.81 11.37 37.57
N VAL E 77 7.76 10.86 36.94
CA VAL E 77 7.79 9.54 36.32
C VAL E 77 7.15 9.62 34.93
N LEU E 78 7.72 8.88 33.99
CA LEU E 78 7.22 8.80 32.63
C LEU E 78 6.62 7.42 32.40
N VAL E 79 5.39 7.39 31.89
CA VAL E 79 4.65 6.15 31.68
C VAL E 79 4.19 6.09 30.23
N SER E 80 3.50 5.00 29.89
CA SER E 80 2.98 4.82 28.54
C SER E 80 1.68 5.59 28.37
N GLY E 81 1.61 6.42 27.33
CA GLY E 81 0.47 7.28 27.11
C GLY E 81 -0.84 6.54 26.85
N ARG E 82 -0.90 5.81 25.74
CA ARG E 82 -2.14 5.12 25.40
CA ARG E 82 -2.14 5.12 25.40
C ARG E 82 -2.56 4.16 26.51
N LEU E 83 -1.62 3.39 27.06
CA LEU E 83 -1.96 2.46 28.12
C LEU E 83 -2.52 3.21 29.33
N LEU E 84 -1.84 4.28 29.75
CA LEU E 84 -2.36 5.10 30.84
C LEU E 84 -3.77 5.59 30.54
N SER E 85 -4.02 5.99 29.29
CA SER E 85 -5.34 6.47 28.93
C SER E 85 -6.38 5.36 29.06
N GLU E 86 -6.11 4.20 28.45
CA GLU E 86 -7.06 3.09 28.51
C GLU E 86 -7.36 2.68 29.95
N ILE E 87 -6.33 2.68 30.81
CA ILE E 87 -6.55 2.31 32.20
C ILE E 87 -7.37 3.39 32.91
N THR E 88 -6.92 4.64 32.84
CA THR E 88 -7.60 5.71 33.57
C THR E 88 -9.06 5.82 33.17
N ARG E 89 -9.35 5.76 31.87
CA ARG E 89 -10.74 5.88 31.41
C ARG E 89 -11.57 4.64 31.71
N ALA E 90 -11.02 3.65 32.42
CA ALA E 90 -11.75 2.45 32.79
C ALA E 90 -11.72 2.20 34.29
N LEU E 91 -11.22 3.16 35.08
CA LEU E 91 -11.13 2.99 36.52
C LEU E 91 -12.49 3.18 37.18
N PRO E 92 -12.75 2.47 38.28
CA PRO E 92 -13.97 2.76 39.05
C PRO E 92 -13.88 4.12 39.71
N ASN E 93 -15.03 4.70 39.99
CA ASN E 93 -15.07 6.03 40.62
C ASN E 93 -14.62 5.89 42.07
N LYS E 94 -13.30 5.81 42.24
CA LYS E 94 -12.65 5.65 43.53
C LYS E 94 -11.29 6.34 43.45
N PRO E 95 -10.68 6.66 44.59
CA PRO E 95 -9.37 7.32 44.55
C PRO E 95 -8.34 6.50 43.79
N VAL E 96 -7.35 7.22 43.23
CA VAL E 96 -6.36 6.64 42.33
C VAL E 96 -5.00 6.80 42.99
N ASP E 97 -4.56 5.75 43.69
CA ASP E 97 -3.25 5.75 44.33
C ASP E 97 -2.17 5.34 43.33
N LEU E 98 -1.27 6.27 43.03
CA LEU E 98 -0.17 6.02 42.10
C LEU E 98 1.15 6.06 42.86
N SER E 99 2.02 5.08 42.60
CA SER E 99 3.26 4.96 43.34
C SER E 99 4.34 4.33 42.46
N VAL E 100 5.51 4.96 42.41
CA VAL E 100 6.67 4.39 41.73
C VAL E 100 7.34 3.40 42.67
N GLU E 101 7.76 2.25 42.11
CA GLU E 101 8.39 1.18 42.89
C GLU E 101 9.53 0.61 42.04
N GLY E 102 10.65 1.33 42.00
CA GLY E 102 11.81 0.87 41.27
C GLY E 102 11.71 1.09 39.77
N THR E 103 11.31 0.07 39.04
CA THR E 103 11.20 0.13 37.59
C THR E 103 9.75 0.12 37.10
N ARG E 104 8.78 0.14 38.02
CA ARG E 104 7.37 0.06 37.66
C ARG E 104 6.59 1.11 38.43
N VAL E 105 5.32 1.28 38.03
CA VAL E 105 4.41 2.24 38.63
C VAL E 105 3.13 1.50 38.97
N SER E 106 2.83 1.39 40.25
CA SER E 106 1.61 0.76 40.73
C SER E 106 0.48 1.79 40.72
N LEU E 107 -0.59 1.49 40.01
CA LEU E 107 -1.77 2.35 39.94
C LEU E 107 -2.93 1.55 40.51
N THR E 108 -3.35 1.88 41.73
CA THR E 108 -4.39 1.16 42.44
C THR E 108 -5.65 2.02 42.52
N CYS E 109 -6.80 1.38 42.29
CA CYS E 109 -8.09 2.06 42.38
C CYS E 109 -9.12 1.00 42.72
N GLY E 110 -9.69 1.08 43.92
CA GLY E 110 -10.60 0.04 44.37
C GLY E 110 -9.86 -1.28 44.54
N SER E 111 -10.52 -2.36 44.13
CA SER E 111 -9.88 -3.67 44.14
C SER E 111 -8.98 -3.89 42.94
N ALA E 112 -9.06 -3.04 41.92
CA ALA E 112 -8.22 -3.17 40.75
C ALA E 112 -6.83 -2.61 41.02
N ARG E 113 -5.80 -3.32 40.54
CA ARG E 113 -4.42 -2.93 40.74
C ARG E 113 -3.66 -3.11 39.43
N PHE E 114 -3.07 -2.04 38.93
CA PHE E 114 -2.30 -2.05 37.70
C PHE E 114 -0.83 -1.83 38.01
N SER E 115 0.03 -2.35 37.13
CA SER E 115 1.48 -2.19 37.25
C SER E 115 2.03 -1.85 35.87
N LEU E 116 2.42 -0.58 35.68
CA LEU E 116 2.89 -0.06 34.40
C LEU E 116 4.40 0.11 34.43
N PRO E 117 5.14 -0.46 33.48
CA PRO E 117 6.59 -0.23 33.47
C PRO E 117 6.93 1.23 33.33
N THR E 118 7.91 1.68 34.11
CA THR E 118 8.38 3.05 34.01
C THR E 118 9.10 3.27 32.67
N MET E 119 9.46 4.52 32.40
CA MET E 119 10.15 4.87 31.17
C MET E 119 11.16 5.96 31.46
N ALA E 120 12.20 6.02 30.63
CA ALA E 120 13.28 6.97 30.84
C ALA E 120 12.75 8.40 30.80
N VAL E 121 13.20 9.22 31.76
CA VAL E 121 12.77 10.60 31.85
C VAL E 121 13.84 11.58 31.38
N GLU E 122 15.13 11.25 31.57
CA GLU E 122 16.18 12.15 31.12
C GLU E 122 16.22 12.23 29.59
N ASP E 123 15.80 11.18 28.90
CA ASP E 123 15.73 11.22 27.45
C ASP E 123 14.50 11.95 26.94
N TYR E 124 13.42 11.95 27.73
CA TYR E 124 12.20 12.65 27.37
C TYR E 124 12.50 14.14 27.20
N PRO E 125 12.30 14.71 26.00
CA PRO E 125 12.69 16.12 25.80
C PRO E 125 11.94 17.05 26.74
N ALA E 126 12.43 18.29 26.81
CA ALA E 126 11.84 19.30 27.68
C ALA E 126 10.64 19.94 26.99
N LEU E 127 9.57 20.14 27.76
CA LEU E 127 8.37 20.77 27.22
C LEU E 127 8.69 22.21 26.82
N PRO E 128 8.34 22.63 25.61
CA PRO E 128 8.67 23.99 25.19
C PRO E 128 7.93 25.02 26.03
N GLU E 129 8.48 26.23 26.07
CA GLU E 129 7.90 27.33 26.84
C GLU E 129 6.94 28.11 25.95
N LEU E 130 5.70 28.26 26.42
CA LEU E 130 4.70 28.98 25.64
C LEU E 130 5.21 30.39 25.34
N PRO E 131 5.02 30.89 24.11
CA PRO E 131 5.46 32.26 23.81
C PRO E 131 4.72 33.30 24.65
N ALA E 132 5.04 34.56 24.43
CA ALA E 132 4.35 35.64 25.14
C ALA E 132 2.90 35.74 24.67
N GLU E 133 2.02 36.06 25.61
CA GLU E 133 0.59 36.16 25.29
C GLU E 133 0.35 37.27 24.28
N THR E 134 -0.27 36.93 23.15
CA THR E 134 -0.56 37.90 22.11
C THR E 134 -1.94 38.50 22.25
N GLY E 135 -2.90 37.77 22.83
CA GLY E 135 -4.24 38.29 22.98
C GLY E 135 -5.15 37.25 23.56
N SER E 136 -6.45 37.56 23.53
CA SER E 136 -7.48 36.71 24.11
C SER E 136 -8.73 36.77 23.24
N VAL E 137 -9.51 35.69 23.28
CA VAL E 137 -10.72 35.56 22.47
C VAL E 137 -11.73 34.69 23.22
N PRO E 138 -13.03 34.97 23.14
CA PRO E 138 -14.00 34.11 23.84
C PRO E 138 -13.98 32.69 23.29
N ALA E 139 -14.15 31.72 24.20
CA ALA E 139 -14.05 30.32 23.81
C ALA E 139 -15.12 29.95 22.79
N ASP E 140 -16.37 30.35 23.04
CA ASP E 140 -17.47 29.97 22.16
C ASP E 140 -17.28 30.55 20.76
N LEU E 141 -17.07 31.87 20.68
CA LEU E 141 -16.87 32.50 19.38
C LEU E 141 -15.68 31.89 18.66
N PHE E 142 -14.57 31.69 19.36
CA PHE E 142 -13.39 31.10 18.75
C PHE E 142 -13.70 29.72 18.18
N ALA E 143 -14.33 28.86 19.00
CA ALA E 143 -14.65 27.51 18.54
C ALA E 143 -15.55 27.55 17.30
N GLU E 144 -16.57 28.42 17.32
CA GLU E 144 -17.45 28.52 16.17
C GLU E 144 -16.67 28.91 14.92
N ALA E 145 -15.82 29.92 15.02
CA ALA E 145 -15.05 30.37 13.85
C ALA E 145 -14.18 29.25 13.30
N ILE E 146 -13.46 28.56 14.19
CA ILE E 146 -12.62 27.45 13.73
C ILE E 146 -13.46 26.40 13.04
N GLY E 147 -14.58 26.02 13.66
CA GLY E 147 -15.45 25.04 13.03
C GLY E 147 -15.98 25.50 11.69
N GLN E 148 -16.23 26.80 11.53
CA GLN E 148 -16.74 27.32 10.27
C GLN E 148 -15.70 27.27 9.17
N VAL E 149 -14.41 27.32 9.52
CA VAL E 149 -13.35 27.38 8.51
C VAL E 149 -12.75 26.01 8.31
N ALA E 150 -12.76 25.19 9.37
CA ALA E 150 -12.12 23.88 9.30
C ALA E 150 -12.71 23.02 8.20
N VAL E 151 -14.02 23.15 7.93
CA VAL E 151 -14.65 22.32 6.92
C VAL E 151 -13.97 22.47 5.57
N ALA E 152 -13.32 23.60 5.33
CA ALA E 152 -12.69 23.85 4.04
C ALA E 152 -11.24 23.36 3.99
N ALA E 153 -10.68 22.90 5.12
CA ALA E 153 -9.28 22.52 5.15
C ALA E 153 -9.07 21.19 4.43
N GLY E 154 -7.85 21.01 3.90
CA GLY E 154 -7.50 19.79 3.24
C GLY E 154 -7.00 18.73 4.21
N ARG E 155 -7.12 17.47 3.80
CA ARG E 155 -6.71 16.36 4.64
C ARG E 155 -5.19 16.30 4.74
N ASP E 156 -4.72 15.57 5.75
CA ASP E 156 -3.31 15.63 6.12
C ASP E 156 -2.40 15.22 4.96
N ASP E 157 -2.82 14.24 4.17
CA ASP E 157 -2.00 13.71 3.09
C ASP E 157 -2.29 14.37 1.74
N THR E 158 -2.68 15.64 1.75
CA THR E 158 -2.74 16.45 0.55
C THR E 158 -1.53 17.39 0.55
N LEU E 159 -1.65 18.55 -0.07
CA LEU E 159 -0.55 19.51 -0.06
C LEU E 159 -0.44 20.13 1.33
N PRO E 160 0.76 20.24 1.90
CA PRO E 160 0.87 20.78 3.28
C PRO E 160 0.29 22.17 3.44
N MET E 161 0.31 23.00 2.39
CA MET E 161 -0.27 24.34 2.51
C MET E 161 -1.77 24.28 2.68
N LEU E 162 -2.41 23.23 2.16
CA LEU E 162 -3.85 23.08 2.30
C LEU E 162 -4.27 22.62 3.69
N THR E 163 -3.36 22.00 4.45
CA THR E 163 -3.70 21.35 5.70
C THR E 163 -3.77 22.31 6.88
N GLY E 164 -3.59 23.61 6.68
CA GLY E 164 -3.50 24.56 7.76
C GLY E 164 -4.59 25.60 7.71
N ILE E 165 -4.95 26.09 8.90
CA ILE E 165 -5.83 27.24 9.03
C ILE E 165 -4.96 28.48 9.18
N ARG E 166 -5.18 29.46 8.31
CA ARG E 166 -4.42 30.70 8.37
C ARG E 166 -5.05 31.64 9.38
N VAL E 167 -4.24 32.10 10.34
CA VAL E 167 -4.69 33.00 11.39
C VAL E 167 -4.02 34.34 11.16
N GLU E 168 -4.81 35.33 10.73
CA GLU E 168 -4.33 36.69 10.55
C GLU E 168 -4.80 37.56 11.71
N ILE E 169 -3.88 38.28 12.34
CA ILE E 169 -4.17 39.20 13.42
C ILE E 169 -3.81 40.60 12.93
N SER E 170 -4.77 41.53 13.02
CA SER E 170 -4.56 42.92 12.64
C SER E 170 -5.32 43.77 13.66
N GLY E 171 -4.69 44.02 14.80
CA GLY E 171 -5.35 44.78 15.86
C GLY E 171 -6.33 43.90 16.59
N ASP E 172 -7.53 44.42 16.81
CA ASP E 172 -8.59 43.70 17.49
C ASP E 172 -9.46 42.89 16.54
N ARG E 173 -8.97 42.62 15.33
CA ARG E 173 -9.71 41.86 14.33
C ARG E 173 -8.86 40.68 13.88
N MET E 174 -9.34 39.47 14.14
CA MET E 174 -8.71 38.24 13.69
C MET E 174 -9.55 37.63 12.58
N VAL E 175 -8.89 37.13 11.53
CA VAL E 175 -9.56 36.47 10.43
C VAL E 175 -8.90 35.13 10.19
N LEU E 176 -9.71 34.08 10.11
CA LEU E 176 -9.27 32.72 9.84
C LEU E 176 -9.61 32.34 8.42
N ALA E 177 -8.77 31.50 7.81
CA ALA E 177 -9.01 31.05 6.44
C ALA E 177 -8.55 29.61 6.28
N ALA E 178 -9.13 28.93 5.31
CA ALA E 178 -8.76 27.56 4.99
C ALA E 178 -9.29 27.19 3.62
N THR E 179 -8.61 26.28 2.94
CA THR E 179 -9.00 25.87 1.60
C THR E 179 -8.38 24.52 1.27
N ASP E 180 -9.00 23.81 0.33
CA ASP E 180 -8.47 22.57 -0.22
C ASP E 180 -8.43 22.64 -1.74
N ARG E 181 -8.34 23.84 -2.29
CA ARG E 181 -8.29 24.13 -3.72
C ARG E 181 -9.65 24.01 -4.39
N PHE E 182 -10.69 23.59 -3.65
CA PHE E 182 -12.04 23.48 -4.19
C PHE E 182 -13.06 24.26 -3.39
N ARG E 183 -12.73 24.69 -2.18
CA ARG E 183 -13.65 25.45 -1.33
C ARG E 183 -12.81 26.27 -0.37
N LEU E 184 -13.04 27.57 -0.34
CA LEU E 184 -12.37 28.49 0.56
C LEU E 184 -13.34 28.96 1.63
N ALA E 185 -12.90 28.97 2.88
CA ALA E 185 -13.70 29.45 3.99
C ALA E 185 -12.91 30.52 4.72
N VAL E 186 -13.53 31.68 4.92
CA VAL E 186 -12.90 32.82 5.59
C VAL E 186 -13.88 33.35 6.62
N ARG E 187 -13.43 33.43 7.87
CA ARG E 187 -14.24 33.96 8.97
C ARG E 187 -13.51 35.12 9.62
N GLU E 188 -14.27 36.16 9.98
CA GLU E 188 -13.73 37.37 10.60
C GLU E 188 -14.41 37.59 11.94
N LEU E 189 -13.60 37.93 12.95
CA LEU E 189 -14.12 38.14 14.29
C LEU E 189 -13.30 39.19 15.02
N THR E 190 -13.88 39.72 16.08
CA THR E 190 -13.20 40.68 16.94
C THR E 190 -12.65 39.97 18.18
N TRP E 191 -11.44 40.35 18.57
CA TRP E 191 -10.82 39.79 19.77
C TRP E 191 -10.06 40.91 20.47
N THR E 192 -9.46 40.58 21.61
CA THR E 192 -8.72 41.54 22.43
C THR E 192 -7.23 41.29 22.28
N THR E 193 -6.48 42.35 21.99
CA THR E 193 -5.05 42.26 21.78
C THR E 193 -4.32 42.98 22.91
N LYS E 194 -3.34 42.30 23.50
CA LYS E 194 -2.57 42.91 24.59
C LYS E 194 -1.71 44.06 24.09
N THR E 195 -1.22 43.98 22.85
CA THR E 195 -0.43 45.04 22.22
C THR E 195 -1.22 45.55 21.02
N PRO E 196 -2.10 46.54 21.19
CA PRO E 196 -2.87 47.04 20.06
C PRO E 196 -1.97 47.40 18.88
N ASP E 197 -2.55 47.34 17.68
CA ASP E 197 -1.86 47.58 16.41
C ASP E 197 -0.94 46.43 16.04
N VAL E 198 -1.03 45.29 16.73
CA VAL E 198 -0.25 44.13 16.33
C VAL E 198 -0.70 43.68 14.95
N GLU E 199 0.24 43.17 14.15
CA GLU E 199 -0.06 42.71 12.81
C GLU E 199 0.81 41.50 12.50
N ALA E 200 0.17 40.36 12.25
CA ALA E 200 0.90 39.13 11.98
C ALA E 200 -0.04 38.15 11.28
N ALA E 201 0.54 37.09 10.74
CA ALA E 201 -0.22 36.06 10.04
C ALA E 201 0.56 34.76 10.11
N VAL E 202 -0.08 33.72 10.68
CA VAL E 202 0.56 32.43 10.86
C VAL E 202 -0.32 31.35 10.24
N LEU E 203 0.23 30.14 10.14
CA LEU E 203 -0.46 28.99 9.57
C LEU E 203 -0.42 27.87 10.59
N VAL E 204 -1.56 27.59 11.23
CA VAL E 204 -1.63 26.58 12.29
C VAL E 204 -2.21 25.30 11.71
N PRO E 205 -1.75 24.13 12.11
CA PRO E 205 -2.38 22.88 11.64
C PRO E 205 -3.86 22.86 11.96
N ALA E 206 -4.68 22.75 10.91
CA ALA E 206 -6.12 22.76 11.08
C ALA E 206 -6.58 21.69 12.06
N LYS E 207 -6.11 20.46 11.87
CA LYS E 207 -6.43 19.36 12.77
C LYS E 207 -6.31 19.77 14.24
N THR E 208 -5.13 20.26 14.63
CA THR E 208 -4.91 20.55 16.04
C THR E 208 -5.68 21.78 16.50
N LEU E 209 -5.86 22.78 15.63
CA LEU E 209 -6.63 23.95 16.01
C LEU E 209 -8.08 23.57 16.28
N ALA E 210 -8.71 22.85 15.34
CA ALA E 210 -10.07 22.38 15.54
C ALA E 210 -10.20 21.60 16.85
N GLU E 211 -9.35 20.60 17.02
CA GLU E 211 -9.33 19.85 18.27
C GLU E 211 -9.25 20.78 19.47
N ALA E 212 -8.27 21.69 19.45
CA ALA E 212 -7.98 22.52 20.63
C ALA E 212 -9.21 23.32 21.05
N ALA E 213 -9.78 24.10 20.12
CA ALA E 213 -10.86 25.01 20.49
C ALA E 213 -12.16 24.25 20.73
N LYS E 214 -12.62 23.50 19.73
CA LYS E 214 -13.96 22.93 19.81
C LYS E 214 -14.06 21.86 20.90
N THR E 215 -12.99 21.09 21.12
CA THR E 215 -13.02 20.03 22.11
C THR E 215 -12.30 20.38 23.40
N GLY E 216 -11.26 21.21 23.34
CA GLY E 216 -10.40 21.45 24.47
C GLY E 216 -10.67 22.70 25.29
N LEU E 217 -11.68 23.49 24.95
CA LEU E 217 -12.02 24.66 25.75
C LEU E 217 -12.55 24.21 27.10
N ASP E 218 -12.11 24.90 28.16
CA ASP E 218 -12.47 24.54 29.53
C ASP E 218 -13.14 25.67 30.27
N GLY E 219 -13.67 26.66 29.55
CA GLY E 219 -14.34 27.78 30.17
C GLY E 219 -14.98 28.73 29.18
N SER E 220 -14.67 30.03 29.31
CA SER E 220 -15.28 31.05 28.48
C SER E 220 -14.26 31.92 27.75
N GLU E 221 -12.97 31.82 28.07
CA GLU E 221 -11.95 32.65 27.45
C GLU E 221 -10.75 31.79 27.08
N VAL E 222 -10.12 32.15 25.96
CA VAL E 222 -8.95 31.44 25.44
C VAL E 222 -7.86 32.47 25.19
N GLN E 223 -6.70 32.25 25.78
CA GLN E 223 -5.56 33.17 25.66
C GLN E 223 -4.56 32.60 24.66
N LEU E 224 -4.34 33.34 23.58
CA LEU E 224 -3.38 32.92 22.56
C LEU E 224 -2.03 33.57 22.82
N ALA E 225 -0.98 32.89 22.37
CA ALA E 225 0.39 33.31 22.65
C ALA E 225 1.26 33.03 21.42
N LEU E 226 1.52 34.07 20.63
CA LEU E 226 2.41 33.98 19.49
C LEU E 226 3.59 34.95 19.58
N GLY E 227 3.62 35.81 20.59
CA GLY E 227 4.66 36.81 20.71
C GLY E 227 4.12 38.13 21.22
N ALA E 228 4.69 39.24 20.76
CA ALA E 228 4.23 40.56 21.18
C ALA E 228 4.70 41.58 20.16
N GLY E 229 3.76 42.36 19.63
CA GLY E 229 4.08 43.38 18.66
C GLY E 229 4.33 42.79 17.28
N PRO E 230 5.24 43.40 16.51
CA PRO E 230 5.51 42.88 15.16
C PRO E 230 6.14 41.50 15.17
N SER E 231 6.89 41.14 16.21
CA SER E 231 7.50 39.82 16.30
C SER E 231 6.52 38.82 16.91
N VAL E 232 5.41 38.63 16.19
CA VAL E 232 4.35 37.70 16.58
C VAL E 232 4.29 36.60 15.53
N GLY E 233 4.38 35.36 15.98
CA GLY E 233 4.43 34.23 15.08
C GLY E 233 5.75 34.02 14.39
N GLN E 234 6.79 34.76 14.79
CA GLN E 234 8.10 34.59 14.18
C GLN E 234 8.92 33.50 14.85
N ASP E 235 8.65 33.21 16.13
CA ASP E 235 9.31 32.08 16.78
C ASP E 235 8.96 30.77 16.09
N GLY E 236 7.77 30.68 15.50
CA GLY E 236 7.36 29.48 14.81
C GLY E 236 6.62 28.51 15.70
N LEU E 237 5.78 29.02 16.59
CA LEU E 237 5.03 28.18 17.50
C LEU E 237 3.89 28.99 18.12
N LEU E 238 2.70 28.42 18.11
CA LEU E 238 1.53 29.05 18.72
C LEU E 238 1.21 28.36 20.04
N GLY E 239 1.01 29.15 21.08
CA GLY E 239 0.68 28.62 22.38
C GLY E 239 -0.74 28.97 22.80
N ILE E 240 -1.58 27.97 23.00
CA ILE E 240 -2.95 28.16 23.44
C ILE E 240 -3.00 27.87 24.93
N ARG E 241 -3.50 28.83 25.70
CA ARG E 241 -3.45 28.79 27.16
C ARG E 241 -4.84 29.09 27.71
N SER E 242 -5.26 28.28 28.70
CA SER E 242 -6.56 28.47 29.32
C SER E 242 -6.72 27.56 30.53
N GLU E 243 -7.23 28.11 31.63
CA GLU E 243 -7.47 27.34 32.86
C GLU E 243 -6.12 26.76 33.30
N GLY E 244 -6.07 25.53 33.81
CA GLY E 244 -4.83 24.92 34.19
C GLY E 244 -4.20 24.14 33.05
N LYS E 245 -4.56 24.50 31.82
CA LYS E 245 -4.10 23.82 30.62
C LYS E 245 -3.26 24.78 29.78
N ARG E 246 -2.09 24.31 29.36
CA ARG E 246 -1.21 25.08 28.48
C ARG E 246 -0.72 24.15 27.38
N SER E 247 -0.89 24.59 26.13
CA SER E 247 -0.54 23.78 24.97
C SER E 247 0.23 24.61 23.97
N THR E 248 1.06 23.94 23.18
CA THR E 248 1.82 24.57 22.11
C THR E 248 1.63 23.77 20.82
N THR E 249 1.78 24.45 19.69
CA THR E 249 1.59 23.84 18.38
C THR E 249 2.60 24.43 17.42
N ARG E 250 3.33 23.58 16.71
CA ARG E 250 4.31 24.03 15.74
C ARG E 250 3.61 24.53 14.48
N LEU E 251 3.98 25.72 14.03
CA LEU E 251 3.37 26.31 12.85
C LEU E 251 3.90 25.67 11.59
N LEU E 252 3.16 25.86 10.49
CA LEU E 252 3.57 25.37 9.18
C LEU E 252 4.40 26.41 8.46
N ASP E 253 5.26 25.94 7.55
CA ASP E 253 6.10 26.81 6.75
C ASP E 253 5.51 27.15 5.40
N ALA E 254 4.70 26.25 4.83
CA ALA E 254 4.14 26.47 3.51
C ALA E 254 3.38 27.80 3.46
N GLU E 255 3.42 28.43 2.29
CA GLU E 255 2.75 29.72 2.10
C GLU E 255 1.29 29.49 1.77
N PHE E 256 0.40 30.02 2.60
CA PHE E 256 -1.03 29.95 2.30
C PHE E 256 -1.32 30.74 1.03
N PRO E 257 -2.22 30.27 0.17
CA PRO E 257 -2.49 30.98 -1.07
C PRO E 257 -3.02 32.39 -0.82
N LYS E 258 -2.87 33.24 -1.83
CA LYS E 258 -3.45 34.58 -1.82
C LYS E 258 -4.94 34.43 -2.12
N PHE E 259 -5.74 34.32 -1.07
CA PHE E 259 -7.14 33.95 -1.21
C PHE E 259 -8.06 35.15 -1.45
N ARG E 260 -7.64 36.36 -1.11
CA ARG E 260 -8.51 37.51 -1.28
C ARG E 260 -8.77 37.81 -2.75
N GLN E 261 -7.80 37.56 -3.62
CA GLN E 261 -7.99 37.77 -5.05
C GLN E 261 -8.90 36.73 -5.67
N LEU E 262 -9.37 35.74 -4.91
CA LEU E 262 -10.35 34.78 -5.40
C LEU E 262 -11.79 35.20 -5.12
N LEU E 263 -12.00 36.07 -4.13
CA LEU E 263 -13.35 36.50 -3.78
C LEU E 263 -13.88 37.46 -4.85
N PRO E 264 -15.04 37.18 -5.45
CA PRO E 264 -15.57 38.10 -6.45
C PRO E 264 -15.87 39.46 -5.85
N THR E 265 -15.61 40.51 -6.63
CA THR E 265 -15.98 41.86 -6.24
C THR E 265 -17.45 42.17 -6.52
N GLU E 266 -18.08 41.42 -7.43
CA GLU E 266 -19.50 41.58 -7.72
C GLU E 266 -20.01 40.26 -8.27
N HIS E 267 -21.32 40.22 -8.53
CA HIS E 267 -21.98 39.01 -9.01
C HIS E 267 -22.95 39.37 -10.11
N THR E 268 -23.02 38.54 -11.14
CA THR E 268 -24.01 38.70 -12.19
C THR E 268 -25.38 38.17 -11.77
N ALA E 269 -25.44 37.35 -10.73
CA ALA E 269 -26.71 36.79 -10.26
C ALA E 269 -26.65 36.61 -8.76
N MET E 270 -27.83 36.56 -8.14
CA MET E 270 -27.97 36.38 -6.70
C MET E 270 -29.14 35.44 -6.44
N ALA E 271 -29.02 34.65 -5.36
CA ALA E 271 -30.08 33.74 -4.96
C ALA E 271 -30.12 33.66 -3.45
N THR E 272 -31.26 34.04 -2.85
CA THR E 272 -31.47 33.94 -1.42
C THR E 272 -32.53 32.89 -1.15
N ILE E 273 -32.26 32.00 -0.18
CA ILE E 273 -33.12 30.85 0.08
C ILE E 273 -32.86 30.35 1.50
N GLY E 274 -33.74 29.48 1.99
CA GLY E 274 -33.60 28.96 3.34
C GLY E 274 -32.56 27.85 3.41
N VAL E 275 -31.69 27.93 4.41
CA VAL E 275 -30.60 26.95 4.55
C VAL E 275 -31.18 25.56 4.76
N GLY E 276 -32.13 25.42 5.68
CA GLY E 276 -32.70 24.12 5.94
C GLY E 276 -33.35 23.50 4.72
N GLU E 277 -34.26 24.24 4.08
CA GLU E 277 -34.94 23.74 2.90
C GLU E 277 -33.93 23.29 1.84
N LEU E 278 -32.94 24.13 1.54
CA LEU E 278 -31.96 23.79 0.53
C LEU E 278 -31.14 22.57 0.94
N THR E 279 -30.69 22.53 2.20
CA THR E 279 -29.88 21.41 2.65
C THR E 279 -30.62 20.09 2.51
N GLU E 280 -31.87 20.04 2.98
CA GLU E 280 -32.63 18.80 2.88
C GLU E 280 -32.88 18.42 1.42
N ALA E 281 -33.20 19.41 0.58
CA ALA E 281 -33.41 19.12 -0.83
C ALA E 281 -32.15 18.55 -1.48
N ILE E 282 -31.00 19.12 -1.14
CA ILE E 282 -29.74 18.61 -1.68
C ILE E 282 -29.51 17.17 -1.22
N LYS E 283 -29.57 16.93 0.08
CA LYS E 283 -29.34 15.58 0.59
C LYS E 283 -30.28 14.58 -0.06
N ARG E 284 -31.49 14.99 -0.38
CA ARG E 284 -32.44 14.07 -1.00
C ARG E 284 -32.11 13.82 -2.46
N VAL E 285 -31.92 14.89 -3.24
CA VAL E 285 -31.68 14.74 -4.67
C VAL E 285 -30.36 14.02 -4.94
N ALA E 286 -29.39 14.15 -4.03
CA ALA E 286 -28.07 13.59 -4.25
C ALA E 286 -27.99 12.10 -3.98
N LEU E 287 -29.08 11.46 -3.58
CA LEU E 287 -29.07 10.05 -3.22
C LEU E 287 -29.14 9.13 -4.43
N VAL E 288 -29.15 9.66 -5.65
CA VAL E 288 -29.34 8.85 -6.85
C VAL E 288 -28.00 8.33 -7.38
N ALA E 289 -26.92 8.57 -6.63
CA ALA E 289 -25.62 8.05 -7.01
C ALA E 289 -24.81 7.78 -5.76
N ASP E 290 -23.85 6.86 -5.86
CA ASP E 290 -22.99 6.54 -4.75
C ASP E 290 -22.09 7.73 -4.42
N ARG E 291 -21.92 8.00 -3.13
CA ARG E 291 -21.09 9.08 -2.61
C ARG E 291 -21.67 10.46 -2.92
N GLY E 292 -22.90 10.52 -3.42
CA GLY E 292 -23.52 11.79 -3.76
C GLY E 292 -23.46 12.11 -5.23
N ALA E 293 -24.63 12.24 -5.85
CA ALA E 293 -24.71 12.61 -7.25
C ALA E 293 -24.55 14.13 -7.40
N GLN E 294 -23.74 14.54 -8.38
CA GLN E 294 -23.58 15.96 -8.67
C GLN E 294 -24.94 16.64 -8.76
N VAL E 295 -25.06 17.78 -8.09
CA VAL E 295 -26.33 18.49 -7.99
C VAL E 295 -26.35 19.61 -9.03
N ARG E 296 -27.46 19.70 -9.76
CA ARG E 296 -27.63 20.68 -10.83
CA ARG E 296 -27.63 20.67 -10.84
C ARG E 296 -28.70 21.67 -10.41
N MET E 297 -28.31 22.95 -10.31
CA MET E 297 -29.20 24.02 -9.88
C MET E 297 -29.55 24.89 -11.07
N GLU E 298 -30.84 24.95 -11.41
CA GLU E 298 -31.34 25.84 -12.45
C GLU E 298 -32.12 26.97 -11.78
N PHE E 299 -31.64 28.20 -11.95
CA PHE E 299 -32.25 29.38 -11.37
C PHE E 299 -32.95 30.17 -12.46
N ALA E 300 -34.26 30.39 -12.28
CA ALA E 300 -35.04 31.17 -13.21
C ALA E 300 -36.40 31.53 -12.63
N ASP E 301 -36.80 32.79 -12.74
CA ASP E 301 -38.12 33.26 -12.34
C ASP E 301 -38.43 32.89 -10.89
N ASP E 302 -37.46 33.18 -10.00
CA ASP E 302 -37.63 32.96 -8.57
C ASP E 302 -37.97 31.51 -8.25
N VAL E 303 -37.43 30.58 -9.03
CA VAL E 303 -37.61 29.16 -8.79
C VAL E 303 -36.26 28.47 -8.94
N LEU E 304 -35.89 27.65 -7.96
CA LEU E 304 -34.68 26.85 -8.00
C LEU E 304 -35.07 25.41 -8.32
N HIS E 305 -34.69 24.94 -9.50
CA HIS E 305 -34.95 23.57 -9.92
C HIS E 305 -33.69 22.75 -9.66
N LEU E 306 -33.73 21.93 -8.62
CA LEU E 306 -32.65 21.01 -8.31
C LEU E 306 -32.86 19.71 -9.08
N SER E 307 -31.77 19.14 -9.58
CA SER E 307 -31.84 17.87 -10.30
C SER E 307 -30.51 17.15 -10.15
N ALA E 308 -30.57 15.83 -10.33
CA ALA E 308 -29.37 15.01 -10.27
C ALA E 308 -29.68 13.65 -10.88
N GLY E 309 -28.61 12.94 -11.25
CA GLY E 309 -28.74 11.61 -11.81
C GLY E 309 -28.91 11.61 -13.31
N ALA E 310 -29.10 10.40 -13.83
CA ALA E 310 -29.29 10.20 -15.27
C ALA E 310 -30.22 9.02 -15.48
N ASP E 311 -30.68 8.87 -16.72
CA ASP E 311 -31.59 7.78 -17.03
C ASP E 311 -31.00 6.42 -16.68
N ASP E 312 -29.68 6.28 -16.74
CA ASP E 312 -29.04 5.00 -16.47
C ASP E 312 -29.35 4.52 -15.06
N VAL E 313 -29.01 5.32 -14.06
CA VAL E 313 -29.08 4.90 -12.66
C VAL E 313 -30.37 5.35 -12.00
N GLY E 314 -30.79 6.59 -12.24
CA GLY E 314 -31.96 7.12 -11.59
C GLY E 314 -31.87 8.63 -11.44
N ARG E 315 -33.00 9.32 -11.60
CA ARG E 315 -33.04 10.77 -11.57
C ARG E 315 -33.77 11.26 -10.32
N ALA E 316 -33.44 12.47 -9.91
CA ALA E 316 -34.15 13.14 -8.82
C ALA E 316 -34.28 14.61 -9.14
N GLU E 317 -35.45 15.18 -8.88
CA GLU E 317 -35.70 16.59 -9.09
CA GLU E 317 -35.70 16.59 -9.09
C GLU E 317 -36.51 17.13 -7.92
N GLU E 318 -36.37 18.42 -7.66
CA GLU E 318 -37.09 19.07 -6.56
C GLU E 318 -37.03 20.57 -6.79
N ASP E 319 -38.20 21.21 -6.86
CA ASP E 319 -38.31 22.64 -7.07
C ASP E 319 -38.50 23.35 -5.74
N LEU E 320 -37.78 24.47 -5.57
CA LEU E 320 -37.87 25.25 -4.35
C LEU E 320 -38.15 26.71 -4.69
N PRO E 321 -39.02 27.38 -3.94
CA PRO E 321 -39.14 28.83 -4.09
C PRO E 321 -37.87 29.54 -3.64
N VAL E 322 -37.42 30.51 -4.43
CA VAL E 322 -36.16 31.20 -4.17
C VAL E 322 -36.31 32.65 -4.61
N SER E 323 -35.52 33.52 -3.99
CA SER E 323 -35.40 34.91 -4.41
C SER E 323 -34.19 35.00 -5.34
N PHE E 324 -34.44 35.04 -6.64
CA PHE E 324 -33.38 35.09 -7.64
C PHE E 324 -33.37 36.48 -8.29
N SER E 325 -32.16 36.97 -8.58
CA SER E 325 -31.98 38.27 -9.20
C SER E 325 -30.83 38.16 -10.20
N GLY E 326 -31.04 38.66 -11.40
CA GLY E 326 -30.06 38.58 -12.46
C GLY E 326 -30.54 37.73 -13.61
N GLU E 327 -29.58 37.32 -14.45
CA GLU E 327 -29.93 36.51 -15.61
C GLU E 327 -30.07 35.04 -15.21
N PRO E 328 -30.98 34.30 -15.86
CA PRO E 328 -31.13 32.87 -15.55
C PRO E 328 -29.79 32.16 -15.59
N LEU E 329 -29.65 31.13 -14.77
CA LEU E 329 -28.37 30.45 -14.59
C LEU E 329 -28.60 28.97 -14.37
N THR E 330 -27.63 28.17 -14.80
CA THR E 330 -27.62 26.73 -14.54
C THR E 330 -26.19 26.35 -14.13
N ILE E 331 -26.02 25.95 -12.88
CA ILE E 331 -24.70 25.71 -12.30
C ILE E 331 -24.76 24.46 -11.44
N ALA E 332 -23.69 23.67 -11.46
CA ALA E 332 -23.64 22.41 -10.77
C ALA E 332 -22.58 22.43 -9.67
N PHE E 333 -22.82 21.65 -8.62
CA PHE E 333 -21.94 21.61 -7.48
C PHE E 333 -21.86 20.19 -6.92
N ASN E 334 -20.82 19.95 -6.12
CA ASN E 334 -20.69 18.73 -5.34
C ASN E 334 -21.63 18.79 -4.14
N PRO E 335 -22.42 17.73 -3.90
CA PRO E 335 -23.41 17.83 -2.81
C PRO E 335 -22.77 18.03 -1.45
N GLY E 336 -21.74 17.23 -1.15
CA GLY E 336 -21.09 17.36 0.15
C GLY E 336 -20.48 18.72 0.37
N TYR E 337 -19.71 19.21 -0.60
CA TYR E 337 -19.14 20.54 -0.49
C TYR E 337 -20.24 21.57 -0.24
N LEU E 338 -21.34 21.47 -0.99
CA LEU E 338 -22.43 22.43 -0.84
C LEU E 338 -23.00 22.39 0.57
N THR E 339 -23.38 21.20 1.05
CA THR E 339 -23.97 21.10 2.38
C THR E 339 -22.96 21.43 3.47
N ASP E 340 -21.68 21.15 3.24
CA ASP E 340 -20.65 21.55 4.20
C ASP E 340 -20.63 23.06 4.36
N GLY E 341 -20.68 23.79 3.24
CA GLY E 341 -20.76 25.24 3.32
C GLY E 341 -22.03 25.70 4.01
N LEU E 342 -23.18 25.17 3.57
CA LEU E 342 -24.45 25.57 4.16
C LEU E 342 -24.48 25.31 5.65
N GLY E 343 -23.77 24.28 6.12
CA GLY E 343 -23.73 24.00 7.55
C GLY E 343 -22.88 24.94 8.36
N ALA E 344 -21.99 25.68 7.72
CA ALA E 344 -21.14 26.63 8.41
C ALA E 344 -21.77 28.01 8.51
N LEU E 345 -22.78 28.30 7.69
CA LEU E 345 -23.37 29.64 7.68
C LEU E 345 -23.97 30.00 9.03
N HIS E 346 -24.63 29.05 9.67
CA HIS E 346 -25.27 29.27 10.97
C HIS E 346 -26.31 30.38 10.91
N SER E 347 -26.90 30.58 9.73
CA SER E 347 -27.98 31.54 9.54
C SER E 347 -29.20 30.81 8.99
N GLU E 348 -30.36 31.43 9.17
CA GLU E 348 -31.60 30.82 8.70
C GLU E 348 -31.65 30.76 7.18
N ARG E 349 -31.14 31.79 6.51
CA ARG E 349 -31.18 31.88 5.07
C ARG E 349 -29.79 32.17 4.52
N VAL E 350 -29.53 31.63 3.32
CA VAL E 350 -28.26 31.79 2.64
C VAL E 350 -28.49 32.64 1.39
N THR E 351 -27.43 33.32 0.96
CA THR E 351 -27.41 34.02 -0.31
C THR E 351 -26.20 33.56 -1.12
N PHE E 352 -26.44 33.30 -2.40
CA PHE E 352 -25.41 32.89 -3.34
C PHE E 352 -25.02 34.07 -4.22
N GLY E 353 -23.73 34.19 -4.49
CA GLY E 353 -23.23 35.14 -5.46
C GLY E 353 -22.62 34.44 -6.65
N PHE E 354 -23.40 34.30 -7.72
CA PHE E 354 -22.96 33.59 -8.91
C PHE E 354 -22.33 34.54 -9.90
N THR E 355 -21.43 33.99 -10.72
CA THR E 355 -20.80 34.75 -11.82
C THR E 355 -21.02 34.01 -13.13
N THR E 356 -20.30 32.92 -13.38
CA THR E 356 -20.55 32.02 -14.50
C THR E 356 -20.65 30.61 -13.96
N PRO E 357 -21.20 29.68 -14.76
CA PRO E 357 -21.31 28.29 -14.30
C PRO E 357 -19.97 27.58 -14.12
N SER E 358 -18.85 28.24 -14.42
CA SER E 358 -17.54 27.65 -14.24
C SER E 358 -16.65 28.48 -13.32
N LYS E 359 -17.18 29.54 -12.72
CA LYS E 359 -16.44 30.39 -11.80
C LYS E 359 -16.93 30.20 -10.37
N PRO E 360 -16.11 30.54 -9.38
CA PRO E 360 -16.49 30.29 -7.98
C PRO E 360 -17.82 30.94 -7.63
N ALA E 361 -18.46 30.40 -6.61
CA ALA E 361 -19.75 30.86 -6.12
C ALA E 361 -19.62 31.23 -4.65
N VAL E 362 -20.12 32.40 -4.29
CA VAL E 362 -20.11 32.83 -2.90
C VAL E 362 -21.31 32.22 -2.19
N LEU E 363 -21.10 31.80 -0.94
CA LEU E 363 -22.19 31.41 -0.06
C LEU E 363 -21.99 32.18 1.24
N ARG E 364 -22.97 32.99 1.62
CA ARG E 364 -22.87 33.76 2.85
C ARG E 364 -24.25 33.89 3.47
N PRO E 365 -24.32 34.26 4.75
CA PRO E 365 -25.63 34.51 5.36
C PRO E 365 -26.39 35.57 4.58
N ALA E 366 -27.70 35.38 4.47
CA ALA E 366 -28.54 36.37 3.82
C ALA E 366 -28.56 37.65 4.64
N THR E 367 -28.65 38.79 3.94
CA THR E 367 -28.70 40.10 4.56
C THR E 367 -29.93 40.85 4.09
N GLU E 368 -30.37 41.81 4.92
CA GLU E 368 -31.52 42.63 4.54
C GLU E 368 -31.25 43.37 3.24
N ALA E 369 -30.00 43.77 2.98
CA ALA E 369 -29.67 44.45 1.74
C ALA E 369 -30.03 43.60 0.53
N ASP E 370 -29.93 42.27 0.65
CA ASP E 370 -30.22 41.40 -0.48
C ASP E 370 -31.69 41.47 -0.88
N ALA E 371 -32.59 41.68 0.09
CA ALA E 371 -34.00 41.84 -0.24
C ALA E 371 -34.22 43.10 -1.07
N ALA E 372 -33.60 44.22 -0.67
CA ALA E 372 -33.66 45.47 -1.42
C ALA E 372 -32.62 45.51 -2.53
N LEU E 373 -32.48 44.42 -3.26
CA LEU E 373 -31.50 44.29 -4.32
C LEU E 373 -32.18 44.12 -5.66
N ASN E 374 -33.02 45.08 -6.03
CA ASN E 374 -33.78 45.01 -7.28
C ASN E 374 -32.94 45.52 -8.44
N GLY E 375 -33.15 44.90 -9.60
CA GLY E 375 -32.38 45.21 -10.79
C GLY E 375 -31.94 43.97 -11.52
N ASN E 376 -31.17 44.13 -12.59
CA ASN E 376 -30.66 42.99 -13.35
C ASN E 376 -29.16 42.78 -13.17
N GLY E 377 -28.47 43.69 -12.49
CA GLY E 377 -27.06 43.52 -12.21
C GLY E 377 -26.19 44.33 -13.14
N PRO E 378 -24.85 44.24 -12.94
CA PRO E 378 -24.21 43.42 -11.91
C PRO E 378 -24.43 43.95 -10.48
N PHE E 379 -24.44 43.04 -9.51
CA PHE E 379 -24.67 43.39 -8.12
C PHE E 379 -23.35 43.38 -7.38
N PRO E 380 -22.89 44.50 -6.82
CA PRO E 380 -21.62 44.49 -6.08
C PRO E 380 -21.65 43.46 -4.96
N ALA E 381 -20.46 42.99 -4.60
CA ALA E 381 -20.31 42.03 -3.51
C ALA E 381 -20.35 42.75 -2.17
N ALA E 382 -21.04 42.13 -1.21
CA ALA E 382 -21.24 42.74 0.09
C ALA E 382 -20.19 42.26 1.08
N GLU E 383 -20.28 42.75 2.32
CA GLU E 383 -19.39 42.37 3.40
C GLU E 383 -20.12 41.41 4.34
N THR E 384 -19.40 40.39 4.81
CA THR E 384 -19.93 39.46 5.78
C THR E 384 -18.78 38.91 6.62
N ASP E 385 -19.09 38.57 7.87
CA ASP E 385 -18.07 37.98 8.73
C ASP E 385 -17.54 36.67 8.14
N TYR E 386 -18.44 35.83 7.64
CA TYR E 386 -18.08 34.52 7.11
C TYR E 386 -18.41 34.46 5.63
N VAL E 387 -17.55 33.77 4.87
CA VAL E 387 -17.78 33.54 3.45
C VAL E 387 -17.21 32.17 3.10
N TYR E 388 -17.94 31.45 2.24
CA TYR E 388 -17.61 30.09 1.83
C TYR E 388 -17.63 30.05 0.31
N LEU E 389 -16.49 30.27 -0.30
CA LEU E 389 -16.35 30.16 -1.75
C LEU E 389 -16.25 28.69 -2.15
N LEU E 390 -16.94 28.33 -3.23
CA LEU E 390 -17.03 26.93 -3.65
C LEU E 390 -16.90 26.86 -5.16
N MET E 391 -15.91 26.11 -5.63
CA MET E 391 -15.72 25.97 -7.08
C MET E 391 -16.76 25.01 -7.64
N PRO E 392 -17.47 25.38 -8.70
CA PRO E 392 -18.53 24.51 -9.22
C PRO E 392 -17.97 23.38 -10.07
N VAL E 393 -18.88 22.49 -10.47
CA VAL E 393 -18.58 21.38 -11.37
C VAL E 393 -19.11 21.72 -12.75
N ARG E 394 -18.26 21.62 -13.77
CA ARG E 394 -18.66 22.00 -15.11
C ARG E 394 -19.53 20.91 -15.75
N LEU E 395 -20.50 21.34 -16.54
CA LEU E 395 -21.37 20.46 -17.29
C LEU E 395 -21.03 20.51 -18.77
N PRO E 396 -21.45 19.50 -19.55
CA PRO E 396 -21.19 19.51 -21.00
C PRO E 396 -21.68 20.77 -21.69
N THR F 9 -52.07 -2.90 -17.58
CA THR F 9 -52.19 -1.93 -16.50
C THR F 9 -50.85 -1.75 -15.78
N ASP F 10 -50.40 -0.50 -15.70
CA ASP F 10 -49.19 -0.16 -14.96
C ASP F 10 -49.54 0.19 -13.53
N LEU F 11 -48.67 -0.21 -12.60
CA LEU F 11 -48.91 0.05 -11.19
C LEU F 11 -49.00 1.56 -10.92
N LYS F 12 -49.97 1.95 -10.11
CA LYS F 12 -50.13 3.33 -9.69
C LYS F 12 -50.78 3.28 -8.31
N VAL F 13 -50.05 3.72 -7.28
CA VAL F 13 -50.46 3.49 -5.90
C VAL F 13 -49.97 4.63 -5.02
N ARG F 14 -50.69 4.86 -3.93
CA ARG F 14 -50.30 5.80 -2.89
C ARG F 14 -50.16 5.05 -1.57
N LEU F 15 -49.13 5.41 -0.80
CA LEU F 15 -48.82 4.68 0.42
C LEU F 15 -48.43 5.64 1.53
N VAL F 16 -48.67 5.20 2.77
CA VAL F 16 -48.20 5.94 3.93
C VAL F 16 -46.68 5.86 4.00
N ARG F 17 -46.05 7.00 4.28
CA ARG F 17 -44.59 7.08 4.21
C ARG F 17 -43.94 6.07 5.14
N ASP F 18 -44.39 6.00 6.39
CA ASP F 18 -43.73 5.14 7.36
C ASP F 18 -43.94 3.67 7.04
N ASP F 19 -45.16 3.29 6.63
CA ASP F 19 -45.42 1.92 6.22
C ASP F 19 -44.47 1.51 5.10
N PHE F 20 -44.41 2.31 4.03
CA PHE F 20 -43.58 1.97 2.88
C PHE F 20 -42.10 1.98 3.26
N ALA F 21 -41.66 2.98 4.03
CA ALA F 21 -40.24 3.08 4.37
C ALA F 21 -39.79 1.92 5.25
N ASP F 22 -40.59 1.57 6.25
CA ASP F 22 -40.23 0.45 7.11
C ASP F 22 -40.25 -0.87 6.33
N ALA F 23 -41.24 -1.05 5.46
CA ALA F 23 -41.32 -2.29 4.69
C ALA F 23 -40.14 -2.42 3.74
N VAL F 24 -39.82 -1.35 3.01
CA VAL F 24 -38.67 -1.39 2.11
C VAL F 24 -37.39 -1.61 2.90
N ALA F 25 -37.25 -0.91 4.04
CA ALA F 25 -36.05 -1.07 4.86
C ALA F 25 -35.86 -2.52 5.28
N TRP F 26 -36.94 -3.18 5.71
CA TRP F 26 -36.83 -4.57 6.15
C TRP F 26 -36.52 -5.49 4.97
N VAL F 27 -37.20 -5.28 3.84
CA VAL F 27 -36.96 -6.15 2.68
C VAL F 27 -35.58 -5.94 2.10
N ALA F 28 -34.96 -4.78 2.34
CA ALA F 28 -33.63 -4.52 1.81
C ALA F 28 -32.52 -5.18 2.63
N ARG F 29 -32.80 -5.56 3.88
CA ARG F 29 -31.78 -6.22 4.70
CA ARG F 29 -31.79 -6.22 4.70
C ARG F 29 -31.39 -7.55 4.08
N SER F 30 -32.38 -8.39 3.76
CA SER F 30 -32.10 -9.68 3.13
C SER F 30 -31.55 -9.52 1.71
N LEU F 31 -31.71 -8.36 1.12
CA LEU F 31 -31.24 -8.12 -0.24
C LEU F 31 -29.77 -8.49 -0.35
N PRO F 32 -29.33 -9.03 -1.49
CA PRO F 32 -27.89 -9.30 -1.66
C PRO F 32 -27.10 -8.00 -1.75
N SER F 33 -26.12 -7.85 -0.87
CA SER F 33 -25.28 -6.66 -0.89
C SER F 33 -24.82 -6.34 -2.31
N ARG F 34 -24.31 -7.35 -3.01
CA ARG F 34 -23.88 -7.20 -4.40
C ARG F 34 -24.00 -8.56 -5.07
N PRO F 35 -25.06 -8.78 -5.86
CA PRO F 35 -25.33 -10.13 -6.37
C PRO F 35 -24.61 -10.45 -7.67
N THR F 36 -24.76 -11.71 -8.10
CA THR F 36 -24.24 -12.16 -9.38
C THR F 36 -25.20 -11.80 -10.51
N VAL F 37 -26.43 -12.31 -10.45
CA VAL F 37 -27.45 -11.99 -11.44
C VAL F 37 -28.01 -10.60 -11.11
N PRO F 38 -27.83 -9.61 -11.97
CA PRO F 38 -28.23 -8.23 -11.59
C PRO F 38 -29.67 -8.11 -11.12
N VAL F 39 -30.60 -8.86 -11.71
CA VAL F 39 -32.00 -8.70 -11.32
C VAL F 39 -32.21 -9.03 -9.86
N LEU F 40 -31.35 -9.89 -9.30
CA LEU F 40 -31.48 -10.24 -7.89
C LEU F 40 -31.30 -9.03 -6.98
N ALA F 41 -30.71 -7.96 -7.48
CA ALA F 41 -30.55 -6.73 -6.71
C ALA F 41 -31.82 -5.90 -6.67
N GLY F 42 -32.92 -6.41 -7.22
CA GLY F 42 -34.16 -5.66 -7.31
C GLY F 42 -35.16 -6.00 -6.23
N VAL F 43 -36.02 -5.04 -5.94
CA VAL F 43 -37.17 -5.23 -5.06
C VAL F 43 -38.41 -5.30 -5.92
N LEU F 44 -39.26 -6.30 -5.64
CA LEU F 44 -40.49 -6.50 -6.40
C LEU F 44 -41.64 -5.81 -5.69
N LEU F 45 -42.40 -5.02 -6.44
CA LEU F 45 -43.52 -4.26 -5.91
C LEU F 45 -44.77 -4.66 -6.68
N THR F 46 -45.78 -5.13 -5.96
CA THR F 46 -47.00 -5.66 -6.56
C THR F 46 -48.20 -5.07 -5.82
N GLY F 47 -49.07 -4.38 -6.55
CA GLY F 47 -50.23 -3.73 -5.97
C GLY F 47 -51.52 -4.40 -6.42
N SER F 48 -52.39 -4.67 -5.45
CA SER F 48 -53.69 -5.28 -5.75
C SER F 48 -54.65 -5.02 -4.60
N ASP F 49 -55.94 -5.08 -4.91
CA ASP F 49 -57.00 -4.83 -3.95
C ASP F 49 -56.74 -3.53 -3.19
N ASP F 50 -56.27 -3.63 -1.95
CA ASP F 50 -56.01 -2.46 -1.12
C ASP F 50 -54.67 -2.60 -0.41
N GLY F 51 -53.67 -3.12 -1.11
CA GLY F 51 -52.37 -3.33 -0.51
C GLY F 51 -51.27 -3.45 -1.54
N LEU F 52 -50.04 -3.22 -1.08
CA LEU F 52 -48.85 -3.36 -1.89
C LEU F 52 -47.93 -4.38 -1.23
N THR F 53 -47.48 -5.36 -2.02
CA THR F 53 -46.55 -6.37 -1.56
C THR F 53 -45.14 -6.01 -2.03
N ILE F 54 -44.18 -6.13 -1.12
CA ILE F 54 -42.79 -5.78 -1.36
C ILE F 54 -41.95 -7.03 -1.08
N SER F 55 -41.07 -7.37 -2.02
CA SER F 55 -40.36 -8.64 -1.95
C SER F 55 -38.92 -8.50 -2.41
N SER F 56 -38.07 -9.39 -1.89
CA SER F 56 -36.70 -9.56 -2.37
C SER F 56 -36.34 -11.04 -2.28
N PHE F 57 -35.32 -11.44 -3.05
CA PHE F 57 -34.96 -12.84 -3.15
C PHE F 57 -33.64 -13.02 -3.90
N ASP F 58 -32.69 -13.73 -3.30
CA ASP F 58 -31.37 -13.92 -3.88
C ASP F 58 -31.03 -15.40 -4.04
N TYR F 59 -32.04 -16.24 -4.28
CA TYR F 59 -31.93 -17.68 -4.43
C TYR F 59 -31.58 -18.39 -3.13
N GLU F 60 -31.34 -17.65 -2.03
CA GLU F 60 -31.04 -18.27 -0.75
C GLU F 60 -31.96 -17.76 0.34
N VAL F 61 -32.09 -16.44 0.47
CA VAL F 61 -32.96 -15.82 1.45
C VAL F 61 -34.04 -15.03 0.73
N SER F 62 -35.25 -15.06 1.26
CA SER F 62 -36.37 -14.32 0.69
C SER F 62 -37.09 -13.56 1.80
N ALA F 63 -37.59 -12.38 1.45
CA ALA F 63 -38.33 -11.55 2.39
C ALA F 63 -39.50 -10.91 1.66
N GLU F 64 -40.68 -10.99 2.27
CA GLU F 64 -41.90 -10.45 1.67
C GLU F 64 -42.76 -9.82 2.76
N VAL F 65 -43.32 -8.66 2.45
CA VAL F 65 -44.18 -7.95 3.39
C VAL F 65 -45.24 -7.20 2.59
N GLN F 66 -46.49 -7.25 3.07
CA GLN F 66 -47.59 -6.54 2.47
C GLN F 66 -48.05 -5.41 3.39
N ILE F 67 -48.32 -4.24 2.81
CA ILE F 67 -48.73 -3.08 3.59
C ILE F 67 -49.99 -2.51 2.98
N PRO F 68 -50.71 -1.67 3.75
CA PRO F 68 -51.89 -1.00 3.20
C PRO F 68 -51.48 -0.04 2.09
N ALA F 69 -52.44 0.23 1.20
CA ALA F 69 -52.13 1.05 0.04
C ALA F 69 -53.42 1.44 -0.65
N GLU F 70 -53.39 2.61 -1.31
CA GLU F 70 -54.48 3.07 -2.17
C GLU F 70 -54.10 2.74 -3.61
N ILE F 71 -54.75 1.71 -4.17
CA ILE F 71 -54.42 1.23 -5.51
C ILE F 71 -55.24 2.06 -6.51
N ALA F 72 -54.57 3.04 -7.13
CA ALA F 72 -55.16 3.72 -8.28
C ALA F 72 -55.09 2.87 -9.55
N ALA F 73 -54.26 1.83 -9.55
CA ALA F 73 -54.13 0.93 -10.69
C ALA F 73 -53.24 -0.25 -10.29
N PRO F 74 -53.73 -1.48 -10.37
CA PRO F 74 -52.90 -2.63 -10.00
C PRO F 74 -51.75 -2.83 -10.97
N GLY F 75 -50.74 -3.58 -10.53
CA GLY F 75 -49.62 -3.89 -11.38
C GLY F 75 -48.43 -4.35 -10.57
N THR F 76 -47.36 -4.64 -11.31
CA THR F 76 -46.12 -5.15 -10.74
C THR F 76 -44.95 -4.44 -11.40
N VAL F 77 -43.87 -4.27 -10.63
CA VAL F 77 -42.67 -3.62 -11.15
C VAL F 77 -41.49 -4.05 -10.30
N LEU F 78 -40.30 -4.02 -10.90
CA LEU F 78 -39.06 -4.38 -10.24
C LEU F 78 -38.10 -3.18 -10.31
N VAL F 79 -37.55 -2.78 -9.17
CA VAL F 79 -36.68 -1.62 -9.11
C VAL F 79 -35.45 -1.95 -8.28
N SER F 80 -34.42 -1.12 -8.41
CA SER F 80 -33.19 -1.32 -7.66
C SER F 80 -33.45 -1.21 -6.17
N GLY F 81 -33.09 -2.27 -5.42
CA GLY F 81 -33.37 -2.29 -4.00
C GLY F 81 -32.56 -1.26 -3.24
N ARG F 82 -31.25 -1.20 -3.49
CA ARG F 82 -30.41 -0.21 -2.81
C ARG F 82 -30.93 1.20 -3.06
N LEU F 83 -31.16 1.55 -4.33
CA LEU F 83 -31.68 2.87 -4.65
C LEU F 83 -32.99 3.14 -3.92
N LEU F 84 -33.93 2.19 -3.97
CA LEU F 84 -35.22 2.42 -3.34
C LEU F 84 -35.08 2.60 -1.84
N SER F 85 -34.31 1.73 -1.18
CA SER F 85 -34.14 1.85 0.27
C SER F 85 -33.51 3.19 0.64
N GLU F 86 -32.48 3.60 -0.10
CA GLU F 86 -31.85 4.89 0.18
C GLU F 86 -32.84 6.04 -0.02
N ILE F 87 -33.70 5.95 -1.03
CA ILE F 87 -34.67 7.01 -1.29
C ILE F 87 -35.72 7.04 -0.18
N THR F 88 -36.42 5.91 0.02
CA THR F 88 -37.46 5.86 1.03
C THR F 88 -36.95 6.27 2.40
N ARG F 89 -35.65 6.13 2.66
CA ARG F 89 -35.11 6.51 3.96
C ARG F 89 -35.14 8.03 4.17
N ALA F 90 -35.10 8.81 3.10
CA ALA F 90 -34.96 10.27 3.19
C ALA F 90 -36.19 11.01 2.70
N LEU F 91 -37.34 10.35 2.63
CA LEU F 91 -38.53 11.01 2.13
C LEU F 91 -39.14 11.90 3.21
N PRO F 92 -39.67 13.06 2.85
CA PRO F 92 -40.38 13.88 3.84
C PRO F 92 -41.60 13.13 4.37
N ASN F 93 -42.17 13.67 5.45
CA ASN F 93 -43.36 13.08 6.06
C ASN F 93 -44.59 13.52 5.26
N LYS F 94 -44.74 12.90 4.09
CA LYS F 94 -45.87 13.15 3.21
C LYS F 94 -46.18 11.86 2.47
N PRO F 95 -47.36 11.74 1.86
CA PRO F 95 -47.71 10.49 1.17
C PRO F 95 -46.72 10.17 0.05
N VAL F 96 -46.58 8.87 -0.21
CA VAL F 96 -45.66 8.38 -1.23
C VAL F 96 -46.49 7.89 -2.41
N ASP F 97 -46.31 8.53 -3.56
CA ASP F 97 -47.05 8.21 -4.77
C ASP F 97 -46.11 7.51 -5.75
N LEU F 98 -46.33 6.21 -5.95
CA LEU F 98 -45.64 5.44 -6.97
C LEU F 98 -46.49 5.40 -8.23
N SER F 99 -45.85 5.61 -9.38
CA SER F 99 -46.55 5.60 -10.66
C SER F 99 -45.59 5.04 -11.71
N VAL F 100 -45.92 3.87 -12.26
CA VAL F 100 -45.10 3.26 -13.30
C VAL F 100 -45.48 3.87 -14.64
N GLU F 101 -44.47 4.33 -15.39
CA GLU F 101 -44.69 5.02 -16.66
C GLU F 101 -43.62 4.54 -17.64
N GLY F 102 -43.96 3.55 -18.45
CA GLY F 102 -43.03 3.01 -19.41
C GLY F 102 -41.84 2.33 -18.78
N THR F 103 -40.64 2.82 -19.09
CA THR F 103 -39.41 2.21 -18.62
C THR F 103 -38.97 2.74 -17.25
N ARG F 104 -39.78 3.59 -16.61
CA ARG F 104 -39.36 4.23 -15.37
C ARG F 104 -40.50 4.23 -14.37
N VAL F 105 -40.13 4.30 -13.09
CA VAL F 105 -41.07 4.37 -11.99
C VAL F 105 -40.90 5.75 -11.35
N SER F 106 -42.00 6.49 -11.25
CA SER F 106 -42.01 7.80 -10.62
C SER F 106 -42.40 7.64 -9.16
N LEU F 107 -41.54 8.13 -8.26
CA LEU F 107 -41.80 8.12 -6.82
C LEU F 107 -41.85 9.56 -6.36
N THR F 108 -43.04 10.05 -6.05
CA THR F 108 -43.25 11.43 -5.62
C THR F 108 -43.61 11.47 -4.14
N CYS F 109 -43.06 12.45 -3.43
CA CYS F 109 -43.34 12.60 -2.00
C CYS F 109 -43.06 14.06 -1.64
N GLY F 110 -44.12 14.85 -1.53
CA GLY F 110 -43.95 16.28 -1.32
C GLY F 110 -43.48 16.95 -2.60
N SER F 111 -42.51 17.84 -2.47
CA SER F 111 -41.89 18.47 -3.64
C SER F 111 -40.78 17.62 -4.24
N ALA F 112 -40.44 16.49 -3.62
CA ALA F 112 -39.38 15.63 -4.12
C ALA F 112 -39.94 14.63 -5.13
N ARG F 113 -39.28 14.52 -6.27
CA ARG F 113 -39.68 13.59 -7.32
C ARG F 113 -38.48 12.76 -7.74
N PHE F 114 -38.68 11.44 -7.80
CA PHE F 114 -37.63 10.51 -8.20
C PHE F 114 -38.11 9.71 -9.41
N SER F 115 -37.16 9.35 -10.27
CA SER F 115 -37.43 8.57 -11.47
C SER F 115 -36.45 7.39 -11.48
N LEU F 116 -36.92 6.22 -11.07
CA LEU F 116 -36.06 5.04 -11.03
C LEU F 116 -36.23 4.22 -12.31
N PRO F 117 -35.18 3.64 -12.85
CA PRO F 117 -35.33 2.78 -14.03
C PRO F 117 -35.91 1.42 -13.67
N THR F 118 -36.82 0.92 -14.51
CA THR F 118 -37.39 -0.39 -14.28
C THR F 118 -36.37 -1.48 -14.60
N MET F 119 -36.52 -2.62 -13.95
CA MET F 119 -35.66 -3.78 -14.13
C MET F 119 -36.45 -4.92 -14.75
N ALA F 120 -35.73 -5.93 -15.22
CA ALA F 120 -36.35 -7.06 -15.93
C ALA F 120 -37.13 -7.92 -14.95
N VAL F 121 -38.44 -7.67 -14.86
CA VAL F 121 -39.30 -8.49 -14.00
C VAL F 121 -39.60 -9.83 -14.66
N GLU F 122 -39.41 -9.94 -15.98
CA GLU F 122 -39.61 -11.21 -16.65
C GLU F 122 -38.52 -12.22 -16.29
N ASP F 123 -37.31 -11.74 -16.03
CA ASP F 123 -36.18 -12.58 -15.65
C ASP F 123 -36.03 -12.73 -14.14
N TYR F 124 -36.94 -12.15 -13.36
CA TYR F 124 -36.84 -12.18 -11.90
C TYR F 124 -37.47 -13.47 -11.37
N PRO F 125 -36.76 -14.22 -10.52
CA PRO F 125 -37.29 -15.51 -10.08
C PRO F 125 -38.49 -15.36 -9.16
N ALA F 126 -39.33 -16.39 -9.13
CA ALA F 126 -40.48 -16.42 -8.24
C ALA F 126 -40.04 -16.73 -6.82
N LEU F 127 -40.72 -16.10 -5.87
CA LEU F 127 -40.37 -16.30 -4.47
C LEU F 127 -40.61 -17.76 -4.07
N PRO F 128 -39.81 -18.29 -3.15
CA PRO F 128 -40.07 -19.65 -2.66
C PRO F 128 -41.37 -19.70 -1.88
N GLU F 129 -42.06 -20.84 -1.97
CA GLU F 129 -43.26 -21.08 -1.18
C GLU F 129 -42.87 -21.56 0.20
N LEU F 130 -43.42 -20.92 1.24
CA LEU F 130 -43.10 -21.30 2.59
C LEU F 130 -43.54 -22.74 2.85
N PRO F 131 -42.77 -23.52 3.63
CA PRO F 131 -43.24 -24.86 4.00
C PRO F 131 -44.48 -24.80 4.87
N ALA F 132 -45.03 -25.98 5.22
CA ALA F 132 -46.16 -26.03 6.13
C ALA F 132 -45.75 -25.52 7.51
N GLU F 133 -46.52 -24.59 8.05
CA GLU F 133 -46.21 -24.06 9.37
C GLU F 133 -46.12 -25.20 10.38
N THR F 134 -45.02 -25.21 11.14
CA THR F 134 -44.72 -26.30 12.05
C THR F 134 -45.06 -25.99 13.50
N GLY F 135 -44.98 -24.72 13.90
CA GLY F 135 -45.26 -24.36 15.27
C GLY F 135 -45.08 -22.88 15.48
N SER F 136 -45.47 -22.44 16.68
CA SER F 136 -45.40 -21.04 17.07
C SER F 136 -44.61 -20.90 18.36
N VAL F 137 -43.92 -19.78 18.50
CA VAL F 137 -43.07 -19.51 19.66
C VAL F 137 -43.24 -18.06 20.07
N PRO F 138 -43.29 -17.76 21.38
CA PRO F 138 -43.39 -16.36 21.80
C PRO F 138 -42.22 -15.55 21.26
N ALA F 139 -42.54 -14.39 20.67
CA ALA F 139 -41.53 -13.59 20.01
C ALA F 139 -40.40 -13.21 20.97
N ASP F 140 -40.75 -12.84 22.21
CA ASP F 140 -39.73 -12.42 23.17
C ASP F 140 -38.78 -13.57 23.50
N LEU F 141 -39.34 -14.73 23.86
CA LEU F 141 -38.51 -15.91 24.13
C LEU F 141 -37.65 -16.26 22.93
N PHE F 142 -38.27 -16.40 21.76
CA PHE F 142 -37.53 -16.69 20.53
C PHE F 142 -36.36 -15.72 20.36
N ALA F 143 -36.62 -14.43 20.53
CA ALA F 143 -35.58 -13.43 20.37
C ALA F 143 -34.44 -13.66 21.36
N GLU F 144 -34.77 -13.70 22.65
CA GLU F 144 -33.73 -13.87 23.67
C GLU F 144 -32.93 -15.14 23.41
N ALA F 145 -33.61 -16.27 23.24
CA ALA F 145 -32.92 -17.53 23.02
C ALA F 145 -31.93 -17.43 21.86
N ILE F 146 -32.39 -16.98 20.70
CA ILE F 146 -31.51 -16.87 19.55
C ILE F 146 -30.35 -15.93 19.86
N GLY F 147 -30.61 -14.87 20.61
CA GLY F 147 -29.54 -13.97 20.98
C GLY F 147 -28.52 -14.61 21.89
N GLN F 148 -28.96 -15.50 22.78
CA GLN F 148 -28.04 -16.17 23.68
C GLN F 148 -27.18 -17.19 22.96
N VAL F 149 -27.73 -17.87 21.95
CA VAL F 149 -26.95 -18.87 21.22
C VAL F 149 -26.08 -18.22 20.16
N ALA F 150 -26.59 -17.18 19.50
CA ALA F 150 -25.86 -16.58 18.37
C ALA F 150 -24.47 -16.12 18.79
N VAL F 151 -24.28 -15.77 20.05
CA VAL F 151 -22.97 -15.26 20.49
C VAL F 151 -21.88 -16.28 20.23
N ALA F 152 -22.21 -17.56 20.21
CA ALA F 152 -21.23 -18.61 19.99
C ALA F 152 -21.05 -18.95 18.52
N ALA F 153 -21.96 -18.51 17.66
CA ALA F 153 -21.88 -18.87 16.24
C ALA F 153 -20.70 -18.15 15.57
N GLY F 154 -20.16 -18.81 14.54
CA GLY F 154 -19.11 -18.20 13.77
C GLY F 154 -19.64 -17.15 12.81
N ARG F 155 -18.84 -16.10 12.60
CA ARG F 155 -19.19 -15.01 11.70
C ARG F 155 -18.21 -14.92 10.53
N ASP F 156 -17.61 -16.05 10.16
CA ASP F 156 -16.57 -16.10 9.14
C ASP F 156 -17.04 -17.01 8.01
N ASP F 157 -17.19 -16.42 6.82
CA ASP F 157 -17.66 -17.20 5.68
C ASP F 157 -16.60 -18.14 5.12
N THR F 158 -15.32 -17.91 5.44
CA THR F 158 -14.30 -18.88 5.08
C THR F 158 -14.46 -20.18 5.86
N LEU F 159 -15.22 -20.15 6.98
CA LEU F 159 -15.57 -21.33 7.76
C LEU F 159 -17.09 -21.42 7.78
N PRO F 160 -17.72 -21.68 6.64
CA PRO F 160 -19.19 -21.59 6.57
C PRO F 160 -19.90 -22.58 7.46
N MET F 161 -19.28 -23.73 7.75
CA MET F 161 -19.94 -24.74 8.58
C MET F 161 -20.17 -24.25 10.01
N LEU F 162 -19.56 -23.13 10.40
CA LEU F 162 -19.72 -22.60 11.75
C LEU F 162 -20.71 -21.44 11.83
N THR F 163 -21.22 -20.97 10.69
CA THR F 163 -22.07 -19.78 10.64
C THR F 163 -23.55 -20.15 10.63
N GLY F 164 -23.95 -21.03 11.53
CA GLY F 164 -25.34 -21.47 11.57
C GLY F 164 -25.79 -21.80 12.97
N ILE F 165 -27.08 -21.61 13.22
CA ILE F 165 -27.72 -22.03 14.46
C ILE F 165 -28.44 -23.34 14.19
N ARG F 166 -28.10 -24.36 14.97
CA ARG F 166 -28.80 -25.63 14.90
C ARG F 166 -30.12 -25.53 15.66
N VAL F 167 -31.21 -25.87 15.00
CA VAL F 167 -32.54 -25.84 15.58
C VAL F 167 -33.06 -27.28 15.59
N GLU F 168 -33.19 -27.85 16.78
CA GLU F 168 -33.76 -29.17 16.96
C GLU F 168 -35.17 -29.03 17.51
N ILE F 169 -36.11 -29.73 16.89
CA ILE F 169 -37.51 -29.71 17.29
C ILE F 169 -37.92 -31.13 17.60
N SER F 170 -38.31 -31.37 18.86
CA SER F 170 -38.80 -32.67 19.32
C SER F 170 -40.10 -32.42 20.05
N GLY F 171 -41.19 -32.33 19.29
CA GLY F 171 -42.49 -32.06 19.86
C GLY F 171 -42.64 -30.63 20.33
N ASP F 172 -42.88 -30.44 21.63
CA ASP F 172 -43.11 -29.13 22.20
C ASP F 172 -41.85 -28.47 22.72
N ARG F 173 -40.70 -29.12 22.61
CA ARG F 173 -39.43 -28.57 23.05
C ARG F 173 -38.56 -28.25 21.84
N MET F 174 -37.82 -27.16 21.93
CA MET F 174 -36.93 -26.69 20.87
C MET F 174 -35.56 -26.41 21.47
N VAL F 175 -34.53 -26.99 20.87
CA VAL F 175 -33.15 -26.77 21.29
C VAL F 175 -32.44 -25.94 20.22
N LEU F 176 -31.65 -24.97 20.65
CA LEU F 176 -30.87 -24.12 19.79
C LEU F 176 -29.40 -24.24 20.18
N ALA F 177 -28.54 -24.52 19.21
CA ALA F 177 -27.13 -24.72 19.48
C ALA F 177 -26.30 -23.97 18.45
N ALA F 178 -25.15 -23.47 18.88
CA ALA F 178 -24.22 -22.82 17.96
C ALA F 178 -22.82 -22.85 18.55
N THR F 179 -21.82 -22.83 17.67
CA THR F 179 -20.43 -22.89 18.11
C THR F 179 -19.53 -22.39 16.98
N ASP F 180 -18.34 -21.95 17.36
CA ASP F 180 -17.31 -21.51 16.43
C ASP F 180 -16.02 -22.31 16.60
N ARG F 181 -16.14 -23.54 17.11
CA ARG F 181 -15.07 -24.49 17.40
C ARG F 181 -14.42 -24.21 18.76
N PHE F 182 -14.64 -23.04 19.36
CA PHE F 182 -14.04 -22.69 20.64
C PHE F 182 -15.04 -22.44 21.74
N ARG F 183 -16.30 -22.15 21.41
CA ARG F 183 -17.35 -21.90 22.37
C ARG F 183 -18.64 -22.50 21.86
N LEU F 184 -19.40 -23.12 22.75
CA LEU F 184 -20.69 -23.74 22.44
C LEU F 184 -21.77 -23.07 23.28
N ALA F 185 -22.90 -22.77 22.66
CA ALA F 185 -24.03 -22.15 23.34
C ALA F 185 -25.29 -22.94 23.01
N VAL F 186 -25.96 -23.45 24.04
CA VAL F 186 -27.15 -24.28 23.88
C VAL F 186 -28.27 -23.68 24.71
N ARG F 187 -29.45 -23.53 24.10
CA ARG F 187 -30.61 -22.95 24.74
C ARG F 187 -31.82 -23.84 24.46
N GLU F 188 -32.55 -24.21 25.51
CA GLU F 188 -33.75 -25.01 25.42
C GLU F 188 -34.96 -24.14 25.72
N LEU F 189 -36.04 -24.34 24.96
CA LEU F 189 -37.26 -23.57 25.15
C LEU F 189 -38.45 -24.43 24.75
N THR F 190 -39.63 -23.94 25.08
CA THR F 190 -40.89 -24.62 24.77
C THR F 190 -41.66 -23.83 23.73
N TRP F 191 -42.36 -24.54 22.84
CA TRP F 191 -43.13 -23.90 21.79
C TRP F 191 -44.35 -24.75 21.47
N THR F 192 -45.29 -24.16 20.74
CA THR F 192 -46.52 -24.82 20.38
C THR F 192 -46.41 -25.42 18.98
N THR F 193 -47.12 -26.52 18.76
CA THR F 193 -47.05 -27.28 17.52
C THR F 193 -48.34 -27.14 16.73
N LYS F 194 -48.23 -26.79 15.45
CA LYS F 194 -49.37 -26.68 14.56
C LYS F 194 -49.59 -27.94 13.72
N THR F 195 -48.61 -28.84 13.66
CA THR F 195 -48.71 -30.11 12.95
C THR F 195 -48.47 -31.24 13.95
N PRO F 196 -48.70 -32.49 13.58
CA PRO F 196 -48.45 -33.59 14.53
C PRO F 196 -47.06 -33.48 15.16
N ASP F 197 -46.98 -33.86 16.44
CA ASP F 197 -45.71 -33.88 17.15
C ASP F 197 -44.65 -34.55 16.29
N VAL F 198 -43.54 -33.83 16.07
CA VAL F 198 -42.53 -34.25 15.11
C VAL F 198 -41.15 -34.10 15.73
N GLU F 199 -40.19 -34.84 15.16
CA GLU F 199 -38.80 -34.81 15.60
C GLU F 199 -37.92 -34.60 14.38
N ALA F 200 -37.22 -33.47 14.34
CA ALA F 200 -36.32 -33.17 13.23
C ALA F 200 -35.38 -32.05 13.65
N ALA F 201 -34.23 -31.99 12.99
CA ALA F 201 -33.20 -31.00 13.28
C ALA F 201 -32.69 -30.39 11.99
N VAL F 202 -32.42 -29.08 12.03
CA VAL F 202 -31.95 -28.33 10.87
C VAL F 202 -30.85 -27.37 11.31
N LEU F 203 -30.14 -26.84 10.32
CA LEU F 203 -29.06 -25.87 10.53
C LEU F 203 -29.38 -24.62 9.72
N VAL F 204 -29.64 -23.52 10.41
CA VAL F 204 -30.11 -22.30 9.76
C VAL F 204 -29.03 -21.23 9.80
N PRO F 205 -28.82 -20.46 8.73
CA PRO F 205 -27.90 -19.32 8.81
C PRO F 205 -28.17 -18.42 10.01
N ALA F 206 -27.17 -18.27 10.88
CA ALA F 206 -27.38 -17.58 12.14
C ALA F 206 -27.81 -16.14 11.93
N LYS F 207 -27.11 -15.41 11.04
CA LYS F 207 -27.41 -14.00 10.85
C LYS F 207 -28.85 -13.80 10.37
N THR F 208 -29.30 -14.66 9.46
CA THR F 208 -30.69 -14.58 9.01
C THR F 208 -31.64 -14.85 10.16
N LEU F 209 -31.44 -15.96 10.88
CA LEU F 209 -32.33 -16.30 11.98
C LEU F 209 -32.35 -15.20 13.02
N ALA F 210 -31.18 -14.61 13.31
CA ALA F 210 -31.11 -13.54 14.30
C ALA F 210 -31.89 -12.32 13.87
N GLU F 211 -31.66 -11.86 12.63
CA GLU F 211 -32.40 -10.71 12.12
C GLU F 211 -33.91 -10.96 12.21
N ALA F 212 -34.35 -12.12 11.74
CA ALA F 212 -35.78 -12.44 11.83
C ALA F 212 -36.25 -12.48 13.27
N ALA F 213 -35.39 -12.93 14.19
CA ALA F 213 -35.78 -12.99 15.59
C ALA F 213 -35.96 -11.60 16.19
N LYS F 214 -35.02 -10.69 15.91
CA LYS F 214 -35.15 -9.33 16.40
C LYS F 214 -36.36 -8.64 15.79
N THR F 215 -36.56 -8.79 14.48
CA THR F 215 -37.72 -8.19 13.82
C THR F 215 -39.02 -8.80 14.33
N GLY F 216 -38.98 -10.06 14.76
CA GLY F 216 -40.17 -10.71 15.29
C GLY F 216 -40.68 -10.10 16.58
N LEU F 217 -39.88 -9.26 17.23
CA LEU F 217 -40.29 -8.62 18.47
C LEU F 217 -41.39 -7.59 18.27
N ASP F 218 -41.87 -7.39 17.04
CA ASP F 218 -42.96 -6.44 16.81
C ASP F 218 -44.17 -6.75 17.68
N GLY F 219 -44.31 -7.98 18.14
CA GLY F 219 -45.37 -8.35 19.06
C GLY F 219 -45.86 -9.76 18.84
N SER F 220 -46.59 -10.26 19.83
CA SER F 220 -47.29 -11.54 19.74
C SER F 220 -46.29 -12.68 19.59
N GLU F 221 -46.32 -13.40 18.47
CA GLU F 221 -45.59 -14.65 18.35
C GLU F 221 -44.91 -14.74 16.98
N VAL F 222 -44.03 -15.72 16.84
CA VAL F 222 -43.36 -16.02 15.58
C VAL F 222 -43.72 -17.43 15.17
N GLN F 223 -43.93 -17.64 13.87
CA GLN F 223 -44.31 -18.94 13.33
C GLN F 223 -43.16 -19.48 12.50
N LEU F 224 -42.77 -20.72 12.77
CA LEU F 224 -41.68 -21.38 12.06
C LEU F 224 -42.25 -22.50 11.20
N ALA F 225 -41.90 -22.49 9.91
CA ALA F 225 -42.46 -23.42 8.93
C ALA F 225 -41.33 -24.25 8.36
N LEU F 226 -41.10 -25.42 8.94
CA LEU F 226 -40.15 -26.39 8.43
C LEU F 226 -40.81 -27.54 7.69
N GLY F 227 -42.14 -27.56 7.62
CA GLY F 227 -42.86 -28.66 7.02
C GLY F 227 -43.85 -29.27 7.98
N ALA F 228 -44.31 -30.48 7.69
CA ALA F 228 -45.30 -31.14 8.52
C ALA F 228 -45.10 -32.65 8.42
N GLY F 229 -45.26 -33.34 9.54
CA GLY F 229 -45.16 -34.78 9.57
C GLY F 229 -43.81 -35.28 9.10
N PRO F 230 -43.80 -36.01 7.98
CA PRO F 230 -42.53 -36.59 7.49
C PRO F 230 -41.71 -35.66 6.61
N SER F 231 -42.12 -34.41 6.43
CA SER F 231 -41.40 -33.46 5.58
C SER F 231 -40.72 -32.35 6.38
N VAL F 232 -40.65 -32.50 7.70
CA VAL F 232 -40.06 -31.44 8.53
C VAL F 232 -38.57 -31.36 8.25
N GLY F 233 -38.13 -30.21 7.75
CA GLY F 233 -36.74 -29.99 7.42
C GLY F 233 -36.29 -30.58 6.11
N GLN F 234 -37.16 -31.31 5.41
CA GLN F 234 -36.78 -31.97 4.16
C GLN F 234 -36.95 -31.06 2.95
N ASP F 235 -37.86 -30.09 3.02
CA ASP F 235 -38.04 -29.18 1.89
C ASP F 235 -36.79 -28.36 1.59
N GLY F 236 -35.88 -28.25 2.56
CA GLY F 236 -34.62 -27.57 2.36
C GLY F 236 -34.63 -26.09 2.70
N LEU F 237 -35.75 -25.56 3.19
CA LEU F 237 -35.83 -24.15 3.54
C LEU F 237 -36.67 -23.98 4.80
N LEU F 238 -36.26 -23.06 5.65
CA LEU F 238 -37.04 -22.66 6.80
C LEU F 238 -37.92 -21.46 6.43
N GLY F 239 -39.13 -21.46 6.94
CA GLY F 239 -40.06 -20.35 6.78
C GLY F 239 -40.27 -19.65 8.12
N ILE F 240 -40.33 -18.33 8.09
CA ILE F 240 -40.55 -17.53 9.29
C ILE F 240 -41.65 -16.53 9.00
N ARG F 241 -42.58 -16.39 9.94
CA ARG F 241 -43.73 -15.52 9.77
C ARG F 241 -43.97 -14.75 11.06
N SER F 242 -44.24 -13.46 10.92
CA SER F 242 -44.51 -12.61 12.08
C SER F 242 -45.25 -11.38 11.57
N GLU F 243 -46.53 -11.27 11.93
CA GLU F 243 -47.39 -10.17 11.46
C GLU F 243 -47.45 -10.27 9.94
N GLY F 244 -47.44 -9.14 9.22
CA GLY F 244 -47.54 -9.17 7.78
C GLY F 244 -46.23 -9.43 7.06
N LYS F 245 -45.26 -9.98 7.79
CA LYS F 245 -43.95 -10.28 7.25
C LYS F 245 -43.75 -11.79 7.19
N ARG F 246 -43.28 -12.28 6.05
CA ARG F 246 -42.93 -13.68 5.90
C ARG F 246 -41.64 -13.79 5.11
N SER F 247 -40.72 -14.63 5.58
CA SER F 247 -39.42 -14.80 4.96
C SER F 247 -39.10 -16.29 4.85
N THR F 248 -38.08 -16.58 4.05
CA THR F 248 -37.58 -17.94 3.90
C THR F 248 -36.06 -17.92 3.90
N THR F 249 -35.47 -19.03 4.36
CA THR F 249 -34.02 -19.17 4.41
C THR F 249 -33.65 -20.56 3.95
N ARG F 250 -32.76 -20.65 2.96
CA ARG F 250 -32.20 -21.93 2.56
C ARG F 250 -31.43 -22.52 3.73
N LEU F 251 -31.71 -23.79 4.04
CA LEU F 251 -31.01 -24.46 5.12
C LEU F 251 -29.58 -24.78 4.71
N LEU F 252 -28.71 -24.87 5.70
CA LEU F 252 -27.32 -25.24 5.45
C LEU F 252 -27.21 -26.75 5.28
N ASP F 253 -26.32 -27.17 4.38
CA ASP F 253 -26.04 -28.59 4.19
C ASP F 253 -24.95 -29.10 5.11
N ALA F 254 -24.19 -28.22 5.76
CA ALA F 254 -23.15 -28.64 6.67
C ALA F 254 -23.75 -29.41 7.84
N GLU F 255 -22.96 -30.36 8.36
CA GLU F 255 -23.39 -31.17 9.49
C GLU F 255 -22.92 -30.53 10.80
N PHE F 256 -23.82 -30.44 11.76
CA PHE F 256 -23.47 -29.88 13.06
C PHE F 256 -22.82 -30.96 13.92
N PRO F 257 -21.79 -30.62 14.70
CA PRO F 257 -21.15 -31.62 15.56
C PRO F 257 -22.10 -32.11 16.64
N LYS F 258 -21.79 -33.30 17.16
CA LYS F 258 -22.55 -33.91 18.25
C LYS F 258 -22.14 -33.23 19.55
N PHE F 259 -22.78 -32.08 19.81
CA PHE F 259 -22.35 -31.22 20.91
C PHE F 259 -22.69 -31.78 22.28
N ARG F 260 -23.71 -32.65 22.37
CA ARG F 260 -24.13 -33.13 23.69
C ARG F 260 -23.02 -33.87 24.42
N GLN F 261 -22.13 -34.53 23.67
CA GLN F 261 -21.05 -35.28 24.29
C GLN F 261 -20.04 -34.38 25.01
N LEU F 262 -20.04 -33.09 24.69
CA LEU F 262 -19.08 -32.16 25.27
C LEU F 262 -19.54 -31.57 26.59
N LEU F 263 -20.82 -31.66 26.92
CA LEU F 263 -21.33 -31.10 28.16
C LEU F 263 -20.99 -32.02 29.32
N PRO F 264 -20.23 -31.57 30.32
CA PRO F 264 -19.89 -32.45 31.44
C PRO F 264 -21.13 -32.86 32.23
N THR F 265 -21.06 -34.04 32.82
CA THR F 265 -22.08 -34.49 33.76
C THR F 265 -21.70 -34.20 35.21
N GLU F 266 -20.42 -33.92 35.48
CA GLU F 266 -19.96 -33.58 36.81
C GLU F 266 -18.79 -32.62 36.70
N HIS F 267 -18.61 -31.78 37.71
CA HIS F 267 -17.54 -30.82 37.76
C HIS F 267 -16.69 -31.06 39.00
N THR F 268 -15.36 -30.90 38.85
CA THR F 268 -14.47 -30.99 39.99
C THR F 268 -14.63 -29.78 40.91
N ALA F 269 -14.83 -28.60 40.33
CA ALA F 269 -14.94 -27.36 41.09
C ALA F 269 -16.12 -26.55 40.58
N MET F 270 -16.58 -25.63 41.43
CA MET F 270 -17.69 -24.74 41.12
C MET F 270 -17.36 -23.35 41.64
N ALA F 271 -17.99 -22.35 41.06
CA ALA F 271 -17.75 -20.96 41.47
C ALA F 271 -18.91 -20.09 41.06
N THR F 272 -19.57 -19.45 42.02
CA THR F 272 -20.69 -18.56 41.77
C THR F 272 -20.28 -17.14 42.11
N ILE F 273 -20.56 -16.20 41.21
CA ILE F 273 -20.17 -14.80 41.38
C ILE F 273 -21.12 -13.93 40.59
N GLY F 274 -21.08 -12.62 40.86
CA GLY F 274 -21.96 -11.69 40.18
C GLY F 274 -21.49 -11.42 38.77
N VAL F 275 -22.43 -11.45 37.82
CA VAL F 275 -22.10 -11.21 36.42
C VAL F 275 -21.51 -9.82 36.24
N GLY F 276 -22.18 -8.80 36.78
CA GLY F 276 -21.68 -7.44 36.65
C GLY F 276 -20.27 -7.29 37.18
N GLU F 277 -20.05 -7.70 38.43
CA GLU F 277 -18.72 -7.63 39.03
C GLU F 277 -17.69 -8.29 38.13
N LEU F 278 -17.92 -9.55 37.78
CA LEU F 278 -16.93 -10.28 36.99
C LEU F 278 -16.71 -9.63 35.63
N THR F 279 -17.79 -9.18 34.99
CA THR F 279 -17.66 -8.57 33.67
C THR F 279 -16.80 -7.31 33.73
N GLU F 280 -17.14 -6.37 34.61
CA GLU F 280 -16.37 -5.14 34.73
C GLU F 280 -14.92 -5.44 35.08
N ALA F 281 -14.70 -6.37 36.00
CA ALA F 281 -13.33 -6.72 36.37
C ALA F 281 -12.58 -7.28 35.17
N ILE F 282 -13.21 -8.15 34.38
CA ILE F 282 -12.56 -8.71 33.21
C ILE F 282 -12.21 -7.61 32.21
N LYS F 283 -13.18 -6.74 31.91
CA LYS F 283 -12.92 -5.66 30.96
C LYS F 283 -11.79 -4.76 31.44
N ARG F 284 -11.63 -4.60 32.75
CA ARG F 284 -10.50 -3.83 33.26
C ARG F 284 -9.19 -4.60 33.10
N VAL F 285 -9.14 -5.82 33.61
CA VAL F 285 -7.89 -6.59 33.60
C VAL F 285 -7.41 -6.83 32.18
N ALA F 286 -8.32 -6.94 31.22
CA ALA F 286 -7.93 -7.22 29.84
C ALA F 286 -7.29 -6.02 29.17
N LEU F 287 -7.36 -4.83 29.75
CA LEU F 287 -6.74 -3.65 29.16
C LEU F 287 -5.24 -3.82 28.97
N VAL F 288 -4.62 -4.73 29.71
CA VAL F 288 -3.18 -4.95 29.61
C VAL F 288 -2.83 -6.29 28.97
N ALA F 289 -3.82 -7.14 28.69
CA ALA F 289 -3.53 -8.42 28.06
C ALA F 289 -2.95 -8.20 26.66
N ASP F 290 -2.04 -9.07 26.27
CA ASP F 290 -1.36 -8.95 24.99
C ASP F 290 -2.34 -9.23 23.86
N ARG F 291 -2.64 -8.20 23.06
CA ARG F 291 -3.52 -8.33 21.90
C ARG F 291 -4.88 -8.88 22.29
N GLY F 292 -5.32 -8.59 23.53
CA GLY F 292 -6.55 -9.17 24.02
C GLY F 292 -6.54 -10.68 23.92
N ALA F 293 -5.44 -11.30 24.37
CA ALA F 293 -5.27 -12.73 24.21
C ALA F 293 -5.98 -13.52 25.29
N GLN F 294 -5.48 -13.45 26.53
CA GLN F 294 -5.97 -14.30 27.59
C GLN F 294 -6.06 -13.51 28.90
N VAL F 295 -6.76 -14.10 29.86
CA VAL F 295 -6.83 -13.60 31.23
C VAL F 295 -6.80 -14.80 32.16
N ARG F 296 -6.15 -14.64 33.31
CA ARG F 296 -5.92 -15.72 34.25
C ARG F 296 -6.86 -15.59 35.44
N MET F 297 -7.59 -16.66 35.73
CA MET F 297 -8.51 -16.73 36.87
C MET F 297 -7.94 -17.72 37.88
N GLU F 298 -7.69 -17.25 39.09
CA GLU F 298 -7.15 -18.06 40.18
C GLU F 298 -8.22 -18.18 41.26
N PHE F 299 -8.76 -19.37 41.42
CA PHE F 299 -9.83 -19.63 42.38
C PHE F 299 -9.26 -20.37 43.60
N ALA F 300 -9.51 -19.82 44.79
CA ALA F 300 -9.06 -20.43 46.02
C ALA F 300 -9.65 -19.71 47.24
N ASP F 301 -10.33 -20.47 48.11
CA ASP F 301 -10.80 -19.96 49.39
C ASP F 301 -11.79 -18.80 49.22
N ASP F 302 -12.80 -19.02 48.38
CA ASP F 302 -13.87 -18.04 48.19
C ASP F 302 -13.32 -16.67 47.79
N VAL F 303 -12.27 -16.68 46.98
CA VAL F 303 -11.68 -15.45 46.45
C VAL F 303 -11.16 -15.74 45.05
N LEU F 304 -11.56 -14.91 44.09
CA LEU F 304 -11.10 -15.03 42.71
C LEU F 304 -10.05 -13.95 42.44
N HIS F 305 -8.80 -14.39 42.30
CA HIS F 305 -7.72 -13.49 41.93
C HIS F 305 -7.61 -13.47 40.40
N LEU F 306 -8.03 -12.36 39.80
CA LEU F 306 -7.96 -12.17 38.36
C LEU F 306 -6.66 -11.46 38.01
N SER F 307 -6.04 -11.85 36.90
CA SER F 307 -4.77 -11.26 36.52
C SER F 307 -4.60 -11.37 35.01
N ALA F 308 -3.70 -10.55 34.48
CA ALA F 308 -3.38 -10.58 33.06
C ALA F 308 -2.22 -9.64 32.79
N GLY F 309 -1.57 -9.84 31.65
CA GLY F 309 -0.48 -8.98 31.21
C GLY F 309 0.88 -9.63 31.39
N ALA F 310 1.90 -8.89 30.97
CA ALA F 310 3.29 -9.32 31.06
C ALA F 310 4.13 -8.17 31.63
N ASP F 311 5.42 -8.44 31.83
CA ASP F 311 6.30 -7.45 32.44
C ASP F 311 6.68 -6.35 31.47
N ASP F 312 6.88 -6.70 30.19
CA ASP F 312 7.35 -5.70 29.23
C ASP F 312 6.26 -4.67 28.92
N VAL F 313 5.00 -5.08 28.90
CA VAL F 313 3.90 -4.20 28.56
C VAL F 313 3.23 -3.62 29.81
N GLY F 314 2.99 -4.47 30.81
CA GLY F 314 2.27 -4.05 32.00
C GLY F 314 1.28 -5.10 32.44
N ARG F 315 1.17 -5.34 33.74
CA ARG F 315 0.32 -6.39 34.26
C ARG F 315 -0.70 -5.82 35.22
N ALA F 316 -1.90 -6.40 35.21
CA ALA F 316 -3.01 -5.95 36.03
C ALA F 316 -3.63 -7.14 36.76
N GLU F 317 -4.30 -6.85 37.87
CA GLU F 317 -4.93 -7.88 38.68
C GLU F 317 -6.06 -7.24 39.47
N GLU F 318 -7.01 -8.09 39.89
CA GLU F 318 -8.16 -7.63 40.66
C GLU F 318 -8.74 -8.83 41.40
N ASP F 319 -8.91 -8.68 42.71
CA ASP F 319 -9.43 -9.74 43.57
C ASP F 319 -10.92 -9.51 43.80
N LEU F 320 -11.75 -10.49 43.41
CA LEU F 320 -13.19 -10.39 43.59
C LEU F 320 -13.68 -11.42 44.60
N PRO F 321 -14.67 -11.07 45.43
CA PRO F 321 -15.28 -12.09 46.30
C PRO F 321 -16.10 -13.08 45.47
N VAL F 322 -15.84 -14.37 45.68
CA VAL F 322 -16.47 -15.42 44.91
C VAL F 322 -16.90 -16.53 45.86
N SER F 323 -17.97 -17.23 45.49
CA SER F 323 -18.44 -18.41 46.21
C SER F 323 -17.87 -19.62 45.49
N PHE F 324 -16.63 -19.99 45.84
CA PHE F 324 -15.92 -21.09 45.20
C PHE F 324 -16.00 -22.34 46.06
N SER F 325 -16.17 -23.48 45.39
CA SER F 325 -16.24 -24.78 46.06
C SER F 325 -15.44 -25.79 45.25
N GLY F 326 -14.77 -26.69 45.96
CA GLY F 326 -13.94 -27.70 45.34
C GLY F 326 -12.46 -27.43 45.52
N GLU F 327 -11.67 -28.10 44.69
CA GLU F 327 -10.22 -27.97 44.77
C GLU F 327 -9.78 -26.66 44.12
N PRO F 328 -8.84 -25.93 44.73
CA PRO F 328 -8.36 -24.69 44.11
C PRO F 328 -7.94 -24.92 42.67
N LEU F 329 -8.04 -23.87 41.86
CA LEU F 329 -7.82 -24.01 40.42
C LEU F 329 -7.25 -22.72 39.85
N THR F 330 -6.44 -22.87 38.81
CA THR F 330 -5.92 -21.75 38.04
C THR F 330 -6.19 -22.04 36.58
N ILE F 331 -7.06 -21.24 35.95
CA ILE F 331 -7.50 -21.48 34.58
C ILE F 331 -7.61 -20.14 33.86
N ALA F 332 -7.19 -20.12 32.61
CA ALA F 332 -7.20 -18.92 31.78
C ALA F 332 -8.20 -19.07 30.65
N PHE F 333 -8.74 -17.93 30.21
CA PHE F 333 -9.71 -17.90 29.12
C PHE F 333 -9.44 -16.71 28.22
N ASN F 334 -10.09 -16.71 27.06
CA ASN F 334 -10.10 -15.54 26.20
C ASN F 334 -11.07 -14.51 26.75
N PRO F 335 -10.62 -13.29 27.07
CA PRO F 335 -11.53 -12.33 27.71
C PRO F 335 -12.76 -12.03 26.88
N GLY F 336 -12.60 -11.85 25.58
CA GLY F 336 -13.76 -11.60 24.73
C GLY F 336 -14.77 -12.72 24.78
N TYR F 337 -14.30 -13.97 24.66
CA TYR F 337 -15.20 -15.11 24.73
C TYR F 337 -15.88 -15.18 26.09
N LEU F 338 -15.15 -14.85 27.16
CA LEU F 338 -15.73 -14.92 28.50
C LEU F 338 -16.83 -13.86 28.68
N THR F 339 -16.57 -12.63 28.24
CA THR F 339 -17.60 -11.60 28.35
C THR F 339 -18.77 -11.89 27.41
N ASP F 340 -18.49 -12.43 26.22
CA ASP F 340 -19.57 -12.82 25.33
C ASP F 340 -20.49 -13.85 25.97
N GLY F 341 -19.90 -14.80 26.71
CA GLY F 341 -20.72 -15.75 27.43
C GLY F 341 -21.49 -15.10 28.56
N LEU F 342 -20.80 -14.33 29.40
CA LEU F 342 -21.46 -13.69 30.53
C LEU F 342 -22.63 -12.83 30.07
N GLY F 343 -22.48 -12.13 28.95
CA GLY F 343 -23.54 -11.27 28.46
C GLY F 343 -24.81 -12.01 28.05
N ALA F 344 -24.72 -13.32 27.86
CA ALA F 344 -25.87 -14.10 27.43
C ALA F 344 -26.63 -14.74 28.59
N LEU F 345 -26.04 -14.78 29.79
CA LEU F 345 -26.69 -15.44 30.91
C LEU F 345 -27.98 -14.73 31.31
N HIS F 346 -28.03 -13.41 31.19
CA HIS F 346 -29.23 -12.63 31.49
C HIS F 346 -29.72 -12.90 32.91
N SER F 347 -28.79 -12.95 33.86
CA SER F 347 -29.13 -13.18 35.25
C SER F 347 -28.15 -12.43 36.14
N GLU F 348 -28.44 -12.39 37.44
CA GLU F 348 -27.61 -11.63 38.36
C GLU F 348 -26.26 -12.31 38.59
N ARG F 349 -26.29 -13.60 38.92
CA ARG F 349 -25.08 -14.35 39.22
C ARG F 349 -24.82 -15.38 38.13
N VAL F 350 -23.58 -15.87 38.10
CA VAL F 350 -23.14 -16.86 37.15
C VAL F 350 -22.45 -17.99 37.92
N THR F 351 -22.69 -19.22 37.48
CA THR F 351 -22.08 -20.41 38.06
C THR F 351 -21.14 -21.04 37.05
N PHE F 352 -19.89 -21.23 37.46
CA PHE F 352 -18.86 -21.86 36.65
C PHE F 352 -18.74 -23.34 37.03
N GLY F 353 -18.56 -24.19 36.03
CA GLY F 353 -18.33 -25.60 36.25
C GLY F 353 -17.01 -26.05 35.69
N PHE F 354 -15.95 -25.89 36.47
CA PHE F 354 -14.61 -26.24 36.02
C PHE F 354 -14.36 -27.73 36.19
N THR F 355 -13.57 -28.29 35.28
CA THR F 355 -13.06 -29.65 35.40
C THR F 355 -11.55 -29.63 35.58
N THR F 356 -10.79 -29.36 34.53
CA THR F 356 -9.35 -29.15 34.60
C THR F 356 -9.03 -27.84 33.91
N PRO F 357 -7.82 -27.32 34.08
CA PRO F 357 -7.40 -26.16 33.28
C PRO F 357 -7.13 -26.45 31.82
N SER F 358 -7.46 -27.66 31.36
CA SER F 358 -7.32 -28.05 29.97
C SER F 358 -8.62 -28.44 29.31
N LYS F 359 -9.72 -28.54 30.06
CA LYS F 359 -11.01 -28.95 29.54
C LYS F 359 -12.00 -27.78 29.59
N PRO F 360 -13.11 -27.88 28.83
CA PRO F 360 -14.06 -26.76 28.80
C PRO F 360 -14.60 -26.43 30.18
N ALA F 361 -15.04 -25.19 30.34
CA ALA F 361 -15.64 -24.69 31.57
C ALA F 361 -17.06 -24.24 31.28
N VAL F 362 -18.00 -24.67 32.12
CA VAL F 362 -19.41 -24.31 31.94
C VAL F 362 -19.65 -22.92 32.50
N LEU F 363 -20.58 -22.20 31.85
CA LEU F 363 -21.07 -20.92 32.34
C LEU F 363 -22.59 -20.96 32.26
N ARG F 364 -23.26 -20.99 33.40
CA ARG F 364 -24.71 -21.08 33.41
C ARG F 364 -25.29 -20.14 34.45
N PRO F 365 -26.55 -19.72 34.28
CA PRO F 365 -27.18 -18.89 35.30
C PRO F 365 -27.23 -19.60 36.63
N ALA F 366 -26.93 -18.86 37.70
CA ALA F 366 -26.94 -19.44 39.03
C ALA F 366 -28.35 -19.82 39.46
N THR F 367 -28.45 -20.88 40.24
CA THR F 367 -29.70 -21.36 40.79
C THR F 367 -29.60 -21.41 42.30
N GLU F 368 -30.76 -21.41 42.96
CA GLU F 368 -30.78 -21.51 44.41
C GLU F 368 -30.20 -22.84 44.89
N ALA F 369 -30.18 -23.87 44.03
CA ALA F 369 -29.58 -25.15 44.39
C ALA F 369 -28.06 -25.10 44.37
N ASP F 370 -27.47 -24.14 43.66
CA ASP F 370 -26.01 -24.05 43.62
C ASP F 370 -25.45 -23.40 44.88
N ALA F 371 -26.12 -22.36 45.38
CA ALA F 371 -25.74 -21.80 46.67
C ALA F 371 -25.81 -22.83 47.78
N ALA F 372 -26.61 -23.88 47.61
CA ALA F 372 -26.77 -24.90 48.64
C ALA F 372 -25.58 -25.85 48.66
N LEU F 373 -25.27 -26.47 47.53
CA LEU F 373 -24.26 -27.52 47.50
C LEU F 373 -22.95 -27.04 48.08
N ASN F 374 -22.28 -27.91 48.82
CA ASN F 374 -21.03 -27.59 49.50
C ASN F 374 -20.18 -28.85 49.55
N GLY F 375 -18.98 -28.71 50.10
CA GLY F 375 -18.03 -29.80 50.19
C GLY F 375 -16.84 -29.61 49.27
N ASN F 376 -16.13 -30.71 49.03
CA ASN F 376 -14.94 -30.71 48.20
C ASN F 376 -15.14 -31.40 46.86
N GLY F 377 -16.35 -31.88 46.57
CA GLY F 377 -16.65 -32.47 45.28
C GLY F 377 -16.31 -33.94 45.21
N PRO F 378 -16.53 -34.56 44.04
CA PRO F 378 -17.02 -33.91 42.82
C PRO F 378 -18.48 -33.49 42.90
N PHE F 379 -18.88 -32.51 42.08
CA PHE F 379 -20.23 -31.99 42.09
C PHE F 379 -21.00 -32.42 40.84
N PRO F 380 -22.32 -32.63 40.95
CA PRO F 380 -23.09 -33.00 39.77
C PRO F 380 -23.45 -31.80 38.92
N ALA F 381 -23.59 -32.05 37.62
CA ALA F 381 -23.96 -31.01 36.67
C ALA F 381 -25.45 -30.74 36.76
N ALA F 382 -25.81 -29.53 37.20
CA ALA F 382 -27.21 -29.18 37.36
C ALA F 382 -27.84 -28.78 36.03
N GLU F 383 -29.15 -29.01 35.93
CA GLU F 383 -29.88 -28.71 34.71
C GLU F 383 -30.17 -27.22 34.61
N THR F 384 -30.05 -26.69 33.40
CA THR F 384 -30.39 -25.30 33.13
C THR F 384 -30.96 -25.19 31.72
N ASP F 385 -31.61 -24.07 31.44
CA ASP F 385 -32.16 -23.84 30.11
C ASP F 385 -31.10 -23.37 29.13
N TYR F 386 -30.12 -22.59 29.60
CA TYR F 386 -29.04 -22.09 28.75
C TYR F 386 -27.70 -22.50 29.33
N VAL F 387 -26.75 -22.82 28.45
CA VAL F 387 -25.40 -23.19 28.85
C VAL F 387 -24.44 -22.66 27.80
N TYR F 388 -23.28 -22.17 28.26
CA TYR F 388 -22.25 -21.58 27.41
C TYR F 388 -20.92 -22.24 27.76
N LEU F 389 -20.53 -23.24 26.98
CA LEU F 389 -19.28 -23.96 27.17
C LEU F 389 -18.14 -23.21 26.48
N LEU F 390 -17.08 -22.93 27.23
CA LEU F 390 -15.97 -22.11 26.73
C LEU F 390 -14.67 -22.88 26.91
N MET F 391 -14.00 -23.17 25.79
CA MET F 391 -12.72 -23.88 25.88
C MET F 391 -11.65 -22.96 26.46
N PRO F 392 -10.82 -23.45 27.38
CA PRO F 392 -9.86 -22.57 28.06
C PRO F 392 -8.65 -22.27 27.20
N VAL F 393 -7.75 -21.47 27.77
CA VAL F 393 -6.47 -21.13 27.15
C VAL F 393 -5.36 -21.73 28.01
N ARG F 394 -4.34 -22.27 27.35
CA ARG F 394 -3.23 -22.90 28.06
C ARG F 394 -2.40 -21.84 28.77
N LEU F 395 -2.17 -22.04 30.07
CA LEU F 395 -1.34 -21.12 30.83
C LEU F 395 0.11 -21.24 30.39
N PRO F 396 0.86 -20.12 30.35
CA PRO F 396 2.26 -20.18 29.91
C PRO F 396 3.17 -20.90 30.91
N GLN G 1 -15.09 18.64 -11.68
CA GLN G 1 -14.72 19.50 -10.56
C GLN G 1 -13.41 20.22 -10.85
N GLU G 2 -13.48 21.54 -11.01
CA GLU G 2 -12.31 22.37 -11.26
C GLU G 2 -11.80 22.96 -9.94
N SER G 3 -10.62 23.56 -10.01
CA SER G 3 -9.92 24.06 -8.84
C SER G 3 -10.20 25.53 -8.63
N LEU G 4 -10.21 25.96 -7.36
CA LEU G 4 -10.37 27.37 -7.05
C LEU G 4 -9.17 28.17 -7.56
N PHE G 5 -7.96 27.80 -7.15
CA PHE G 5 -6.78 28.48 -7.66
C PHE G 5 -6.58 28.08 -9.12
N ALA G 6 -6.52 29.05 -10.01
CA ALA G 6 -6.36 28.73 -11.43
C ALA G 6 -5.33 29.68 -12.06
N GLN H 1 -5.15 -21.51 21.02
CA GLN H 1 -6.25 -22.08 21.78
C GLN H 1 -6.72 -23.39 21.15
N GLU H 2 -7.15 -24.32 21.99
CA GLU H 2 -7.59 -25.63 21.54
C GLU H 2 -9.07 -25.61 21.18
N SER H 3 -9.47 -26.57 20.35
CA SER H 3 -10.85 -26.70 19.91
C SER H 3 -11.64 -27.55 20.89
N LEU H 4 -12.93 -27.22 21.03
CA LEU H 4 -13.81 -28.00 21.90
C LEU H 4 -13.85 -29.47 21.47
N PHE H 5 -13.74 -29.73 20.17
CA PHE H 5 -13.74 -31.09 19.63
C PHE H 5 -12.39 -31.31 18.94
N ALA H 6 -11.46 -31.98 19.64
CA ALA H 6 -10.11 -32.23 19.15
C ALA H 6 -9.63 -33.67 19.60
S SO4 I . 59.36 -0.54 -25.95
O1 SO4 I . 60.71 -0.51 -26.54
O2 SO4 I . 59.42 -0.04 -24.58
O3 SO4 I . 58.87 -1.91 -25.96
O4 SO4 I . 58.47 0.30 -26.75
S SO4 J . -21.66 0.60 -8.37
O1 SO4 J . -20.40 0.08 -8.91
O2 SO4 J . -21.42 1.19 -7.06
O3 SO4 J . -22.63 -0.49 -8.26
O4 SO4 J . -22.18 1.63 -9.28
S SO4 K . -14.44 8.46 0.79
O1 SO4 K . -14.58 9.39 1.91
O2 SO4 K . -13.62 7.32 1.21
O3 SO4 K . -13.81 9.14 -0.33
O4 SO4 K . -15.76 7.98 0.39
CL CL L . -17.11 7.31 -7.42
C ACE M . 48.18 -0.50 3.23
O ACE M . 49.12 -1.28 3.16
CH3 ACE M . 47.76 0.13 4.53
N NH2 N . 55.44 6.76 -8.56
HN1 NH2 N . 54.55 7.00 -8.13
HN2 NH2 N . 56.05 7.48 -8.93
C ACE O . -2.24 18.07 -23.88
O ACE O . -3.43 17.86 -24.15
CH3 ACE O . -1.42 19.06 -24.66
N NH2 P . -7.84 17.58 -8.67
HN1 NH2 P . -8.84 17.37 -8.66
HN2 NH2 P . -7.25 17.31 -7.89
S SO4 Q . -31.89 -35.09 24.80
O1 SO4 Q . -31.43 -33.99 25.64
O2 SO4 Q . -31.66 -36.37 25.47
O3 SO4 Q . -31.17 -35.06 23.52
O4 SO4 Q . -33.32 -34.93 24.54
C ACE R . -15.50 19.13 -12.85
O ACE R . -15.60 20.33 -13.07
CH3 ACE R . -15.85 18.09 -13.88
N NH2 S . -4.94 29.47 -13.40
HN1 NH2 S . -4.24 30.08 -13.82
HN2 NH2 S . -5.33 28.70 -13.92
C ACE T . -4.32 -20.60 21.55
O ACE T . -4.46 -20.20 22.71
CH3 ACE T . -3.25 -20.09 20.65
N NH2 U . -9.27 -34.11 20.88
HN1 NH2 U . -8.99 -35.03 20.96
HN2 NH2 U . -9.22 -33.35 21.62
#